data_9NBB
#
_entry.id   9NBB
#
_cell.length_a   1.00
_cell.length_b   1.00
_cell.length_c   1.00
_cell.angle_alpha   90.00
_cell.angle_beta   90.00
_cell.angle_gamma   90.00
#
_symmetry.space_group_name_H-M   'P 1'
#
loop_
_entity.id
_entity.type
_entity.pdbx_description
1 polymer 'AUGMIN subunit 2'
2 polymer 'AUGMIN subunit 3'
3 polymer 'AUGMIN subunit 5'
4 polymer 'AUGMIN subunit 6'
5 polymer 'AUGMIN subunit 7'
6 polymer 'AUGMIN subunit 8'
#
loop_
_entity_poly.entity_id
_entity_poly.type
_entity_poly.pdbx_seq_one_letter_code
_entity_poly.pdbx_strand_id
1 'polypeptide(L)'
;MSMGGDTTWVGKKPIRRIGGLSDALSIASDLGFAVAPPPSQEELQSFASSNGERGDDLIRVLRELSVVQRKIADLQVELQ
GRKDDKNVAHLTHVGEMQKKIETLSRITQILKDVIQNKDRIIARLQQPYSLDCIPVEAEYQKQFSELLMKAASDYGALTA
SVSDFQWSQNFKEPPSVWGEMLRPIPVALASCTRFFEAMSAMRESFATLQELRVGNSAVSLPTTPGGNEMTHRDSDCVTP
PQGRIESSFDDLAVHKTRRQNNDQNEEEEEEEEEEDGNNNGNRRLSWPPSVKKSSV
;
B
2 'polypeptide(L)'
;MSSARLCSLVAELGYEGAGKLDPDSFEWPFQYDDARPILDWICSSLRPSNVLSLAELSLYEQFQRDGKLLEGDDLDQAYD
SISAFSSRRNNQEAVFGAEESIKEVRDATLAHKAEALELQRQLRRLQTQYDLLTGQSSALIQGRRARVAATSAVSGQITA
IEDSLSARNLQMNGVLGRLASTSQELAHYHSGEEDGIYLAYSDFHAYLAGDSACTKELNQWFAKQLDTGPYRLVAEEGKS
KCSWVSLDDTSNMLRDLEKSQHQRVAELQRLRSIFGTSERQWIEAQVENAKQQAILLTLKSQVTSVEAHIHFDLHSLRRK
HADLVEEISTLYQKEEKLLSETIPELCWELAQLQDTYILQGDYDLKVMRQELYISKQKVFINHLVNQLARHQFLKLACQL
EKKNMLGAFSLLKVIESELQGYLSATRSRVGRCSALIQAASDVQEQGAVDDRDSFLHGVRDLLSIHSNTQAGLSTYVSAP
AIIQQIVALQSDLSSLQSDLENSLPDDRNRCINELCTHIQNLQQLLFASSTTAQPILTPWPLMKELDEMGKINSKLSTAV
EEVTLEHRNKREIVKHHAKDVELQRRVFVDFFCNPERLRNQVRELNALVRARQASSS
;
C
3 'polypeptide(L)'
;MQSLSSSAPTPEAILEWLQKEMGYRQLGPYNGSSKSHVPSIDAIRKICRGNMIPIWNFLINRVKSEKTVERIRRNITVHG
GSSNASIGSSVNPGKEESKSKGRRKDKTVTGESSSYAEDREAALQERELAAKEVERLRNIVRRQRKDLKARMLEVSREEA
ERKRMLDERANYRHKQALLEAYDQQCDEATRIFAEYHKRLQVYVNQANDAQRSVNSSNEVLSSLSANSEREAVYSTVKGT
KSADDVILMETTRERNIRIVCDLLASRMIERIRNSFPAYEGNGICSLPELETAKLGFEYDGEITDEMKTVIVNSLRGPPL
LLQAIAAYTLRIKTLISREMEKIDVRADAEMLRYKFENNRVTDNSSSDVSSPSNNQLLERQKAHVQQFLATEDALNKAAE
ARDLCHKFINRLHGSADTATHSFVGGTTQSGSNLRQFELDVWGKEREAAGLRASLNTLLSEIQRLNKLCAERKEAEDSLK
KKWKKIEEFDARRSELETIYTTLLKANMDAVAFWNQQPLAAREYASATVIPASEVVVDISNSAKDFIEKEVSAFFQSPDN
SLYMLPATPQGLARDPSAIPSICRISAALQYPAGLEGSDASLASVLESLEFCLRVRGSEACVLEDLAKAIDLVHIRQDLV
ESGHSLLDHAFRAQQKYERTTNYCLDLASEQENTISDQWLPELRTAVQNAQASSEHCKYVRGLLDEWWEQPASTVVDWVT
VDGQSVAAWQNHVKQLLAFYDKESLRT
;
E
4 'polypeptide(L)'
;MTMDREKERELELESAMYTNCLLLGLDPNVIGLGASNGTPRVGLFRHSNPKLGEQLLYFILSSLRGPAQSSKDFDKVWPI
FDSAQSRDFRKVVQAIISELESQGALPRSNSRVSSLATCCGPRFVELLWQLSLHALREVHRRTFPADVASNPLPSSLTDV
SFSHAATLLPVTKARIVLERRRFLKNAETAVQRQAMWSNLAHEMTAEFRGLCAEEAYLQQELEKLNDLRNKVKQEGEVWD
DLVSSSSQNSHLVSKATRLWDSIMARKGQHEVLASGPIEDLIAHREHRYRISGSALLAAMDQSSQVPRAELLSAHSDDSA
SLADDKELSDGSYTNMHDHSLVDSFETASSQASDETLSRVDDRGGKINQTVDVAEVIRRWTHALQRI
;
F
5 'polypeptide(L)'
;MAAKQMEEIQKKLRLLSYPRANAPAQSLLFAGMERYALLEWLFFKLLGDKSPFSQQNLQGDAGVRDEETVRIQYLAEIAK
FLGITPTVDIEAIQGHGTYEDRMEMLRNIVDLVEASLFSDNQEWSIDEQVAKDIQLIDAIAERQSLIFSEECKLFPADVQ
IQSIYPLPDVSELETKLSEQAKILSNLQQKVDDLAAKHAYNPDEEYTEVESQLRARLESFLETARAFNTIYTKEIRPWTH
MMEVPQLHGFGPAANRLLEAYNMLLKFLGNLKNLRDSHAALSIGSSGTVAGEPSSVTRIVSDCEAALTVLNRDLGILSAS
IAREQGERL
;
G
6 'polypeptide(L)'
;MKSSEDQVDPRLIDGKGSGRPSTPPSRGISPSRIRQTTTSTQSSTTTSVLSFITDVKKGKKASYIEDVHQLRLLHNRYLQ
WRFAIARAESVMYIQRLTSEETLFNVWHAISELQDHVTRQRIGLQQLKLEIKLNSLLNDQMVSLEDWATLERDHVSSLVG
AISDLEANTLRLPATGGTKADTESLKAAMSSALDVMQAMGSSIWSLLSKVEEMNIMVTELAVVVTKESSMQGKCEDLLAS
TAIMQIEECSLRTHLIQTRREEGEDAETPPPLLPLSKFPWP
;
H
#
# COMPACT_ATOMS: atom_id res chain seq x y z
N SER A 26 43.86 -47.23 55.17
CA SER A 26 42.55 -46.67 54.83
C SER A 26 42.10 -47.13 53.45
N ILE A 27 43.06 -47.54 52.62
CA ILE A 27 42.73 -48.01 51.28
C ILE A 27 41.84 -49.26 51.36
N ALA A 28 42.19 -50.19 52.25
CA ALA A 28 41.33 -51.36 52.45
C ALA A 28 39.96 -50.94 52.99
N SER A 29 39.92 -49.90 53.82
CA SER A 29 38.64 -49.40 54.31
C SER A 29 37.79 -48.85 53.18
N ASP A 30 38.40 -48.11 52.25
CA ASP A 30 37.65 -47.51 51.16
C ASP A 30 37.16 -48.56 50.16
N LEU A 31 38.01 -49.52 49.81
CA LEU A 31 37.59 -50.59 48.90
C LEU A 31 36.54 -51.48 49.54
N GLY A 32 36.66 -51.74 50.85
CA GLY A 32 35.63 -52.49 51.54
C GLY A 32 34.30 -51.75 51.54
N PHE A 33 34.33 -50.43 51.63
CA PHE A 33 33.12 -49.64 51.50
C PHE A 33 32.62 -49.58 50.06
N ALA A 34 33.51 -49.77 49.08
CA ALA A 34 33.14 -49.62 47.67
C ALA A 34 32.35 -50.80 47.14
N VAL A 35 32.29 -51.92 47.86
CA VAL A 35 31.52 -53.08 47.38
C VAL A 35 30.06 -53.02 47.80
N ALA A 36 29.69 -52.07 48.66
CA ALA A 36 28.32 -51.89 49.13
C ALA A 36 27.42 -51.11 48.16
N PRO A 37 27.91 -50.05 47.50
CA PRO A 37 27.03 -49.31 46.57
C PRO A 37 26.48 -50.15 45.43
N PRO A 38 27.24 -51.08 44.84
CA PRO A 38 26.68 -51.85 43.71
C PRO A 38 25.44 -52.66 44.09
N PRO A 39 25.33 -53.15 45.34
CA PRO A 39 23.98 -53.55 45.80
C PRO A 39 22.97 -52.42 45.81
N SER A 40 23.38 -51.19 46.11
CA SER A 40 22.44 -50.10 46.36
C SER A 40 22.53 -49.00 45.32
N GLN A 41 23.71 -48.39 45.13
CA GLN A 41 23.83 -47.26 44.23
C GLN A 41 23.82 -47.69 42.76
N GLU A 42 24.82 -48.47 42.36
CA GLU A 42 25.01 -48.78 40.95
C GLU A 42 23.92 -49.70 40.39
N GLU A 43 23.28 -50.49 41.24
CA GLU A 43 22.28 -51.43 40.73
C GLU A 43 21.09 -50.71 40.11
N LEU A 44 20.63 -49.63 40.74
CA LEU A 44 19.48 -48.91 40.21
C LEU A 44 19.83 -48.15 38.92
N GLN A 45 21.08 -47.73 38.76
CA GLN A 45 21.50 -47.20 37.47
C GLN A 45 21.60 -48.28 36.41
N SER A 46 21.47 -49.54 36.79
CA SER A 46 21.41 -50.65 35.85
C SER A 46 20.05 -51.35 35.88
N PHE A 47 19.63 -51.82 37.04
CA PHE A 47 18.35 -52.52 37.14
C PHE A 47 17.18 -51.54 37.13
N ALA A 48 17.15 -50.61 38.10
CA ALA A 48 16.09 -49.62 38.12
C ALA A 48 16.20 -48.63 36.97
N SER A 49 17.34 -48.60 36.27
CA SER A 49 17.40 -47.90 35.00
C SER A 49 16.50 -48.55 33.97
N SER A 50 16.03 -49.76 34.24
CA SER A 50 14.94 -50.37 33.51
C SER A 50 13.71 -50.59 34.39
N ASN A 51 13.80 -50.29 35.68
CA ASN A 51 12.75 -50.64 36.63
C ASN A 51 12.34 -49.53 37.59
N GLY A 52 13.16 -48.50 37.78
CA GLY A 52 12.83 -47.48 38.78
C GLY A 52 12.92 -46.05 38.30
N GLU A 53 13.65 -45.81 37.21
CA GLU A 53 13.85 -44.45 36.72
C GLU A 53 12.57 -43.84 36.17
N ARG A 54 11.55 -44.66 35.91
CA ARG A 54 10.30 -44.15 35.36
C ARG A 54 9.66 -43.11 36.26
N GLY A 55 9.93 -43.14 37.56
CA GLY A 55 9.36 -42.15 38.47
C GLY A 55 9.77 -40.73 38.12
N ASP A 56 11.06 -40.53 37.81
CA ASP A 56 11.50 -39.23 37.34
C ASP A 56 10.88 -38.88 36.00
N ASP A 57 10.72 -39.87 35.12
CA ASP A 57 10.25 -39.61 33.77
C ASP A 57 8.76 -39.31 33.75
N LEU A 58 7.94 -40.20 34.32
CA LEU A 58 6.49 -40.03 34.25
C LEU A 58 6.03 -38.77 34.97
N ILE A 59 6.50 -38.56 36.21
CA ILE A 59 5.90 -37.56 37.08
C ILE A 59 6.04 -36.17 36.47
N ARG A 60 7.24 -35.82 36.01
CA ARG A 60 7.48 -34.46 35.56
C ARG A 60 6.63 -34.11 34.35
N VAL A 61 6.61 -34.99 33.34
CA VAL A 61 5.86 -34.70 32.13
C VAL A 61 4.36 -34.75 32.39
N LEU A 62 3.91 -35.77 33.13
CA LEU A 62 2.50 -35.83 33.50
C LEU A 62 2.11 -34.62 34.34
N ARG A 63 3.02 -34.15 35.20
CA ARG A 63 2.77 -32.92 35.92
C ARG A 63 2.39 -31.81 34.96
N GLU A 64 3.11 -31.71 33.85
CA GLU A 64 2.70 -30.80 32.79
C GLU A 64 1.54 -31.38 31.98
N LEU A 65 1.57 -32.69 31.73
CA LEU A 65 0.54 -33.31 30.89
C LEU A 65 -0.81 -33.28 31.58
N SER A 66 -0.86 -33.62 32.86
CA SER A 66 -2.14 -33.67 33.56
C SER A 66 -2.77 -32.28 33.64
N VAL A 67 -1.95 -31.25 33.80
CA VAL A 67 -2.48 -29.88 33.88
C VAL A 67 -3.06 -29.46 32.54
N VAL A 68 -2.32 -29.69 31.46
CA VAL A 68 -2.77 -29.21 30.15
C VAL A 68 -3.99 -29.99 29.68
N GLN A 69 -4.03 -31.29 29.96
CA GLN A 69 -5.16 -32.10 29.50
C GLN A 69 -6.45 -31.67 30.17
N ARG A 70 -6.39 -31.30 31.45
CA ARG A 70 -7.55 -30.71 32.10
C ARG A 70 -7.90 -29.36 31.50
N LYS A 71 -6.89 -28.58 31.10
CA LYS A 71 -7.18 -27.30 30.47
C LYS A 71 -7.85 -27.48 29.11
N ILE A 72 -7.55 -28.57 28.40
CA ILE A 72 -8.18 -28.80 27.11
C ILE A 72 -9.69 -28.80 27.25
N ALA A 73 -10.21 -29.60 28.18
CA ALA A 73 -11.64 -29.58 28.46
C ALA A 73 -12.06 -28.21 28.97
N ASP A 74 -11.24 -27.61 29.84
CA ASP A 74 -11.49 -26.23 30.24
C ASP A 74 -11.41 -25.30 29.04
N LEU A 75 -10.44 -25.53 28.15
CA LEU A 75 -10.42 -24.80 26.89
C LEU A 75 -11.65 -25.12 26.06
N GLN A 76 -12.08 -26.38 26.07
CA GLN A 76 -13.38 -26.71 25.47
C GLN A 76 -14.50 -25.96 26.18
N VAL A 77 -14.41 -25.84 27.50
CA VAL A 77 -15.34 -24.96 28.22
C VAL A 77 -15.08 -23.51 27.84
N GLU A 78 -13.81 -23.15 27.61
CA GLU A 78 -13.47 -21.76 27.33
C GLU A 78 -13.82 -21.35 25.90
N LEU A 79 -13.72 -22.28 24.94
CA LEU A 79 -13.83 -21.88 23.53
C LEU A 79 -15.15 -21.23 23.22
N GLN A 80 -16.25 -21.70 23.83
CA GLN A 80 -17.55 -21.10 23.54
C GLN A 80 -17.58 -19.63 23.90
N GLY A 81 -16.98 -19.27 25.03
CA GLY A 81 -16.74 -17.86 25.30
C GLY A 81 -15.58 -17.32 24.50
N ARG A 82 -14.55 -18.13 24.28
CA ARG A 82 -13.40 -17.68 23.51
C ARG A 82 -13.78 -17.48 22.04
N LYS A 83 -14.63 -18.34 21.49
CA LYS A 83 -15.15 -18.07 20.15
C LYS A 83 -16.05 -16.84 20.14
N ASP A 84 -16.49 -16.38 21.31
CA ASP A 84 -17.34 -15.20 21.37
C ASP A 84 -16.52 -13.92 21.50
N ASP A 85 -15.63 -13.85 22.50
CA ASP A 85 -14.86 -12.63 22.68
C ASP A 85 -13.89 -12.43 21.53
N LYS A 86 -13.13 -13.47 21.17
CA LYS A 86 -12.13 -13.31 20.12
C LYS A 86 -12.81 -12.98 18.79
N ASN A 87 -13.58 -13.92 18.26
CA ASN A 87 -14.14 -13.75 16.92
C ASN A 87 -15.39 -12.87 16.93
N VAL A 88 -16.42 -13.33 17.64
CA VAL A 88 -17.71 -12.65 17.60
C VAL A 88 -17.61 -11.24 18.18
N ALA A 89 -16.78 -11.05 19.21
CA ALA A 89 -16.63 -9.72 19.77
C ALA A 89 -15.46 -8.96 19.16
N HIS A 90 -14.24 -9.49 19.30
CA HIS A 90 -13.09 -8.74 18.81
C HIS A 90 -12.99 -8.82 17.30
N LEU A 91 -12.73 -10.02 16.77
CA LEU A 91 -12.44 -10.14 15.34
C LEU A 91 -13.60 -9.66 14.48
N THR A 92 -14.83 -9.78 14.97
CA THR A 92 -15.95 -9.15 14.27
C THR A 92 -15.76 -7.64 14.25
N HIS A 93 -15.56 -7.04 15.42
CA HIS A 93 -15.45 -5.59 15.51
C HIS A 93 -14.09 -5.09 15.06
N VAL A 94 -13.05 -5.92 15.13
CA VAL A 94 -11.76 -5.53 14.58
C VAL A 94 -11.88 -5.27 13.09
N GLY A 95 -12.62 -6.14 12.39
CA GLY A 95 -12.87 -5.91 10.98
C GLY A 95 -13.66 -4.63 10.73
N GLU A 96 -14.68 -4.38 11.54
CA GLU A 96 -15.49 -3.19 11.35
C GLU A 96 -14.67 -1.91 11.54
N MET A 97 -13.92 -1.83 12.64
CA MET A 97 -13.26 -0.57 12.97
C MET A 97 -12.21 -0.20 11.93
N GLN A 98 -11.48 -1.18 11.41
CA GLN A 98 -10.30 -0.93 10.59
C GLN A 98 -10.64 -0.40 9.19
N LYS A 99 -11.91 -0.11 8.90
CA LYS A 99 -12.29 0.41 7.60
C LYS A 99 -13.14 1.69 7.66
N LYS A 100 -13.68 2.05 8.82
CA LYS A 100 -14.43 3.29 8.91
C LYS A 100 -13.54 4.51 8.70
N ILE A 101 -12.26 4.40 9.03
CA ILE A 101 -11.31 5.46 8.70
C ILE A 101 -11.04 5.48 7.20
N GLU A 102 -10.93 4.31 6.58
CA GLU A 102 -10.63 4.25 5.15
C GLU A 102 -11.75 4.87 4.32
N THR A 103 -13.01 4.61 4.70
CA THR A 103 -14.12 5.15 3.92
C THR A 103 -14.28 6.65 4.14
N LEU A 104 -13.94 7.14 5.33
CA LEU A 104 -14.04 8.57 5.60
C LEU A 104 -12.88 9.36 5.01
N SER A 105 -11.82 8.69 4.55
CA SER A 105 -10.66 9.37 4.00
C SER A 105 -10.75 9.52 2.48
N ARG A 106 -10.96 8.41 1.78
CA ARG A 106 -10.99 8.40 0.32
C ARG A 106 -12.37 8.15 -0.26
N ILE A 107 -13.15 7.25 0.34
CA ILE A 107 -14.43 6.85 -0.27
C ILE A 107 -15.39 8.03 -0.30
N THR A 108 -15.49 8.78 0.81
CA THR A 108 -16.41 9.91 0.85
C THR A 108 -15.95 11.10 0.03
N GLN A 109 -14.70 11.10 -0.46
CA GLN A 109 -14.17 12.26 -1.14
C GLN A 109 -14.74 12.42 -2.56
N ILE A 110 -14.85 11.33 -3.32
CA ILE A 110 -15.08 11.43 -4.75
C ILE A 110 -16.55 11.35 -5.14
N LEU A 111 -17.45 11.10 -4.20
CA LEU A 111 -18.88 11.21 -4.50
C LEU A 111 -19.62 12.14 -3.56
N LYS A 112 -19.33 12.09 -2.26
CA LYS A 112 -20.06 12.92 -1.31
C LYS A 112 -19.64 14.39 -1.42
N ASP A 113 -18.34 14.66 -1.51
CA ASP A 113 -17.89 16.04 -1.63
C ASP A 113 -18.19 16.62 -3.00
N VAL A 114 -18.08 15.81 -4.05
CA VAL A 114 -18.25 16.31 -5.42
C VAL A 114 -19.67 16.75 -5.72
N ILE A 115 -20.63 16.39 -4.86
CA ILE A 115 -21.99 16.88 -5.03
C ILE A 115 -22.01 18.41 -4.90
N GLN A 116 -21.29 18.94 -3.91
CA GLN A 116 -21.14 20.39 -3.80
C GLN A 116 -20.41 20.96 -5.00
N ASN A 117 -19.52 20.18 -5.61
CA ASN A 117 -18.74 20.61 -6.78
C ASN A 117 -19.33 20.08 -8.08
N LYS A 118 -20.66 20.02 -8.18
CA LYS A 118 -21.30 19.49 -9.38
C LYS A 118 -20.96 20.30 -10.63
N ASP A 119 -20.54 21.55 -10.47
CA ASP A 119 -20.03 22.30 -11.62
C ASP A 119 -18.72 21.72 -12.12
N ARG A 120 -17.89 21.20 -11.22
CA ARG A 120 -16.60 20.61 -11.57
C ARG A 120 -16.70 19.14 -11.94
N ILE A 121 -17.72 18.42 -11.46
CA ILE A 121 -17.78 16.98 -11.67
C ILE A 121 -17.82 16.63 -13.15
N ILE A 122 -18.34 17.52 -13.99
CA ILE A 122 -18.27 17.30 -15.43
C ILE A 122 -16.81 17.27 -15.89
N ALA A 123 -16.03 18.26 -15.47
CA ALA A 123 -14.61 18.28 -15.81
C ALA A 123 -13.82 17.27 -14.99
N ARG A 124 -14.16 17.11 -13.72
CA ARG A 124 -13.45 16.16 -12.87
C ARG A 124 -13.63 14.73 -13.34
N LEU A 125 -14.79 14.38 -13.88
CA LEU A 125 -15.00 13.06 -14.44
C LEU A 125 -14.60 12.96 -15.90
N GLN A 126 -14.40 14.10 -16.58
CA GLN A 126 -13.90 14.06 -17.95
C GLN A 126 -12.42 13.69 -18.00
N GLN A 127 -11.66 14.05 -16.97
CA GLN A 127 -10.24 13.73 -16.95
C GLN A 127 -9.97 12.23 -16.97
N PRO A 128 -10.59 11.39 -16.14
CA PRO A 128 -10.34 9.94 -16.25
C PRO A 128 -10.69 9.37 -17.62
N TYR A 129 -11.68 9.94 -18.29
CA TYR A 129 -11.95 9.55 -19.67
C TYR A 129 -10.77 9.89 -20.57
N SER A 130 -10.10 11.01 -20.31
CA SER A 130 -9.01 11.45 -21.17
C SER A 130 -7.75 10.61 -20.97
N LEU A 131 -7.40 10.30 -19.72
CA LEU A 131 -6.20 9.50 -19.48
C LEU A 131 -6.27 8.13 -20.15
N ASP A 132 -7.47 7.66 -20.47
CA ASP A 132 -7.63 6.48 -21.31
C ASP A 132 -7.58 6.82 -22.80
N CYS A 133 -7.51 8.10 -23.16
CA CYS A 133 -7.50 8.50 -24.56
C CYS A 133 -6.49 9.59 -24.91
N ILE A 134 -5.73 10.11 -23.93
CA ILE A 134 -4.72 11.13 -24.25
C ILE A 134 -3.68 10.63 -25.25
N PRO A 135 -3.13 9.42 -25.14
CA PRO A 135 -2.15 8.97 -26.14
C PRO A 135 -2.69 8.91 -27.56
N VAL A 136 -4.01 8.85 -27.74
CA VAL A 136 -4.58 8.88 -29.09
C VAL A 136 -4.24 10.19 -29.77
N GLU A 137 -4.38 11.31 -29.06
CA GLU A 137 -4.06 12.62 -29.62
C GLU A 137 -2.57 12.89 -29.63
N ALA A 138 -1.78 12.12 -28.88
CA ALA A 138 -0.34 12.34 -28.79
C ALA A 138 0.40 12.00 -30.08
N GLU A 139 -0.32 11.59 -31.14
CA GLU A 139 0.33 11.31 -32.41
C GLU A 139 0.89 12.59 -33.05
N TYR A 140 0.25 13.73 -32.79
CA TYR A 140 0.66 14.97 -33.45
C TYR A 140 2.10 15.35 -33.08
N GLN A 141 2.44 15.27 -31.79
CA GLN A 141 3.80 15.65 -31.38
C GLN A 141 4.83 14.67 -31.91
N LYS A 142 4.50 13.38 -31.94
CA LYS A 142 5.43 12.41 -32.48
C LYS A 142 5.47 12.44 -34.00
N GLN A 143 4.40 12.92 -34.64
CA GLN A 143 4.42 13.10 -36.09
C GLN A 143 5.27 14.29 -36.51
N PHE A 144 5.68 15.14 -35.57
CA PHE A 144 6.63 16.20 -35.87
C PHE A 144 8.07 15.76 -35.60
N SER A 145 8.27 14.97 -34.55
CA SER A 145 9.61 14.49 -34.23
C SER A 145 10.17 13.56 -35.31
N GLU A 146 9.30 12.98 -36.15
CA GLU A 146 9.77 12.14 -37.24
C GLU A 146 10.63 12.95 -38.20
N LEU A 147 10.35 14.24 -38.36
CA LEU A 147 11.20 15.09 -39.19
C LEU A 147 12.61 15.14 -38.64
N LEU A 148 12.75 15.29 -37.32
CA LEU A 148 14.06 15.19 -36.71
C LEU A 148 14.63 13.78 -36.83
N MET A 149 13.78 12.77 -36.64
CA MET A 149 14.24 11.38 -36.77
C MET A 149 14.63 11.05 -38.20
N LYS A 150 13.84 11.54 -39.18
CA LYS A 150 14.16 11.28 -40.58
C LYS A 150 15.50 11.89 -40.96
N ALA A 151 15.77 13.11 -40.51
CA ALA A 151 17.06 13.74 -40.77
C ALA A 151 18.20 12.96 -40.13
N ALA A 152 17.98 12.47 -38.90
CA ALA A 152 19.00 11.65 -38.25
C ALA A 152 19.20 10.34 -39.00
N SER A 153 18.11 9.71 -39.44
CA SER A 153 18.24 8.47 -40.20
C SER A 153 18.88 8.72 -41.56
N ASP A 154 18.54 9.83 -42.20
CA ASP A 154 19.09 10.16 -43.51
C ASP A 154 20.55 10.57 -43.45
N TYR A 155 21.11 10.77 -42.26
CA TYR A 155 22.50 11.18 -42.15
C TYR A 155 23.44 10.11 -42.70
N GLY A 156 23.13 8.83 -42.44
CA GLY A 156 23.97 7.76 -42.95
C GLY A 156 24.01 7.71 -44.47
N ALA A 157 22.85 7.92 -45.10
CA ALA A 157 22.79 7.93 -46.57
C ALA A 157 23.60 9.10 -47.13
N LEU A 158 23.53 10.27 -46.48
CA LEU A 158 24.29 11.42 -46.94
C LEU A 158 25.79 11.16 -46.84
N THR A 159 26.23 10.51 -45.76
CA THR A 159 27.64 10.16 -45.63
C THR A 159 28.05 9.17 -46.71
N ALA A 160 27.21 8.20 -47.01
CA ALA A 160 27.50 7.21 -48.04
C ALA A 160 27.46 7.84 -49.43
N LEU B 165 -41.21 125.42 -46.45
CA LEU B 165 -40.01 125.48 -45.65
C LEU B 165 -40.33 125.96 -44.24
N SER B 166 -41.61 126.25 -44.01
CA SER B 166 -42.02 126.80 -42.73
C SER B 166 -41.96 125.76 -41.62
N ALA B 167 -42.21 124.49 -41.94
CA ALA B 167 -42.29 123.46 -40.92
C ALA B 167 -41.45 122.23 -41.26
N ARG B 168 -40.18 122.44 -41.60
CA ARG B 168 -39.34 121.35 -42.06
C ARG B 168 -38.69 120.56 -40.93
N ASN B 169 -38.69 121.07 -39.70
CA ASN B 169 -37.95 120.45 -38.60
C ASN B 169 -38.79 120.40 -37.32
N LEU B 170 -40.02 119.89 -37.43
CA LEU B 170 -40.93 119.88 -36.29
C LEU B 170 -41.44 118.50 -35.90
N GLN B 171 -41.60 117.58 -36.85
CA GLN B 171 -42.30 116.33 -36.56
C GLN B 171 -41.45 115.37 -35.72
N MET B 172 -40.16 115.26 -36.04
CA MET B 172 -39.34 114.21 -35.43
C MET B 172 -39.13 114.45 -33.94
N ASN B 173 -39.14 115.71 -33.49
CA ASN B 173 -38.85 115.99 -32.10
C ASN B 173 -39.85 115.35 -31.16
N GLY B 174 -41.12 115.30 -31.57
CA GLY B 174 -42.14 114.72 -30.71
C GLY B 174 -41.90 113.24 -30.44
N VAL B 175 -41.60 112.48 -31.49
CA VAL B 175 -41.36 111.05 -31.30
C VAL B 175 -39.99 110.82 -30.68
N LEU B 176 -39.06 111.77 -30.86
CA LEU B 176 -37.70 111.61 -30.36
C LEU B 176 -37.58 111.86 -28.86
N GLY B 177 -38.67 112.26 -28.19
CA GLY B 177 -38.63 112.57 -26.77
C GLY B 177 -38.04 111.49 -25.91
N ARG B 178 -38.74 110.36 -25.78
CA ARG B 178 -38.17 109.23 -25.06
C ARG B 178 -37.25 108.40 -25.93
N LEU B 179 -37.30 108.60 -27.24
CA LEU B 179 -36.51 107.77 -28.15
C LEU B 179 -35.02 108.08 -28.04
N ALA B 180 -34.66 109.36 -28.07
CA ALA B 180 -33.25 109.75 -28.01
C ALA B 180 -32.65 109.54 -26.62
N SER B 181 -33.47 109.24 -25.62
CA SER B 181 -32.96 109.06 -24.27
C SER B 181 -32.07 107.83 -24.16
N THR B 182 -32.39 106.77 -24.91
CA THR B 182 -31.67 105.50 -24.79
C THR B 182 -30.60 105.31 -25.86
N SER B 183 -30.34 106.31 -26.69
CA SER B 183 -29.35 106.15 -27.76
C SER B 183 -27.97 105.87 -27.19
N GLN B 184 -27.40 106.84 -26.49
CA GLN B 184 -26.09 106.66 -25.85
C GLN B 184 -26.20 106.16 -24.42
N GLU B 185 -27.41 106.05 -23.88
CA GLU B 185 -27.60 105.50 -22.54
C GLU B 185 -27.15 104.06 -22.47
N LEU B 186 -27.16 103.34 -23.59
CA LEU B 186 -26.67 101.97 -23.60
C LEU B 186 -25.21 101.89 -23.16
N ALA B 187 -24.47 103.00 -23.27
CA ALA B 187 -23.13 103.04 -22.69
C ALA B 187 -23.16 102.77 -21.20
N HIS B 188 -24.23 103.19 -20.51
CA HIS B 188 -24.42 102.75 -19.14
C HIS B 188 -24.68 101.26 -19.05
N TYR B 189 -25.41 100.70 -20.02
CA TYR B 189 -25.74 99.29 -19.99
C TYR B 189 -24.53 98.39 -20.24
N HIS B 190 -23.37 98.93 -20.65
CA HIS B 190 -22.07 98.22 -20.64
C HIS B 190 -21.87 97.34 -19.42
N SER B 191 -22.34 97.81 -18.26
CA SER B 191 -22.23 97.00 -17.05
C SER B 191 -23.23 95.86 -17.04
N GLY B 192 -24.33 96.00 -17.79
CA GLY B 192 -25.35 94.98 -17.77
C GLY B 192 -25.02 93.73 -18.56
N GLU B 193 -24.10 93.84 -19.53
CA GLU B 193 -23.86 92.72 -20.43
C GLU B 193 -23.07 91.60 -19.74
N GLU B 194 -22.05 91.95 -18.96
CA GLU B 194 -21.18 90.91 -18.42
C GLU B 194 -21.90 90.08 -17.37
N ASP B 195 -22.96 90.62 -16.76
CA ASP B 195 -23.83 89.79 -15.94
C ASP B 195 -24.48 88.71 -16.78
N GLY B 196 -24.91 89.05 -17.99
CA GLY B 196 -25.55 88.06 -18.85
C GLY B 196 -24.60 86.96 -19.30
N ILE B 197 -23.38 87.34 -19.71
CA ILE B 197 -22.43 86.34 -20.16
C ILE B 197 -21.95 85.49 -18.99
N TYR B 198 -21.74 86.11 -17.82
CA TYR B 198 -21.44 85.34 -16.64
C TYR B 198 -22.62 84.46 -16.23
N LEU B 199 -23.84 84.95 -16.44
CA LEU B 199 -25.01 84.10 -16.30
C LEU B 199 -24.93 82.93 -17.26
N ALA B 200 -24.55 83.18 -18.52
CA ALA B 200 -24.33 82.10 -19.45
C ALA B 200 -23.09 81.29 -19.08
N TYR B 201 -22.09 81.92 -18.45
CA TYR B 201 -20.91 81.18 -18.03
C TYR B 201 -21.29 80.06 -17.07
N SER B 202 -22.17 80.35 -16.10
CA SER B 202 -22.74 79.30 -15.28
C SER B 202 -23.56 78.34 -16.14
N ASP B 203 -24.34 78.89 -17.07
CA ASP B 203 -25.11 78.03 -17.98
C ASP B 203 -24.19 77.18 -18.83
N PHE B 204 -23.12 77.76 -19.35
CA PHE B 204 -22.20 77.04 -20.22
C PHE B 204 -21.47 75.93 -19.45
N HIS B 205 -20.93 76.27 -18.28
CA HIS B 205 -20.18 75.29 -17.52
C HIS B 205 -21.07 74.17 -17.00
N ALA B 206 -22.30 74.50 -16.61
CA ALA B 206 -23.22 73.47 -16.12
C ALA B 206 -23.56 72.47 -17.21
N TYR B 207 -23.77 72.94 -18.44
CA TYR B 207 -23.99 72.02 -19.54
C TYR B 207 -22.72 71.26 -19.88
N LEU B 208 -21.55 71.85 -19.63
CA LEU B 208 -20.31 71.10 -19.77
C LEU B 208 -20.27 69.93 -18.80
N ALA B 209 -20.93 70.06 -17.66
CA ALA B 209 -21.01 68.92 -16.74
C ALA B 209 -21.70 67.74 -17.39
N GLY B 210 -22.60 68.00 -18.35
CA GLY B 210 -23.10 66.92 -19.18
C GLY B 210 -22.01 66.28 -20.00
N ASP B 211 -21.08 67.09 -20.51
CA ASP B 211 -19.94 66.56 -21.26
C ASP B 211 -18.74 66.25 -20.38
N SER B 212 -18.71 66.77 -19.15
CA SER B 212 -17.54 66.53 -18.29
C SER B 212 -17.40 65.06 -17.94
N ALA B 213 -18.51 64.40 -17.61
CA ALA B 213 -18.46 62.98 -17.28
C ALA B 213 -18.34 62.11 -18.52
N CYS B 214 -18.83 62.59 -19.66
CA CYS B 214 -18.95 61.73 -20.84
C CYS B 214 -17.60 61.37 -21.44
N THR B 215 -16.59 62.24 -21.29
CA THR B 215 -15.28 61.96 -21.90
C THR B 215 -14.67 60.70 -21.30
N LYS B 216 -14.75 60.53 -19.98
CA LYS B 216 -14.31 59.28 -19.38
C LYS B 216 -15.26 58.14 -19.71
N GLU B 217 -16.56 58.44 -19.77
CA GLU B 217 -17.56 57.42 -20.10
C GLU B 217 -17.31 56.84 -21.48
N LEU B 218 -17.07 57.70 -22.47
CA LEU B 218 -16.79 57.21 -23.82
C LEU B 218 -15.51 56.40 -23.84
N ASN B 219 -14.48 56.88 -23.15
CA ASN B 219 -13.28 56.08 -22.98
C ASN B 219 -13.59 54.79 -22.24
N GLN B 220 -14.39 54.89 -21.17
CA GLN B 220 -14.88 53.69 -20.51
C GLN B 220 -15.73 52.86 -21.47
N TRP B 221 -16.55 53.54 -22.28
CA TRP B 221 -17.39 52.82 -23.22
C TRP B 221 -16.55 52.01 -24.20
N PHE B 222 -15.43 52.56 -24.65
CA PHE B 222 -14.49 51.76 -25.41
C PHE B 222 -13.71 50.80 -24.52
N ALA B 223 -13.53 51.14 -23.24
CA ALA B 223 -12.91 50.21 -22.31
C ALA B 223 -13.75 48.95 -22.13
N LYS B 224 -15.03 48.99 -22.49
CA LYS B 224 -15.80 47.76 -22.61
C LYS B 224 -15.21 46.85 -23.69
N GLN B 225 -14.73 47.45 -24.79
CA GLN B 225 -14.05 46.71 -25.84
C GLN B 225 -12.61 46.35 -25.47
N LEU B 226 -12.21 46.52 -24.20
CA LEU B 226 -10.84 46.27 -23.79
C LEU B 226 -10.66 44.84 -23.25
N ASP B 227 -11.33 44.52 -22.14
CA ASP B 227 -11.03 43.29 -21.42
C ASP B 227 -11.91 42.12 -21.84
N THR B 228 -13.20 42.37 -22.07
CA THR B 228 -14.14 41.27 -22.29
C THR B 228 -13.74 40.44 -23.51
N GLY B 229 -13.50 41.09 -24.65
CA GLY B 229 -13.16 40.39 -25.85
C GLY B 229 -11.69 40.13 -26.07
N PRO B 230 -10.89 41.20 -26.18
CA PRO B 230 -9.48 41.02 -26.57
C PRO B 230 -8.66 40.17 -25.61
N TYR B 231 -8.93 40.27 -24.32
CA TYR B 231 -8.03 39.69 -23.32
C TYR B 231 -8.64 38.51 -22.58
N ARG B 232 -9.85 38.09 -22.95
CA ARG B 232 -10.26 36.72 -22.68
C ARG B 232 -9.56 35.76 -23.64
N LEU B 233 -9.13 36.24 -24.79
CA LEU B 233 -8.37 35.43 -25.75
C LEU B 233 -6.92 35.29 -25.30
N VAL B 234 -6.24 36.42 -25.13
CA VAL B 234 -4.80 36.38 -24.84
C VAL B 234 -4.51 35.82 -23.45
N ALA B 235 -5.51 35.77 -22.57
CA ALA B 235 -5.30 35.10 -21.29
C ALA B 235 -4.95 33.63 -21.49
N GLU B 236 -5.67 32.95 -22.37
CA GLU B 236 -5.27 31.61 -22.78
C GLU B 236 -3.91 31.65 -23.47
N GLU B 237 -3.71 32.64 -24.33
CA GLU B 237 -2.41 32.80 -24.99
C GLU B 237 -1.32 33.12 -23.96
N GLY B 238 -1.63 34.00 -23.00
CA GLY B 238 -0.63 34.38 -22.01
C GLY B 238 -0.29 33.26 -21.05
N LYS B 239 -1.29 32.50 -20.63
CA LYS B 239 -1.10 31.44 -19.64
C LYS B 239 -0.68 30.12 -20.26
N SER B 240 -0.23 30.13 -21.52
CA SER B 240 0.16 28.89 -22.17
C SER B 240 1.43 28.32 -21.54
N LYS B 241 2.47 29.14 -21.39
CA LYS B 241 3.73 28.66 -20.85
C LYS B 241 3.72 28.58 -19.33
N CYS B 242 2.82 29.31 -18.68
CA CYS B 242 2.82 29.36 -17.22
C CYS B 242 2.53 27.99 -16.61
N SER B 243 1.65 27.21 -17.24
CA SER B 243 1.31 25.88 -16.73
C SER B 243 1.29 24.85 -17.85
N TRP B 244 2.31 24.84 -18.70
CA TRP B 244 2.33 23.93 -19.84
C TRP B 244 2.46 22.47 -19.41
N VAL B 245 3.00 22.21 -18.22
CA VAL B 245 3.14 20.83 -17.76
C VAL B 245 1.77 20.21 -17.51
N SER B 246 0.90 20.92 -16.79
CA SER B 246 -0.46 20.46 -16.57
C SER B 246 -1.38 20.79 -17.74
N LEU B 247 -0.95 21.69 -18.64
CA LEU B 247 -1.74 21.98 -19.84
C LEU B 247 -1.85 20.74 -20.72
N ASP B 248 -0.83 19.89 -20.71
CA ASP B 248 -0.85 18.63 -21.44
C ASP B 248 -1.78 17.60 -20.81
N ASP B 249 -2.35 17.89 -19.65
CA ASP B 249 -3.33 17.03 -19.00
C ASP B 249 -4.68 17.67 -18.82
N THR B 250 -4.75 18.99 -18.65
CA THR B 250 -6.01 19.67 -18.40
C THR B 250 -6.64 20.22 -19.68
N SER B 251 -5.93 21.09 -20.39
CA SER B 251 -6.51 21.73 -21.57
C SER B 251 -6.81 20.72 -22.67
N ASN B 252 -5.88 19.79 -22.92
CA ASN B 252 -6.10 18.79 -23.96
C ASN B 252 -7.31 17.93 -23.63
N MET B 253 -7.49 17.59 -22.35
CA MET B 253 -8.68 16.85 -21.93
C MET B 253 -9.96 17.53 -22.46
N LEU B 254 -10.07 18.83 -22.26
CA LEU B 254 -11.18 19.57 -22.86
C LEU B 254 -11.03 19.64 -24.37
N ARG B 255 -9.81 19.84 -24.86
CA ARG B 255 -9.60 19.94 -26.29
C ARG B 255 -9.88 18.60 -26.98
N ASP B 256 -9.55 17.49 -26.32
CA ASP B 256 -9.71 16.18 -26.93
C ASP B 256 -11.13 15.64 -26.72
N LEU B 257 -12.08 16.56 -26.51
CA LEU B 257 -13.46 16.14 -26.28
C LEU B 257 -14.02 15.38 -27.48
N GLU B 258 -13.75 15.85 -28.70
CA GLU B 258 -14.28 15.19 -29.88
C GLU B 258 -13.21 14.87 -30.92
N LYS B 259 -12.23 15.77 -31.07
CA LYS B 259 -11.24 15.58 -32.13
C LYS B 259 -10.43 14.30 -31.92
N SER B 260 -10.04 14.02 -30.67
CA SER B 260 -9.33 12.78 -30.39
C SER B 260 -10.28 11.59 -30.38
N GLN B 261 -11.52 11.79 -29.92
CA GLN B 261 -12.51 10.72 -29.96
C GLN B 261 -12.83 10.32 -31.39
N HIS B 262 -12.95 11.30 -32.28
CA HIS B 262 -13.16 11.00 -33.69
C HIS B 262 -11.97 10.26 -34.28
N GLN B 263 -10.75 10.67 -33.92
CA GLN B 263 -9.56 9.99 -34.41
C GLN B 263 -9.49 8.56 -33.91
N ARG B 264 -9.83 8.34 -32.63
CA ARG B 264 -9.70 7.02 -32.05
C ARG B 264 -10.65 6.01 -32.68
N VAL B 265 -11.87 6.42 -32.98
CA VAL B 265 -12.90 5.48 -33.42
C VAL B 265 -13.03 5.47 -34.94
N ALA B 266 -12.68 6.58 -35.60
CA ALA B 266 -12.85 6.69 -37.04
C ALA B 266 -11.54 6.81 -37.79
N GLU B 267 -10.70 7.79 -37.47
CA GLU B 267 -9.48 8.01 -38.25
C GLU B 267 -8.49 6.86 -38.06
N LEU B 268 -8.40 6.32 -36.84
CA LEU B 268 -7.45 5.24 -36.59
C LEU B 268 -7.83 3.98 -37.36
N GLN B 269 -9.12 3.73 -37.55
CA GLN B 269 -9.61 2.55 -38.26
C GLN B 269 -10.25 2.90 -39.61
N ARG B 270 -9.93 4.06 -40.17
CA ARG B 270 -10.51 4.46 -41.44
C ARG B 270 -9.94 3.63 -42.58
N LEU B 271 -8.61 3.46 -42.62
CA LEU B 271 -7.95 2.92 -43.79
C LEU B 271 -7.93 1.39 -43.84
N ARG B 272 -8.21 0.72 -42.72
CA ARG B 272 -8.02 -0.73 -42.66
C ARG B 272 -8.98 -1.45 -43.59
N SER B 273 -10.22 -0.96 -43.72
CA SER B 273 -11.23 -1.67 -44.50
C SER B 273 -10.84 -1.78 -45.97
N ILE B 274 -10.23 -0.73 -46.52
CA ILE B 274 -9.98 -0.67 -47.96
C ILE B 274 -8.64 -1.27 -48.37
N PHE B 275 -7.78 -1.64 -47.40
CA PHE B 275 -6.53 -2.28 -47.76
C PHE B 275 -6.75 -3.56 -48.56
N GLY B 276 -7.61 -4.45 -48.05
CA GLY B 276 -7.78 -5.75 -48.70
C GLY B 276 -8.73 -5.75 -49.87
N THR B 277 -9.57 -4.72 -49.98
CA THR B 277 -10.57 -4.66 -51.05
C THR B 277 -10.09 -3.88 -52.26
N SER B 278 -8.90 -3.28 -52.23
CA SER B 278 -8.46 -2.47 -53.35
C SER B 278 -7.04 -2.79 -53.79
N GLU B 279 -6.22 -3.31 -52.87
CA GLU B 279 -4.83 -3.60 -53.22
C GLU B 279 -4.74 -4.70 -54.26
N ARG B 280 -5.54 -5.75 -54.11
CA ARG B 280 -5.41 -6.94 -54.95
C ARG B 280 -5.66 -6.61 -56.42
N GLN B 281 -6.70 -5.84 -56.71
CA GLN B 281 -7.03 -5.51 -58.10
C GLN B 281 -6.06 -4.49 -58.68
N TRP B 282 -5.37 -3.72 -57.86
CA TRP B 282 -4.45 -2.69 -58.32
C TRP B 282 -3.00 -3.15 -58.37
N ILE B 283 -2.71 -4.37 -57.94
CA ILE B 283 -1.34 -4.85 -57.93
C ILE B 283 -1.15 -6.18 -58.66
N GLU B 284 -2.19 -6.99 -58.85
CA GLU B 284 -2.06 -8.28 -59.52
C GLU B 284 -2.74 -8.31 -60.87
N ALA B 285 -3.05 -7.16 -61.45
CA ALA B 285 -3.76 -7.08 -62.72
C ALA B 285 -3.15 -5.98 -63.61
N GLN B 286 -1.82 -5.95 -63.68
CA GLN B 286 -1.14 -4.91 -64.45
C GLN B 286 -0.24 -5.46 -65.55
N VAL B 287 0.50 -6.53 -65.29
CA VAL B 287 1.49 -7.00 -66.25
C VAL B 287 1.20 -8.46 -66.65
N GLU B 288 0.10 -9.00 -66.16
CA GLU B 288 -0.21 -10.41 -66.44
C GLU B 288 -0.45 -10.65 -67.92
N ASN B 289 -1.34 -9.87 -68.52
CA ASN B 289 -1.66 -10.08 -69.93
C ASN B 289 -0.45 -9.84 -70.82
N ALA B 290 0.32 -8.79 -70.54
CA ALA B 290 1.55 -8.57 -71.29
C ALA B 290 2.52 -9.72 -71.11
N LYS B 291 2.67 -10.20 -69.88
CA LYS B 291 3.50 -11.38 -69.65
C LYS B 291 2.88 -12.61 -70.28
N GLN B 292 1.54 -12.72 -70.25
CA GLN B 292 0.88 -13.87 -70.83
C GLN B 292 1.04 -13.90 -72.35
N GLN B 293 0.98 -12.74 -73.00
CA GLN B 293 0.99 -12.67 -74.46
C GLN B 293 2.38 -12.50 -75.06
N ALA B 294 3.42 -12.36 -74.23
CA ALA B 294 4.76 -12.12 -74.76
C ALA B 294 5.51 -13.39 -75.14
N ILE B 295 5.01 -14.57 -74.73
CA ILE B 295 5.76 -15.79 -74.98
C ILE B 295 5.78 -16.13 -76.48
N LEU B 296 4.68 -15.86 -77.18
CA LEU B 296 4.61 -16.20 -78.59
C LEU B 296 5.54 -15.31 -79.42
N LEU B 297 5.52 -14.00 -79.15
CA LEU B 297 6.35 -13.09 -79.92
C LEU B 297 7.84 -13.34 -79.67
N THR B 298 8.20 -13.77 -78.46
CA THR B 298 9.58 -14.13 -78.20
C THR B 298 10.00 -15.34 -79.00
N LEU B 299 9.08 -16.30 -79.18
CA LEU B 299 9.39 -17.47 -79.99
C LEU B 299 9.60 -17.06 -81.44
N LYS B 300 8.81 -16.12 -81.94
CA LYS B 300 9.01 -15.63 -83.30
C LYS B 300 10.28 -14.78 -83.40
N SER B 301 10.62 -14.05 -82.34
CA SER B 301 11.80 -13.17 -82.39
C SER B 301 13.10 -13.95 -82.31
N GLN B 302 13.14 -15.03 -81.53
CA GLN B 302 14.37 -15.80 -81.37
C GLN B 302 14.81 -16.47 -82.67
N VAL B 303 13.88 -16.69 -83.61
CA VAL B 303 14.26 -17.27 -84.89
C VAL B 303 15.20 -16.34 -85.64
N THR B 304 14.91 -15.03 -85.61
CA THR B 304 15.76 -14.07 -86.30
C THR B 304 17.18 -14.07 -85.72
N SER B 305 17.30 -14.14 -84.40
CA SER B 305 18.61 -14.17 -83.77
C SER B 305 19.43 -15.37 -84.22
N VAL B 306 18.78 -16.41 -84.73
CA VAL B 306 19.46 -17.61 -85.18
C VAL B 306 19.48 -17.70 -86.70
N GLU B 307 18.31 -17.63 -87.34
CA GLU B 307 18.24 -17.87 -88.77
C GLU B 307 18.96 -16.78 -89.57
N ALA B 308 19.08 -15.58 -89.00
CA ALA B 308 19.81 -14.50 -89.66
C ALA B 308 21.27 -14.47 -89.27
N HIS B 309 21.73 -15.41 -88.45
CA HIS B 309 23.12 -15.42 -88.01
C HIS B 309 23.72 -16.82 -88.08
N ILE B 310 23.08 -17.76 -88.76
CA ILE B 310 23.17 -19.20 -88.51
C ILE B 310 24.59 -19.68 -88.21
N HIS B 311 25.60 -19.03 -88.78
CA HIS B 311 26.97 -19.50 -88.66
C HIS B 311 27.51 -19.46 -87.23
N PHE B 312 26.71 -19.02 -86.26
CA PHE B 312 27.18 -18.87 -84.89
C PHE B 312 26.97 -20.12 -84.05
N ASP B 313 26.44 -21.21 -84.64
CA ASP B 313 26.00 -22.34 -83.85
C ASP B 313 27.13 -22.95 -83.03
N LEU B 314 28.31 -23.10 -83.65
CA LEU B 314 29.45 -23.64 -82.93
C LEU B 314 29.89 -22.73 -81.78
N HIS B 315 29.57 -21.44 -81.86
CA HIS B 315 29.87 -20.48 -80.80
C HIS B 315 28.61 -20.03 -80.06
N SER B 316 27.54 -20.83 -80.11
CA SER B 316 26.24 -20.43 -79.59
C SER B 316 25.97 -20.96 -78.20
N LEU B 317 26.97 -21.53 -77.53
CA LEU B 317 26.71 -22.25 -76.28
C LEU B 317 26.18 -21.33 -75.18
N ARG B 318 27.01 -20.43 -74.67
CA ARG B 318 26.59 -19.56 -73.57
C ARG B 318 26.70 -18.08 -73.91
N ARG B 319 27.88 -17.61 -74.31
CA ARG B 319 28.14 -16.17 -74.36
C ARG B 319 27.34 -15.45 -75.44
N LYS B 320 26.72 -16.18 -76.37
CA LYS B 320 25.88 -15.54 -77.37
C LYS B 320 24.64 -14.91 -76.75
N HIS B 321 24.29 -15.28 -75.52
CA HIS B 321 23.13 -14.71 -74.85
C HIS B 321 23.30 -13.22 -74.58
N ALA B 322 24.51 -12.80 -74.21
CA ALA B 322 24.73 -11.44 -73.72
C ALA B 322 24.63 -10.38 -74.79
N ASP B 323 24.52 -10.76 -76.07
CA ASP B 323 24.55 -9.77 -77.15
C ASP B 323 23.39 -8.79 -77.06
N LEU B 324 22.24 -9.22 -76.54
CA LEU B 324 21.11 -8.33 -76.32
C LEU B 324 20.73 -8.17 -74.86
N VAL B 325 21.26 -9.00 -73.97
CA VAL B 325 20.88 -8.96 -72.55
C VAL B 325 21.78 -8.02 -71.74
N GLU B 326 22.93 -7.61 -72.29
CA GLU B 326 23.88 -6.83 -71.51
C GLU B 326 23.29 -5.51 -71.04
N GLU B 327 22.53 -4.83 -71.91
CA GLU B 327 21.97 -3.53 -71.55
C GLU B 327 20.83 -3.64 -70.54
N ILE B 328 20.37 -4.84 -70.23
CA ILE B 328 19.24 -5.02 -69.32
C ILE B 328 19.67 -5.49 -67.93
N SER B 329 20.80 -6.21 -67.81
CA SER B 329 21.15 -6.88 -66.57
C SER B 329 21.35 -5.88 -65.43
N THR B 330 22.35 -5.00 -65.55
CA THR B 330 22.68 -4.11 -64.45
C THR B 330 21.55 -3.12 -64.15
N LEU B 331 20.84 -2.67 -65.17
CA LEU B 331 19.74 -1.74 -64.95
C LEU B 331 18.61 -2.41 -64.19
N TYR B 332 18.34 -3.69 -64.48
CA TYR B 332 17.38 -4.44 -63.69
C TYR B 332 17.83 -4.58 -62.25
N GLN B 333 19.13 -4.72 -62.03
CA GLN B 333 19.64 -4.84 -60.67
C GLN B 333 19.32 -3.61 -59.84
N LYS B 334 19.46 -2.42 -60.44
CA LYS B 334 19.18 -1.19 -59.71
C LYS B 334 17.70 -1.06 -59.38
N GLU B 335 16.82 -1.43 -60.32
CA GLU B 335 15.39 -1.22 -60.11
C GLU B 335 14.81 -2.22 -59.11
N GLU B 336 15.41 -3.39 -58.97
CA GLU B 336 14.96 -4.34 -57.96
C GLU B 336 15.57 -4.07 -56.60
N LYS B 337 16.84 -3.65 -56.56
CA LYS B 337 17.51 -3.39 -55.29
C LYS B 337 16.87 -2.26 -54.52
N LEU B 338 16.26 -1.29 -55.22
CA LEU B 338 15.62 -0.17 -54.54
C LEU B 338 14.40 -0.58 -53.74
N LEU B 339 13.91 -1.82 -53.92
CA LEU B 339 12.84 -2.32 -53.07
C LEU B 339 13.28 -2.38 -51.62
N SER B 340 14.51 -2.86 -51.38
CA SER B 340 15.01 -2.99 -50.01
C SER B 340 15.21 -1.64 -49.34
N GLU B 341 15.77 -0.67 -50.08
CA GLU B 341 16.08 0.61 -49.45
C GLU B 341 14.82 1.43 -49.19
N THR B 342 13.70 1.06 -49.81
CA THR B 342 12.44 1.77 -49.61
C THR B 342 11.51 0.98 -48.69
N ILE B 343 12.03 -0.04 -48.01
CA ILE B 343 11.20 -0.79 -47.05
C ILE B 343 10.69 0.10 -45.93
N PRO B 344 11.50 0.89 -45.23
CA PRO B 344 10.98 1.73 -44.15
C PRO B 344 10.60 3.15 -44.55
N GLU B 345 10.60 3.47 -45.84
CA GLU B 345 10.36 4.86 -46.27
C GLU B 345 8.87 5.17 -46.37
N LEU B 346 8.13 4.37 -47.14
CA LEU B 346 6.74 4.69 -47.44
C LEU B 346 5.77 4.17 -46.39
N CYS B 347 6.22 3.36 -45.44
CA CYS B 347 5.32 2.82 -44.42
C CYS B 347 4.84 3.87 -43.43
N TRP B 348 5.43 5.07 -43.42
CA TRP B 348 5.08 6.11 -42.48
C TRP B 348 4.24 7.23 -43.09
N GLU B 349 4.22 7.35 -44.43
CA GLU B 349 3.51 8.47 -45.06
C GLU B 349 2.02 8.43 -44.77
N LEU B 350 1.41 7.25 -44.80
CA LEU B 350 -0.04 7.14 -44.67
C LEU B 350 -0.54 7.79 -43.38
N ALA B 351 0.07 7.43 -42.25
CA ALA B 351 -0.36 7.97 -40.97
C ALA B 351 -0.16 9.48 -40.92
N GLN B 352 0.97 9.96 -41.42
CA GLN B 352 1.24 11.40 -41.39
C GLN B 352 0.44 12.15 -42.43
N LEU B 353 0.13 11.52 -43.58
CA LEU B 353 -0.58 12.21 -44.64
C LEU B 353 -1.99 12.60 -44.20
N GLN B 354 -2.69 11.70 -43.52
CA GLN B 354 -4.07 11.98 -43.12
C GLN B 354 -4.12 12.98 -41.98
N ASP B 355 -3.17 12.89 -41.04
CA ASP B 355 -3.18 13.80 -39.89
C ASP B 355 -2.93 15.25 -40.30
N THR B 356 -2.06 15.46 -41.28
CA THR B 356 -1.83 16.82 -41.78
C THR B 356 -3.06 17.38 -42.48
N TYR B 357 -3.84 16.53 -43.13
CA TYR B 357 -5.03 17.00 -43.85
C TYR B 357 -6.06 17.56 -42.88
N ILE B 358 -6.37 16.82 -41.82
CA ILE B 358 -7.37 17.28 -40.86
C ILE B 358 -6.84 18.47 -40.06
N LEU B 359 -5.55 18.44 -39.69
CA LEU B 359 -4.97 19.56 -38.96
C LEU B 359 -4.99 20.84 -39.78
N GLN B 360 -4.62 20.74 -41.07
CA GLN B 360 -4.68 21.91 -41.93
C GLN B 360 -6.12 22.37 -42.14
N GLY B 361 -7.03 21.43 -42.35
CA GLY B 361 -8.42 21.80 -42.57
C GLY B 361 -9.07 22.42 -41.35
N ASP B 362 -8.84 21.84 -40.17
CA ASP B 362 -9.46 22.36 -38.96
C ASP B 362 -9.00 23.78 -38.66
N TYR B 363 -7.70 24.04 -38.80
CA TYR B 363 -7.17 25.37 -38.52
C TYR B 363 -7.33 26.34 -39.69
N ASP B 364 -7.67 25.85 -40.89
CA ASP B 364 -8.03 26.74 -41.98
C ASP B 364 -9.44 27.29 -41.82
N LEU B 365 -10.31 26.58 -41.09
CA LEU B 365 -11.59 27.15 -40.71
C LEU B 365 -11.38 28.45 -39.93
N LYS B 366 -10.34 28.49 -39.10
CA LYS B 366 -9.96 29.73 -38.45
C LYS B 366 -9.57 30.78 -39.48
N VAL B 367 -8.74 30.39 -40.46
CA VAL B 367 -8.09 31.36 -41.33
C VAL B 367 -9.10 32.06 -42.23
N MET B 368 -10.04 31.30 -42.80
CA MET B 368 -10.90 31.85 -43.85
C MET B 368 -11.76 32.99 -43.34
N ARG B 369 -12.31 32.86 -42.12
CA ARG B 369 -13.06 33.98 -41.56
C ARG B 369 -12.15 35.08 -41.07
N GLN B 370 -10.95 34.72 -40.58
CA GLN B 370 -9.99 35.73 -40.16
C GLN B 370 -9.45 36.56 -41.32
N GLU B 371 -9.59 36.07 -42.54
CA GLU B 371 -9.21 36.83 -43.73
C GLU B 371 -10.30 37.78 -44.20
N LEU B 372 -11.44 37.80 -43.51
CA LEU B 372 -12.54 38.71 -43.83
C LEU B 372 -12.56 39.94 -42.93
N TYR B 373 -12.31 39.77 -41.63
CA TYR B 373 -12.36 40.91 -40.72
C TYR B 373 -11.24 41.91 -40.97
N ILE B 374 -10.24 41.55 -41.77
CA ILE B 374 -9.25 42.54 -42.18
C ILE B 374 -9.92 43.65 -42.96
N SER B 375 -10.96 43.32 -43.73
CA SER B 375 -11.80 44.36 -44.33
C SER B 375 -12.48 45.18 -43.25
N LYS B 376 -12.92 44.54 -42.17
CA LYS B 376 -13.56 45.22 -41.07
C LYS B 376 -12.58 45.72 -40.02
N GLN B 377 -11.28 45.43 -40.18
CA GLN B 377 -10.29 45.95 -39.24
C GLN B 377 -10.31 47.48 -39.21
N LYS B 378 -10.52 48.10 -40.36
CA LYS B 378 -10.61 49.54 -40.50
C LYS B 378 -11.90 50.11 -39.97
N VAL B 379 -12.68 49.31 -39.26
CA VAL B 379 -13.98 49.74 -38.76
C VAL B 379 -14.08 49.70 -37.24
N PHE B 380 -13.33 48.84 -36.56
CA PHE B 380 -13.50 48.65 -35.11
C PHE B 380 -13.15 49.93 -34.35
N ILE B 381 -12.00 50.54 -34.66
CA ILE B 381 -11.51 51.65 -33.86
C ILE B 381 -11.55 52.99 -34.60
N ASN B 382 -11.49 52.98 -35.94
CA ASN B 382 -11.43 54.22 -36.70
C ASN B 382 -12.63 55.11 -36.40
N HIS B 383 -13.83 54.54 -36.45
CA HIS B 383 -15.05 55.31 -36.16
C HIS B 383 -15.04 55.82 -34.73
N LEU B 384 -14.61 54.98 -33.78
CA LEU B 384 -14.64 55.36 -32.38
C LEU B 384 -13.65 56.49 -32.06
N VAL B 385 -12.48 56.50 -32.71
CA VAL B 385 -11.51 57.55 -32.45
C VAL B 385 -12.07 58.91 -32.83
N ASN B 386 -12.74 58.99 -33.99
CA ASN B 386 -13.36 60.24 -34.41
C ASN B 386 -14.49 60.67 -33.48
N GLN B 387 -15.14 59.71 -32.80
CA GLN B 387 -16.21 60.07 -31.87
C GLN B 387 -15.69 60.94 -30.74
N LEU B 388 -14.54 60.57 -30.15
CA LEU B 388 -13.93 61.41 -29.14
C LEU B 388 -13.54 62.76 -29.72
N ALA B 389 -12.92 62.75 -30.92
CA ALA B 389 -12.57 63.99 -31.58
C ALA B 389 -13.79 64.73 -32.10
N ARG B 390 -14.95 64.07 -32.18
CA ARG B 390 -16.16 64.76 -32.61
C ARG B 390 -16.54 65.86 -31.64
N HIS B 391 -16.11 65.76 -30.39
CA HIS B 391 -16.46 66.73 -29.36
C HIS B 391 -15.26 67.55 -28.89
N GLN B 392 -14.05 67.26 -29.38
CA GLN B 392 -12.92 68.16 -29.12
C GLN B 392 -13.08 69.47 -29.89
N PHE B 393 -13.67 69.42 -31.07
CA PHE B 393 -13.91 70.63 -31.85
C PHE B 393 -14.86 71.57 -31.14
N LEU B 394 -15.78 71.03 -30.33
CA LEU B 394 -16.71 71.88 -29.58
C LEU B 394 -15.96 72.82 -28.65
N LYS B 395 -14.95 72.29 -27.94
CA LYS B 395 -14.08 73.16 -27.15
C LYS B 395 -13.34 74.13 -28.06
N LEU B 396 -12.87 73.66 -29.21
CA LEU B 396 -12.22 74.54 -30.17
C LEU B 396 -13.18 75.60 -30.69
N ALA B 397 -14.47 75.29 -30.75
CA ALA B 397 -15.46 76.25 -31.24
C ALA B 397 -15.77 77.34 -30.22
N CYS B 398 -15.46 77.11 -28.94
CA CYS B 398 -15.80 78.08 -27.91
C CYS B 398 -15.07 79.40 -28.12
N GLN B 399 -13.80 79.35 -28.49
CA GLN B 399 -12.96 80.53 -28.60
C GLN B 399 -13.30 81.40 -29.80
N LEU B 400 -14.38 81.07 -30.52
CA LEU B 400 -14.69 81.80 -31.75
C LEU B 400 -15.48 83.08 -31.46
N GLU B 401 -16.52 82.98 -30.64
CA GLU B 401 -17.44 84.09 -30.38
C GLU B 401 -17.00 84.97 -29.23
N LYS B 402 -15.70 85.03 -28.92
CA LYS B 402 -15.25 85.83 -27.79
C LYS B 402 -14.67 87.18 -28.21
N LYS B 403 -13.99 87.23 -29.35
CA LYS B 403 -13.36 88.48 -29.78
C LYS B 403 -14.39 89.54 -30.12
N ASN B 404 -15.47 89.14 -30.81
CA ASN B 404 -16.40 90.10 -31.38
C ASN B 404 -17.09 90.92 -30.29
N MET B 405 -17.65 90.24 -29.28
CA MET B 405 -18.47 90.93 -28.30
C MET B 405 -17.65 91.93 -27.49
N LEU B 406 -16.43 91.54 -27.11
CA LEU B 406 -15.55 92.46 -26.41
C LEU B 406 -15.12 93.63 -27.28
N GLY B 407 -15.26 93.50 -28.60
CA GLY B 407 -14.87 94.59 -29.49
C GLY B 407 -15.74 95.83 -29.35
N ALA B 408 -16.91 95.69 -28.72
CA ALA B 408 -17.83 96.83 -28.60
C ALA B 408 -17.34 97.83 -27.57
N PHE B 409 -16.58 97.38 -26.57
CA PHE B 409 -16.33 98.21 -25.39
C PHE B 409 -15.20 99.19 -25.64
N SER B 410 -14.08 98.71 -26.18
CA SER B 410 -12.97 99.61 -26.46
C SER B 410 -13.38 100.68 -27.47
N LEU B 411 -14.13 100.29 -28.50
CA LEU B 411 -14.61 101.24 -29.49
C LEU B 411 -15.72 102.14 -28.94
N LEU B 412 -16.29 101.82 -27.77
CA LEU B 412 -17.23 102.74 -27.16
C LEU B 412 -16.54 104.03 -26.74
N LYS B 413 -15.25 103.96 -26.44
CA LYS B 413 -14.53 105.13 -25.96
C LYS B 413 -14.23 106.13 -27.08
N VAL B 414 -14.15 105.67 -28.33
CA VAL B 414 -13.65 106.53 -29.40
C VAL B 414 -14.62 107.66 -29.74
N ILE B 415 -15.83 107.65 -29.16
CA ILE B 415 -16.81 108.69 -29.41
C ILE B 415 -16.33 110.07 -28.99
N GLU B 416 -15.22 110.14 -28.24
CA GLU B 416 -14.67 111.42 -27.79
C GLU B 416 -13.72 112.05 -28.80
N SER B 417 -13.57 111.47 -29.98
CA SER B 417 -12.65 112.01 -30.98
C SER B 417 -13.07 113.43 -31.40
N GLU B 418 -14.25 113.55 -32.00
CA GLU B 418 -14.76 114.87 -32.37
C GLU B 418 -15.28 115.65 -31.18
N LEU B 419 -15.57 114.97 -30.06
CA LEU B 419 -15.99 115.67 -28.86
C LEU B 419 -14.88 116.56 -28.31
N GLN B 420 -13.63 116.10 -28.38
CA GLN B 420 -12.49 116.93 -28.00
C GLN B 420 -12.34 118.14 -28.91
N GLY B 421 -12.97 118.12 -30.09
CA GLY B 421 -13.04 119.26 -30.97
C GLY B 421 -14.17 120.21 -30.68
N TYR B 422 -14.80 120.08 -29.51
CA TYR B 422 -15.91 120.93 -29.11
C TYR B 422 -15.57 121.81 -27.92
N LEU B 423 -14.93 121.26 -26.89
CA LEU B 423 -14.55 122.04 -25.71
C LEU B 423 -13.16 122.64 -25.88
N ALA C 181 -16.32 129.62 -39.14
CA ALA C 181 -17.19 128.71 -39.87
C ALA C 181 -17.28 127.36 -39.18
N TYR C 182 -17.08 127.35 -37.86
CA TYR C 182 -17.19 126.13 -37.08
C TYR C 182 -18.63 125.80 -36.72
N ASP C 183 -19.57 126.70 -36.98
CA ASP C 183 -20.97 126.42 -36.70
C ASP C 183 -21.45 125.21 -37.49
N GLN C 184 -20.94 125.03 -38.70
CA GLN C 184 -21.28 123.84 -39.48
C GLN C 184 -20.75 122.58 -38.81
N GLN C 185 -19.59 122.66 -38.15
CA GLN C 185 -19.06 121.50 -37.45
C GLN C 185 -20.03 121.04 -36.36
N CYS C 186 -20.58 122.00 -35.61
CA CYS C 186 -21.62 121.66 -34.65
C CYS C 186 -22.93 121.28 -35.35
N ASP C 187 -23.22 121.91 -36.49
CA ASP C 187 -24.44 121.57 -37.22
C ASP C 187 -24.38 120.14 -37.75
N GLU C 188 -23.29 119.79 -38.44
CA GLU C 188 -23.12 118.41 -38.88
C GLU C 188 -22.99 117.46 -37.71
N ALA C 189 -22.54 117.95 -36.55
CA ALA C 189 -22.37 117.10 -35.39
C ALA C 189 -23.70 116.47 -34.98
N THR C 190 -24.75 117.30 -34.90
CA THR C 190 -26.07 116.79 -34.55
C THR C 190 -26.45 115.60 -35.41
N ARG C 191 -26.18 115.70 -36.71
CA ARG C 191 -26.33 114.55 -37.58
C ARG C 191 -25.35 113.45 -37.18
N ILE C 192 -24.07 113.80 -37.03
CA ILE C 192 -23.07 112.76 -36.86
C ILE C 192 -23.26 112.03 -35.53
N PHE C 193 -23.68 112.73 -34.49
CA PHE C 193 -24.03 112.03 -33.25
C PHE C 193 -25.26 111.16 -33.42
N ALA C 194 -26.17 111.54 -34.33
CA ALA C 194 -27.20 110.60 -34.75
C ALA C 194 -26.59 109.45 -35.54
N GLU C 195 -25.59 109.76 -36.39
CA GLU C 195 -24.91 108.70 -37.13
C GLU C 195 -23.95 107.93 -36.24
N TYR C 196 -23.42 108.56 -35.19
CA TYR C 196 -22.54 107.84 -34.27
C TYR C 196 -23.29 106.70 -33.59
N HIS C 197 -24.54 106.93 -33.20
CA HIS C 197 -25.37 105.84 -32.68
C HIS C 197 -25.62 104.79 -33.75
N LYS C 198 -25.50 105.15 -35.02
CA LYS C 198 -25.62 104.20 -36.12
C LYS C 198 -24.32 103.46 -36.37
N ARG C 199 -23.26 103.78 -35.62
CA ARG C 199 -21.99 103.08 -35.69
C ARG C 199 -21.76 102.16 -34.51
N LEU C 200 -22.33 102.47 -33.34
CA LEU C 200 -22.20 101.60 -32.18
C LEU C 200 -22.73 100.20 -32.47
N GLN C 201 -23.75 100.11 -33.34
CA GLN C 201 -24.25 98.80 -33.75
C GLN C 201 -23.18 98.01 -34.49
N VAL C 202 -22.35 98.70 -35.28
CA VAL C 202 -21.32 98.06 -36.08
C VAL C 202 -20.12 97.73 -35.20
N TYR C 203 -20.23 97.99 -33.88
CA TYR C 203 -19.28 97.37 -32.92
C TYR C 203 -19.32 95.86 -32.98
N VAL C 204 -20.51 95.26 -33.01
CA VAL C 204 -20.67 93.82 -33.12
C VAL C 204 -21.64 93.52 -34.25
N ASN C 205 -21.16 92.82 -35.28
CA ASN C 205 -22.04 92.45 -36.39
C ASN C 205 -23.05 91.39 -35.97
N GLN C 206 -22.69 90.54 -35.01
CA GLN C 206 -23.70 89.69 -34.38
C GLN C 206 -24.77 90.52 -33.70
N ALA C 207 -24.43 91.75 -33.30
CA ALA C 207 -25.41 92.68 -32.75
C ALA C 207 -25.85 93.74 -33.74
N ASN C 208 -25.06 93.99 -34.79
CA ASN C 208 -25.45 94.98 -35.78
C ASN C 208 -26.74 94.58 -36.48
N ASP C 209 -26.86 93.32 -36.89
CA ASP C 209 -28.07 92.85 -37.55
C ASP C 209 -29.27 92.89 -36.61
N ALA C 210 -29.08 92.50 -35.35
CA ALA C 210 -30.19 92.47 -34.41
C ALA C 210 -30.61 93.88 -34.01
N GLN C 211 -29.64 94.79 -33.84
CA GLN C 211 -29.97 96.15 -33.42
C GLN C 211 -30.72 96.90 -34.51
N ARG C 212 -30.20 96.87 -35.74
CA ARG C 212 -30.80 97.65 -36.82
C ARG C 212 -32.21 97.16 -37.15
N SER C 213 -32.52 95.89 -36.86
CA SER C 213 -33.86 95.39 -37.09
C SER C 213 -34.88 96.12 -36.22
N VAL C 214 -34.51 96.39 -34.97
CA VAL C 214 -35.38 97.15 -34.07
C VAL C 214 -35.01 98.63 -34.00
N ASN C 215 -33.78 99.00 -34.36
CA ASN C 215 -33.37 100.39 -34.31
C ASN C 215 -34.19 101.23 -35.29
N SER C 216 -34.29 100.78 -36.53
CA SER C 216 -35.05 101.52 -37.54
C SER C 216 -36.52 101.62 -37.15
N SER C 217 -37.07 100.54 -36.59
CA SER C 217 -38.46 100.57 -36.16
C SER C 217 -38.69 101.60 -35.07
N ASN C 218 -37.79 101.67 -34.09
CA ASN C 218 -37.99 102.55 -32.95
C ASN C 218 -36.70 102.62 -32.14
N GLU C 219 -36.40 103.82 -31.62
CA GLU C 219 -35.17 103.98 -30.86
C GLU C 219 -35.27 103.36 -29.48
N VAL C 220 -36.42 103.52 -28.81
CA VAL C 220 -36.59 102.82 -27.55
C VAL C 220 -36.68 101.32 -27.76
N LEU C 221 -37.13 100.89 -28.93
CA LEU C 221 -37.03 99.48 -29.29
C LEU C 221 -35.60 99.09 -29.68
N SER C 222 -34.78 100.05 -30.09
CA SER C 222 -33.37 99.76 -30.32
C SER C 222 -32.67 99.38 -29.03
N SER C 223 -33.18 99.86 -27.88
CA SER C 223 -32.64 99.46 -26.59
C SER C 223 -32.94 98.01 -26.24
N LEU C 224 -33.83 97.36 -27.00
CA LEU C 224 -34.07 95.93 -26.79
C LEU C 224 -32.86 95.08 -27.16
N SER C 225 -31.87 95.68 -27.85
CA SER C 225 -30.62 94.97 -28.09
C SER C 225 -29.97 94.57 -26.78
N ALA C 226 -30.06 95.42 -25.76
CA ALA C 226 -29.66 95.03 -24.42
C ALA C 226 -30.46 93.83 -23.93
N ASN C 227 -31.78 93.86 -24.17
CA ASN C 227 -32.60 92.70 -23.87
C ASN C 227 -32.28 91.54 -24.81
N SER C 228 -31.99 91.84 -26.08
CA SER C 228 -31.60 90.78 -27.00
C SER C 228 -30.28 90.15 -26.58
N GLU C 229 -29.45 90.87 -25.82
CA GLU C 229 -28.28 90.24 -25.22
C GLU C 229 -28.71 89.12 -24.28
N ARG C 230 -29.89 89.27 -23.66
CA ARG C 230 -30.47 88.19 -22.88
C ARG C 230 -31.19 87.17 -23.74
N GLU C 231 -31.46 87.49 -25.01
CA GLU C 231 -32.13 86.55 -25.90
C GLU C 231 -31.24 85.33 -26.19
N ALA C 232 -29.92 85.50 -26.12
CA ALA C 232 -29.03 84.37 -26.38
C ALA C 232 -29.30 83.24 -25.38
N VAL C 233 -29.50 83.58 -24.11
CA VAL C 233 -29.91 82.57 -23.14
C VAL C 233 -31.29 82.04 -23.51
N TYR C 234 -32.21 82.92 -23.89
CA TYR C 234 -33.50 82.47 -24.39
C TYR C 234 -33.35 81.69 -25.70
N SER C 235 -32.33 82.02 -26.49
CA SER C 235 -32.07 81.25 -27.70
C SER C 235 -31.69 79.82 -27.37
N THR C 236 -31.03 79.59 -26.23
CA THR C 236 -30.74 78.24 -25.80
C THR C 236 -32.03 77.46 -25.54
N VAL C 237 -33.06 78.14 -25.03
CA VAL C 237 -34.37 77.52 -24.85
C VAL C 237 -34.96 77.14 -26.19
N LYS C 238 -34.73 77.96 -27.22
CA LYS C 238 -35.16 77.62 -28.57
C LYS C 238 -34.48 76.34 -29.05
N GLY C 239 -33.27 76.06 -28.58
CA GLY C 239 -32.60 74.84 -28.97
C GLY C 239 -33.28 73.59 -28.44
N THR C 240 -34.03 73.72 -27.35
CA THR C 240 -34.79 72.58 -26.85
C THR C 240 -35.83 72.12 -27.86
N LYS C 241 -36.51 73.07 -28.50
CA LYS C 241 -37.41 72.71 -29.60
C LYS C 241 -36.66 72.26 -30.84
N SER C 242 -35.38 72.60 -30.95
CA SER C 242 -34.53 72.14 -32.04
C SER C 242 -33.92 70.76 -31.77
N ALA C 243 -34.20 70.17 -30.60
CA ALA C 243 -33.68 68.85 -30.29
C ALA C 243 -34.23 67.79 -31.24
N ASP C 244 -35.40 68.03 -31.82
CA ASP C 244 -35.93 67.11 -32.83
C ASP C 244 -35.00 67.03 -34.04
N ASP C 245 -34.37 68.16 -34.40
CA ASP C 245 -33.36 68.12 -35.45
C ASP C 245 -32.06 67.50 -34.95
N VAL C 246 -31.76 67.65 -33.66
CA VAL C 246 -30.49 67.17 -33.12
C VAL C 246 -30.42 65.65 -33.21
N ILE C 247 -31.49 64.96 -32.82
CA ILE C 247 -31.50 63.50 -32.89
C ILE C 247 -31.41 63.04 -34.34
N LEU C 248 -32.14 63.70 -35.23
CA LEU C 248 -32.05 63.39 -36.65
C LEU C 248 -30.71 63.81 -37.25
N MET C 249 -29.99 64.71 -36.58
CA MET C 249 -28.70 65.16 -37.11
C MET C 249 -27.60 64.15 -36.83
N GLU C 250 -27.44 63.78 -35.55
CA GLU C 250 -26.35 62.88 -35.16
C GLU C 250 -26.42 61.57 -35.92
N THR C 251 -27.64 61.11 -36.26
CA THR C 251 -27.77 59.85 -36.99
C THR C 251 -27.10 59.93 -38.35
N THR C 252 -27.43 60.96 -39.14
CA THR C 252 -26.77 61.12 -40.43
C THR C 252 -25.33 61.61 -40.29
N ARG C 253 -24.99 62.23 -39.16
CA ARG C 253 -23.59 62.55 -38.89
C ARG C 253 -22.77 61.27 -38.78
N GLU C 254 -23.34 60.23 -38.17
CA GLU C 254 -22.69 58.93 -38.20
C GLU C 254 -22.75 58.32 -39.60
N ARG C 255 -23.84 58.57 -40.32
CA ARG C 255 -23.88 58.19 -41.73
C ARG C 255 -22.85 58.98 -42.53
N ASN C 256 -22.47 60.16 -42.06
CA ASN C 256 -21.44 60.93 -42.74
C ASN C 256 -20.08 60.24 -42.64
N ILE C 257 -19.78 59.64 -41.48
CA ILE C 257 -18.49 58.98 -41.30
C ILE C 257 -18.52 57.50 -41.67
N ARG C 258 -19.65 56.82 -41.44
CA ARG C 258 -19.67 55.37 -41.61
C ARG C 258 -19.40 54.96 -43.06
N ILE C 259 -19.97 55.69 -44.02
CA ILE C 259 -19.75 55.36 -45.42
C ILE C 259 -18.31 55.65 -45.82
N VAL C 260 -17.73 56.75 -45.31
CA VAL C 260 -16.37 57.12 -45.67
C VAL C 260 -15.35 56.37 -44.84
N CYS C 261 -15.78 55.39 -44.03
CA CYS C 261 -14.84 54.60 -43.23
C CYS C 261 -13.83 53.87 -44.10
N ASP C 262 -14.14 53.64 -45.38
CA ASP C 262 -13.14 53.10 -46.30
C ASP C 262 -11.93 54.02 -46.39
N LEU C 263 -12.16 55.32 -46.51
CA LEU C 263 -11.06 56.28 -46.49
C LEU C 263 -10.51 56.47 -45.08
N LEU C 264 -11.33 56.24 -44.06
CA LEU C 264 -10.89 56.34 -42.68
C LEU C 264 -9.87 55.27 -42.31
N ALA C 265 -9.71 54.24 -43.14
CA ALA C 265 -8.77 53.17 -42.89
C ALA C 265 -7.36 53.71 -42.71
N SER C 266 -6.79 54.27 -43.78
CA SER C 266 -5.39 54.67 -43.75
C SER C 266 -5.15 55.76 -42.71
N ARG C 267 -6.10 56.68 -42.54
CA ARG C 267 -5.88 57.80 -41.65
C ARG C 267 -5.95 57.40 -40.19
N MET C 268 -6.77 56.40 -39.84
CA MET C 268 -6.96 56.03 -38.44
C MET C 268 -6.33 54.69 -38.08
N ILE C 269 -6.39 53.69 -38.97
CA ILE C 269 -5.72 52.43 -38.67
C ILE C 269 -4.23 52.66 -38.44
N GLU C 270 -3.60 53.40 -39.36
CA GLU C 270 -2.23 53.84 -39.12
C GLU C 270 -2.15 54.65 -37.84
N ARG C 271 -3.14 55.52 -37.61
CA ARG C 271 -3.15 56.33 -36.40
C ARG C 271 -3.25 55.48 -35.14
N ILE C 272 -4.05 54.42 -35.18
CA ILE C 272 -4.22 53.61 -33.98
C ILE C 272 -3.06 52.63 -33.81
N ARG C 273 -2.55 52.08 -34.92
CA ARG C 273 -1.53 51.05 -34.84
C ARG C 273 -0.18 51.57 -34.37
N ASN C 274 0.09 52.86 -34.51
CA ASN C 274 1.43 53.39 -34.26
C ASN C 274 1.47 54.45 -33.19
N SER C 275 0.36 54.72 -32.50
CA SER C 275 0.33 55.77 -31.48
C SER C 275 1.33 55.46 -30.37
N PHE C 276 1.12 54.35 -29.68
CA PHE C 276 2.08 53.88 -28.68
C PHE C 276 3.23 53.09 -29.31
N PRO C 277 2.97 52.11 -30.18
CA PRO C 277 4.08 51.26 -30.66
C PRO C 277 5.16 52.00 -31.42
N ALA C 278 4.88 53.19 -31.95
CA ALA C 278 5.86 53.91 -32.74
C ALA C 278 6.23 55.28 -32.19
N TYR C 279 5.24 56.05 -31.70
CA TYR C 279 5.47 57.42 -31.28
C TYR C 279 5.63 57.57 -29.77
N GLU C 280 5.76 56.47 -29.03
CA GLU C 280 5.78 56.55 -27.56
C GLU C 280 6.86 57.50 -27.06
N GLY C 281 7.99 57.59 -27.77
CA GLY C 281 9.02 58.54 -27.37
C GLY C 281 8.53 59.98 -27.40
N ASN C 282 7.60 60.29 -28.30
CA ASN C 282 7.04 61.63 -28.42
C ASN C 282 5.52 61.64 -28.45
N GLY C 283 4.87 60.55 -28.04
CA GLY C 283 3.43 60.47 -28.14
C GLY C 283 2.69 61.46 -27.26
N ILE C 284 3.17 61.65 -26.03
CA ILE C 284 2.49 62.56 -25.11
C ILE C 284 2.52 63.99 -25.63
N CYS C 285 3.61 64.38 -26.30
CA CYS C 285 3.75 65.74 -26.80
C CYS C 285 3.20 65.91 -28.21
N SER C 286 3.42 64.93 -29.10
CA SER C 286 3.03 65.10 -30.49
C SER C 286 1.53 64.93 -30.70
N LEU C 287 0.88 64.08 -29.90
CA LEU C 287 -0.53 63.76 -30.14
C LEU C 287 -1.43 64.99 -30.08
N PRO C 288 -1.55 65.71 -28.95
CA PRO C 288 -2.54 66.78 -28.88
C PRO C 288 -2.16 68.01 -29.69
N GLU C 289 -0.99 68.05 -30.32
CA GLU C 289 -0.59 69.17 -31.14
C GLU C 289 -0.37 68.79 -32.60
N LEU C 290 0.40 67.74 -32.85
CA LEU C 290 0.75 67.34 -34.21
C LEU C 290 -0.15 66.21 -34.72
N GLU C 291 -0.21 65.11 -33.98
CA GLU C 291 -0.95 63.94 -34.45
C GLU C 291 -2.45 64.24 -34.58
N THR C 292 -3.02 64.93 -33.58
CA THR C 292 -4.44 65.27 -33.65
C THR C 292 -4.71 66.28 -34.76
N ALA C 293 -3.77 67.20 -35.01
CA ALA C 293 -3.95 68.16 -36.09
C ALA C 293 -4.07 67.47 -37.44
N LYS C 294 -3.27 66.43 -37.66
CA LYS C 294 -3.36 65.68 -38.91
C LYS C 294 -4.72 65.00 -39.04
N LEU C 295 -5.19 64.36 -37.97
CA LEU C 295 -6.50 63.74 -38.00
C LEU C 295 -7.58 64.78 -38.27
N GLY C 296 -7.48 65.95 -37.63
CA GLY C 296 -8.36 67.04 -37.98
C GLY C 296 -8.20 67.45 -39.43
N PHE C 297 -6.97 67.45 -39.93
CA PHE C 297 -6.75 67.69 -41.35
C PHE C 297 -7.37 66.57 -42.17
N GLU C 298 -7.26 65.32 -41.70
CA GLU C 298 -8.04 64.24 -42.30
C GLU C 298 -9.52 64.46 -42.07
N TYR C 299 -9.91 64.90 -40.87
CA TYR C 299 -11.27 65.33 -40.62
C TYR C 299 -11.66 66.44 -41.56
N ASP C 300 -10.73 67.37 -41.82
CA ASP C 300 -10.97 68.40 -42.82
C ASP C 300 -11.20 67.78 -44.19
N GLY C 301 -10.42 66.75 -44.54
CA GLY C 301 -10.50 66.13 -45.84
C GLY C 301 -11.59 65.10 -46.03
N GLU C 302 -11.56 64.01 -45.24
CA GLU C 302 -12.49 62.91 -45.44
C GLU C 302 -13.78 63.08 -44.64
N ILE C 303 -13.71 63.64 -43.45
CA ILE C 303 -14.89 63.83 -42.62
C ILE C 303 -15.39 65.23 -42.91
N THR C 304 -14.95 65.80 -44.03
CA THR C 304 -15.53 67.04 -44.51
C THR C 304 -17.05 66.95 -44.58
N ASP C 305 -17.59 65.74 -44.61
CA ASP C 305 -19.01 65.49 -44.42
C ASP C 305 -19.53 66.01 -43.08
N GLU C 306 -18.65 66.41 -42.17
CA GLU C 306 -19.08 66.80 -40.83
C GLU C 306 -18.50 68.11 -40.31
N MET C 307 -17.41 68.64 -40.87
CA MET C 307 -16.90 69.92 -40.39
C MET C 307 -17.91 71.03 -40.63
N LYS C 308 -18.57 71.01 -41.79
CA LYS C 308 -19.63 71.97 -42.06
C LYS C 308 -20.75 71.84 -41.04
N THR C 309 -21.10 70.60 -40.67
CA THR C 309 -22.18 70.39 -39.71
C THR C 309 -21.86 71.02 -38.37
N VAL C 310 -20.58 71.21 -38.05
CA VAL C 310 -20.20 71.96 -36.86
C VAL C 310 -19.68 73.35 -37.18
N ILE C 311 -19.24 73.61 -38.42
CA ILE C 311 -18.88 74.96 -38.81
C ILE C 311 -20.13 75.84 -38.89
N VAL C 312 -21.23 75.30 -39.41
CA VAL C 312 -22.49 76.03 -39.37
C VAL C 312 -22.96 76.20 -37.94
N ASN C 313 -22.52 75.31 -37.04
CA ASN C 313 -22.83 75.42 -35.62
C ASN C 313 -21.75 76.19 -34.85
N SER C 314 -20.75 76.73 -35.55
CA SER C 314 -19.72 77.49 -34.86
C SER C 314 -20.24 78.83 -34.36
N LEU C 315 -21.23 79.41 -35.05
CA LEU C 315 -21.83 80.67 -34.63
C LEU C 315 -23.24 80.52 -34.08
N ARG C 316 -24.04 79.62 -34.64
CA ARG C 316 -25.43 79.44 -34.21
C ARG C 316 -25.62 78.25 -33.28
N GLY C 317 -24.58 77.47 -33.03
CA GLY C 317 -24.68 76.31 -32.17
C GLY C 317 -24.80 76.65 -30.70
N PRO C 318 -23.75 77.23 -30.14
CA PRO C 318 -23.77 77.57 -28.69
C PRO C 318 -24.96 78.43 -28.30
N PRO C 319 -25.35 79.43 -29.11
CA PRO C 319 -26.59 80.14 -28.76
C PRO C 319 -27.83 79.27 -28.81
N LEU C 320 -27.87 78.27 -29.69
CA LEU C 320 -29.05 77.45 -29.87
C LEU C 320 -28.84 76.00 -29.48
N LEU C 321 -27.86 75.32 -30.09
CA LEU C 321 -27.78 73.88 -30.01
C LEU C 321 -27.22 73.38 -28.68
N LEU C 322 -26.32 74.15 -28.05
CA LEU C 322 -25.58 73.63 -26.91
C LEU C 322 -26.48 73.29 -25.72
N GLN C 323 -27.66 73.92 -25.63
CA GLN C 323 -28.57 73.59 -24.55
C GLN C 323 -29.10 72.16 -24.70
N ALA C 324 -29.62 71.84 -25.88
CA ALA C 324 -30.18 70.51 -26.10
C ALA C 324 -29.09 69.46 -26.29
N ILE C 325 -28.00 69.81 -26.99
CA ILE C 325 -26.95 68.84 -27.25
C ILE C 325 -26.31 68.38 -25.95
N ALA C 326 -25.92 69.32 -25.10
CA ALA C 326 -25.34 68.94 -23.82
C ALA C 326 -26.36 68.24 -22.93
N ALA C 327 -27.64 68.58 -23.08
CA ALA C 327 -28.68 67.81 -22.40
C ALA C 327 -28.79 66.42 -22.99
N TYR C 328 -28.53 66.27 -24.29
CA TYR C 328 -28.64 64.99 -24.98
C TYR C 328 -27.27 64.44 -25.39
N THR C 329 -26.19 64.97 -24.82
CA THR C 329 -24.86 64.48 -25.18
C THR C 329 -24.66 63.04 -24.75
N LEU C 330 -25.30 62.63 -23.64
CA LEU C 330 -25.28 61.22 -23.27
C LEU C 330 -26.25 60.42 -24.13
N ARG C 331 -27.38 61.02 -24.49
CA ARG C 331 -28.32 60.33 -25.38
C ARG C 331 -27.74 60.11 -26.76
N ILE C 332 -27.05 61.12 -27.32
CA ILE C 332 -26.44 60.97 -28.63
C ILE C 332 -25.20 60.08 -28.55
N LYS C 333 -24.65 59.86 -27.36
CA LYS C 333 -23.48 58.99 -27.19
C LYS C 333 -23.85 57.57 -26.78
N THR C 334 -25.12 57.29 -26.52
CA THR C 334 -25.58 55.93 -26.28
C THR C 334 -26.49 55.42 -27.39
N LEU C 335 -27.29 56.30 -27.99
CA LEU C 335 -28.01 55.95 -29.20
C LEU C 335 -27.06 55.65 -30.36
N ILE C 336 -25.82 56.14 -30.28
CA ILE C 336 -24.82 55.86 -31.29
C ILE C 336 -24.27 54.45 -31.15
N SER C 337 -24.50 53.81 -30.00
CA SER C 337 -23.83 52.56 -29.68
C SER C 337 -24.34 51.38 -30.53
N ARG C 338 -25.65 51.29 -30.72
CA ARG C 338 -26.19 50.09 -31.35
C ARG C 338 -26.05 50.04 -32.87
N GLU C 339 -25.26 50.93 -33.47
CA GLU C 339 -24.67 50.62 -34.77
C GLU C 339 -23.19 50.30 -34.70
N MET C 340 -22.45 50.90 -33.76
CA MET C 340 -21.08 50.46 -33.57
C MET C 340 -21.04 49.01 -33.12
N GLU C 341 -21.94 48.62 -32.22
CA GLU C 341 -21.99 47.24 -31.79
C GLU C 341 -22.19 46.30 -32.98
N LYS C 342 -22.94 46.73 -33.99
CA LYS C 342 -23.06 45.91 -35.19
C LYS C 342 -21.75 45.91 -35.99
N ILE C 343 -21.01 47.02 -35.96
CA ILE C 343 -19.74 47.06 -36.68
C ILE C 343 -18.56 46.75 -35.77
N ASP C 344 -18.75 46.75 -34.45
CA ASP C 344 -17.76 46.19 -33.55
C ASP C 344 -17.74 44.68 -33.61
N VAL C 345 -18.53 44.08 -34.50
CA VAL C 345 -18.52 42.64 -34.72
C VAL C 345 -17.13 42.17 -35.11
N ARG C 346 -16.30 43.07 -35.65
CA ARG C 346 -14.94 42.72 -35.99
C ARG C 346 -14.16 42.26 -34.76
N ALA C 347 -14.32 42.96 -33.64
CA ALA C 347 -13.62 42.59 -32.42
C ALA C 347 -14.50 41.84 -31.45
N ASP C 348 -15.76 42.26 -31.28
CA ASP C 348 -16.65 41.59 -30.35
C ASP C 348 -16.86 40.14 -30.74
N ALA C 349 -17.15 39.88 -32.02
CA ALA C 349 -17.31 38.51 -32.45
C ALA C 349 -15.98 37.80 -32.64
N GLU C 350 -14.88 38.53 -32.81
CA GLU C 350 -13.59 37.89 -32.97
C GLU C 350 -13.30 36.94 -31.83
N MET C 351 -13.43 37.43 -30.60
CA MET C 351 -13.27 36.55 -29.45
C MET C 351 -14.31 35.44 -29.47
N LEU C 352 -15.57 35.78 -29.76
CA LEU C 352 -16.59 34.75 -29.92
C LEU C 352 -16.21 33.78 -31.02
N ARG C 353 -15.84 34.31 -32.20
CA ARG C 353 -15.46 33.43 -33.29
C ARG C 353 -14.20 32.64 -32.95
N TYR C 354 -13.28 33.25 -32.21
CA TYR C 354 -12.10 32.51 -31.77
C TYR C 354 -12.45 31.54 -30.64
N LYS C 355 -13.21 32.02 -29.64
CA LYS C 355 -13.52 31.19 -28.48
C LYS C 355 -14.74 30.29 -28.75
N PHE C 356 -15.90 30.91 -29.00
CA PHE C 356 -17.16 30.19 -29.03
C PHE C 356 -17.28 29.25 -30.22
N GLU C 357 -16.23 29.07 -31.02
CA GLU C 357 -16.23 28.07 -32.07
C GLU C 357 -15.60 26.77 -31.61
N ASN C 358 -14.43 26.85 -30.96
CA ASN C 358 -13.73 25.65 -30.54
C ASN C 358 -14.56 24.83 -29.57
N ASN C 359 -15.19 25.49 -28.59
CA ASN C 359 -16.11 24.78 -27.72
C ASN C 359 -17.36 24.32 -28.46
N ARG C 360 -17.75 25.03 -29.51
CA ARG C 360 -18.93 24.67 -30.29
C ARG C 360 -18.67 23.48 -31.19
N VAL C 361 -17.53 23.46 -31.88
CA VAL C 361 -17.25 22.36 -32.80
C VAL C 361 -17.09 21.04 -32.07
N THR C 362 -16.77 21.08 -30.78
CA THR C 362 -16.64 19.84 -30.01
C THR C 362 -17.97 19.12 -29.87
N ASP C 363 -19.07 19.86 -29.75
CA ASP C 363 -20.38 19.26 -29.56
C ASP C 363 -21.40 19.61 -30.65
N ASN C 364 -21.14 20.62 -31.48
CA ASN C 364 -22.06 20.99 -32.55
C ASN C 364 -21.54 20.57 -33.92
N SER C 365 -20.32 21.01 -34.29
CA SER C 365 -19.75 20.54 -35.55
C SER C 365 -19.35 19.08 -35.50
N SER C 366 -19.34 18.48 -34.30
CA SER C 366 -19.16 17.04 -34.20
C SER C 366 -20.28 16.29 -34.92
N SER C 367 -21.51 16.79 -34.79
CA SER C 367 -22.67 16.22 -35.46
C SER C 367 -23.02 16.97 -36.74
N ASP C 368 -22.01 17.45 -37.46
CA ASP C 368 -22.24 18.14 -38.72
C ASP C 368 -22.92 17.20 -39.72
N VAL C 369 -23.84 17.77 -40.52
CA VAL C 369 -24.56 16.97 -41.49
C VAL C 369 -23.60 16.43 -42.55
N SER C 370 -23.91 15.25 -43.06
CA SER C 370 -23.05 14.61 -44.06
C SER C 370 -22.98 15.46 -45.32
N SER C 371 -21.79 15.49 -45.93
CA SER C 371 -21.51 16.28 -47.12
C SER C 371 -21.89 17.74 -46.91
N PRO C 372 -21.12 18.48 -46.11
CA PRO C 372 -21.44 19.90 -45.89
C PRO C 372 -21.35 20.69 -47.19
N SER C 373 -22.15 21.75 -47.27
CA SER C 373 -22.24 22.59 -48.46
C SER C 373 -22.17 24.06 -48.09
N ASN C 374 -21.19 24.41 -47.25
CA ASN C 374 -20.98 25.79 -46.83
C ASN C 374 -19.50 26.13 -46.91
N ASN C 375 -19.21 27.42 -46.97
CA ASN C 375 -17.83 27.88 -47.09
C ASN C 375 -17.01 27.53 -45.85
N GLN C 376 -17.63 27.61 -44.67
CA GLN C 376 -16.91 27.37 -43.43
C GLN C 376 -16.36 25.94 -43.36
N LEU C 377 -17.12 24.96 -43.88
CA LEU C 377 -16.67 23.57 -43.92
C LEU C 377 -16.22 23.16 -45.31
N LEU C 378 -16.00 24.12 -46.22
CA LEU C 378 -15.57 23.78 -47.57
C LEU C 378 -14.19 23.13 -47.57
N GLU C 379 -13.27 23.67 -46.79
CA GLU C 379 -11.95 23.07 -46.69
C GLU C 379 -12.02 21.67 -46.11
N ARG C 380 -12.97 21.43 -45.19
CA ARG C 380 -13.21 20.08 -44.71
C ARG C 380 -13.70 19.18 -45.84
N GLN C 381 -14.61 19.70 -46.67
CA GLN C 381 -15.06 18.95 -47.84
C GLN C 381 -13.91 18.72 -48.81
N LYS C 382 -12.97 19.66 -48.90
CA LYS C 382 -11.76 19.43 -49.68
C LYS C 382 -11.02 18.21 -49.15
N ALA C 383 -10.91 18.08 -47.83
CA ALA C 383 -10.34 16.87 -47.25
C ALA C 383 -11.20 15.66 -47.60
N HIS C 384 -12.53 15.81 -47.54
CA HIS C 384 -13.42 14.67 -47.77
C HIS C 384 -13.23 14.11 -49.17
N VAL C 385 -13.29 14.96 -50.19
CA VAL C 385 -13.08 14.48 -51.55
C VAL C 385 -11.64 14.01 -51.73
N GLN C 386 -10.70 14.68 -51.06
CA GLN C 386 -9.31 14.21 -51.10
C GLN C 386 -9.15 12.92 -50.31
N GLN C 387 -9.94 12.76 -49.24
CA GLN C 387 -10.01 11.47 -48.56
C GLN C 387 -10.67 10.42 -49.44
N PHE C 388 -11.56 10.84 -50.34
CA PHE C 388 -12.26 9.90 -51.20
C PHE C 388 -11.30 9.15 -52.12
N LEU C 389 -10.16 9.76 -52.45
CA LEU C 389 -9.16 9.12 -53.28
C LEU C 389 -8.00 8.52 -52.49
N ALA C 390 -7.57 9.21 -51.42
CA ALA C 390 -6.41 8.75 -50.67
C ALA C 390 -6.67 7.39 -50.02
N THR C 391 -7.87 7.20 -49.47
CA THR C 391 -8.19 5.92 -48.84
C THR C 391 -8.15 4.78 -49.84
N GLU C 392 -8.65 5.04 -51.06
CA GLU C 392 -8.64 4.00 -52.09
C GLU C 392 -7.23 3.57 -52.45
N ASP C 393 -6.30 4.53 -52.51
CA ASP C 393 -4.91 4.26 -52.83
C ASP C 393 -4.01 4.30 -51.61
N ALA C 394 -4.57 4.08 -50.42
CA ALA C 394 -3.80 4.21 -49.19
C ALA C 394 -2.67 3.18 -49.12
N LEU C 395 -3.02 1.89 -49.08
CA LEU C 395 -2.01 0.85 -48.89
C LEU C 395 -1.02 0.82 -50.04
N ASN C 396 -1.51 1.00 -51.27
CA ASN C 396 -0.61 1.00 -52.41
C ASN C 396 0.39 2.14 -52.34
N LYS C 397 -0.06 3.31 -51.86
CA LYS C 397 0.86 4.43 -51.69
C LYS C 397 1.96 4.11 -50.68
N ALA C 398 1.59 3.50 -49.55
CA ALA C 398 2.59 3.08 -48.58
C ALA C 398 3.42 1.91 -49.06
N ALA C 399 3.03 1.26 -50.17
CA ALA C 399 3.73 0.10 -50.68
C ALA C 399 4.04 0.26 -52.17
N GLU C 400 4.29 1.50 -52.62
CA GLU C 400 4.63 1.71 -54.02
C GLU C 400 5.90 0.97 -54.39
N ALA C 401 6.89 0.95 -53.50
CA ALA C 401 8.06 0.11 -53.71
C ALA C 401 7.67 -1.36 -53.68
N ARG C 402 6.77 -1.74 -52.79
CA ARG C 402 6.31 -3.12 -52.74
C ARG C 402 5.44 -3.50 -53.92
N ASP C 403 5.03 -2.52 -54.74
CA ASP C 403 4.27 -2.83 -55.94
C ASP C 403 5.08 -3.70 -56.90
N LEU C 404 6.36 -3.39 -57.08
CA LEU C 404 7.22 -4.21 -57.92
C LEU C 404 7.55 -5.54 -57.27
N CYS C 405 7.41 -5.65 -55.94
CA CYS C 405 7.62 -6.93 -55.28
C CYS C 405 6.60 -7.96 -55.75
N HIS C 406 5.33 -7.55 -55.87
CA HIS C 406 4.33 -8.42 -56.47
C HIS C 406 4.56 -8.59 -57.96
N LYS C 407 5.07 -7.54 -58.63
CA LYS C 407 5.49 -7.69 -60.01
C LYS C 407 6.66 -8.66 -60.13
N PHE C 408 7.58 -8.61 -59.18
CA PHE C 408 8.67 -9.59 -59.13
C PHE C 408 8.12 -11.00 -58.99
N ILE C 409 7.10 -11.16 -58.15
CA ILE C 409 6.41 -12.45 -58.05
C ILE C 409 5.80 -12.81 -59.40
N ASN C 410 5.27 -11.82 -60.11
CA ASN C 410 4.72 -12.07 -61.44
C ASN C 410 5.80 -12.59 -62.39
N ARG C 411 7.05 -12.17 -62.21
CA ARG C 411 8.13 -12.77 -62.97
C ARG C 411 8.31 -14.25 -62.63
N LEU C 412 8.19 -14.58 -61.33
CA LEU C 412 8.19 -15.99 -60.94
C LEU C 412 6.97 -16.70 -61.51
N HIS C 413 5.81 -16.03 -61.51
CA HIS C 413 4.62 -16.61 -62.12
C HIS C 413 4.75 -16.77 -63.62
N GLY C 414 5.69 -16.06 -64.25
CA GLY C 414 5.89 -16.22 -65.69
C GLY C 414 6.39 -17.60 -66.06
N SER C 415 7.06 -18.29 -65.14
CA SER C 415 7.47 -19.67 -65.39
C SER C 415 6.25 -20.57 -65.61
N ALA C 416 5.21 -20.40 -64.79
CA ALA C 416 3.97 -21.13 -65.01
C ALA C 416 3.30 -20.71 -66.31
N ASP C 417 3.34 -19.41 -66.62
CA ASP C 417 2.78 -18.93 -67.88
C ASP C 417 3.52 -19.50 -69.07
N THR C 418 4.85 -19.59 -68.98
CA THR C 418 5.63 -20.20 -70.05
C THR C 418 5.27 -21.67 -70.23
N ALA C 419 5.10 -22.40 -69.12
CA ALA C 419 4.73 -23.81 -69.20
C ALA C 419 3.31 -24.00 -69.73
N THR C 420 2.46 -22.97 -69.65
CA THR C 420 1.10 -23.09 -70.18
C THR C 420 1.13 -23.26 -71.70
N HIS C 421 2.02 -22.55 -72.38
CA HIS C 421 2.15 -22.59 -73.83
C HIS C 421 3.25 -23.56 -74.28
N SER C 422 3.44 -24.66 -73.54
CA SER C 422 4.48 -25.62 -73.89
C SER C 422 4.21 -26.30 -75.22
N PHE C 423 2.95 -26.35 -75.66
CA PHE C 423 2.63 -26.95 -76.96
C PHE C 423 3.12 -26.11 -78.13
N VAL C 424 3.47 -24.85 -77.90
CA VAL C 424 4.06 -24.00 -78.94
C VAL C 424 5.57 -23.95 -78.72
N GLY C 425 5.99 -24.07 -77.47
CA GLY C 425 7.41 -23.98 -77.13
C GLY C 425 8.24 -25.16 -77.58
N GLY C 426 7.61 -26.21 -78.13
CA GLY C 426 8.35 -27.35 -78.62
C GLY C 426 9.26 -27.03 -79.80
N THR C 427 8.99 -25.92 -80.50
CA THR C 427 9.86 -25.53 -81.61
C THR C 427 11.27 -25.23 -81.12
N THR C 428 11.39 -24.54 -79.99
CA THR C 428 12.71 -24.27 -79.42
C THR C 428 13.31 -25.54 -78.81
N GLN C 429 12.46 -26.48 -78.38
CA GLN C 429 12.96 -27.72 -77.81
C GLN C 429 13.70 -28.55 -78.84
N SER C 430 13.34 -28.42 -80.12
CA SER C 430 14.03 -29.15 -81.18
C SER C 430 15.49 -28.72 -81.28
N GLY C 431 15.76 -27.43 -81.18
CA GLY C 431 17.12 -26.93 -81.25
C GLY C 431 17.91 -27.17 -79.97
N SER C 432 18.18 -28.44 -79.68
CA SER C 432 18.93 -28.77 -78.47
C SER C 432 20.32 -28.14 -78.49
N ASN C 433 20.98 -28.17 -79.64
CA ASN C 433 22.27 -27.51 -79.79
C ASN C 433 22.17 -25.99 -79.71
N LEU C 434 20.95 -25.44 -79.77
CA LEU C 434 20.73 -24.01 -79.58
C LEU C 434 19.90 -23.67 -78.36
N ARG C 435 19.35 -24.66 -77.66
CA ARG C 435 18.48 -24.41 -76.52
C ARG C 435 19.23 -23.81 -75.34
N GLN C 436 20.55 -23.95 -75.30
CA GLN C 436 21.32 -23.63 -74.10
C GLN C 436 21.21 -22.16 -73.71
N PHE C 437 21.29 -21.26 -74.69
CA PHE C 437 21.45 -19.83 -74.40
C PHE C 437 20.18 -19.01 -74.60
N GLU C 438 19.22 -19.49 -75.39
CA GLU C 438 18.06 -18.68 -75.71
C GLU C 438 17.19 -18.38 -74.49
N LEU C 439 17.29 -19.19 -73.44
CA LEU C 439 16.47 -18.95 -72.25
C LEU C 439 16.75 -17.57 -71.66
N ASP C 440 18.03 -17.27 -71.42
CA ASP C 440 18.38 -15.95 -70.94
C ASP C 440 18.22 -14.88 -72.03
N VAL C 441 18.21 -15.30 -73.30
CA VAL C 441 17.88 -14.36 -74.37
C VAL C 441 16.47 -13.83 -74.17
N TRP C 442 15.54 -14.72 -73.82
CA TRP C 442 14.22 -14.27 -73.38
C TRP C 442 14.28 -13.46 -72.10
N GLY C 443 15.39 -13.52 -71.37
CA GLY C 443 15.50 -12.81 -70.11
C GLY C 443 15.29 -11.32 -70.22
N LYS C 444 15.50 -10.73 -71.40
CA LYS C 444 15.21 -9.31 -71.58
C LYS C 444 13.77 -9.01 -71.24
N GLU C 445 12.83 -9.74 -71.83
CA GLU C 445 11.44 -9.57 -71.48
C GLU C 445 11.16 -10.09 -70.07
N ARG C 446 11.95 -11.06 -69.61
CA ARG C 446 11.77 -11.55 -68.25
C ARG C 446 12.12 -10.48 -67.21
N GLU C 447 12.84 -9.45 -67.63
CA GLU C 447 13.24 -8.37 -66.74
C GLU C 447 12.70 -7.01 -67.14
N ALA C 448 12.72 -6.68 -68.43
CA ALA C 448 12.31 -5.34 -68.86
C ALA C 448 10.80 -5.14 -68.85
N ALA C 449 10.02 -6.21 -69.08
CA ALA C 449 8.58 -6.06 -69.17
C ALA C 449 7.98 -5.57 -67.85
N GLY C 450 8.34 -6.22 -66.74
CA GLY C 450 7.88 -5.76 -65.45
C GLY C 450 8.59 -4.52 -64.94
N LEU C 451 9.80 -4.26 -65.45
CA LEU C 451 10.57 -3.10 -65.00
C LEU C 451 9.95 -1.81 -65.49
N ARG C 452 9.61 -1.74 -66.79
CA ARG C 452 9.09 -0.51 -67.36
C ARG C 452 7.72 -0.17 -66.80
N ALA C 453 6.87 -1.18 -66.60
CA ALA C 453 5.54 -0.94 -66.05
C ALA C 453 5.56 -0.62 -64.56
N SER C 454 6.68 -0.82 -63.89
CA SER C 454 6.81 -0.50 -62.48
C SER C 454 7.34 0.91 -62.22
N LEU C 455 7.65 1.66 -63.28
CA LEU C 455 8.16 3.01 -63.12
C LEU C 455 7.06 4.03 -62.85
N ASN C 456 5.79 3.63 -62.91
CA ASN C 456 4.69 4.56 -62.67
C ASN C 456 4.50 4.82 -61.17
N THR C 457 4.27 3.76 -60.39
CA THR C 457 4.01 3.94 -58.97
C THR C 457 5.24 4.44 -58.22
N LEU C 458 6.43 4.00 -58.63
CA LEU C 458 7.65 4.49 -57.98
C LEU C 458 7.83 5.99 -58.20
N LEU C 459 7.52 6.47 -59.41
CA LEU C 459 7.61 7.90 -59.69
C LEU C 459 6.64 8.70 -58.84
N SER C 460 5.56 8.08 -58.35
CA SER C 460 4.58 8.80 -57.55
C SER C 460 5.16 9.25 -56.21
N GLU C 461 6.15 8.53 -55.67
CA GLU C 461 6.76 8.89 -54.41
C GLU C 461 8.21 9.33 -54.53
N ILE C 462 8.88 9.00 -55.62
CA ILE C 462 10.27 9.42 -55.80
C ILE C 462 10.36 10.94 -55.91
N GLN C 463 9.36 11.56 -56.57
CA GLN C 463 9.36 13.02 -56.71
C GLN C 463 9.30 13.73 -55.37
N ARG C 464 8.75 13.07 -54.35
CA ARG C 464 8.67 13.65 -53.01
C ARG C 464 9.76 13.16 -52.07
N LEU C 465 10.31 11.97 -52.31
CA LEU C 465 11.35 11.45 -51.43
C LEU C 465 12.63 12.27 -51.51
N ASN C 466 13.00 12.73 -52.72
CA ASN C 466 14.22 13.50 -52.88
C ASN C 466 14.17 14.85 -52.19
N LYS C 467 12.98 15.37 -51.91
CA LYS C 467 12.82 16.65 -51.23
C LYS C 467 12.06 16.50 -49.90
N LEU C 468 12.03 15.28 -49.35
CA LEU C 468 11.30 15.06 -48.11
C LEU C 468 11.91 15.82 -46.95
N CYS C 469 13.22 16.06 -46.98
CA CYS C 469 13.88 16.82 -45.92
C CYS C 469 13.47 18.29 -45.90
N ALA C 470 12.81 18.77 -46.95
CA ALA C 470 12.34 20.15 -47.01
C ALA C 470 10.83 20.29 -47.05
N GLU C 471 10.12 19.31 -47.62
CA GLU C 471 8.66 19.41 -47.70
C GLU C 471 8.01 19.22 -46.33
N ARG C 472 8.59 18.37 -45.48
CA ARG C 472 8.02 18.15 -44.16
C ARG C 472 8.03 19.44 -43.33
N LYS C 473 9.07 20.25 -43.49
CA LYS C 473 9.09 21.55 -42.82
C LYS C 473 7.94 22.42 -43.30
N GLU C 474 7.62 22.37 -44.59
CA GLU C 474 6.47 23.10 -45.11
C GLU C 474 5.17 22.59 -44.49
N ALA C 475 5.06 21.28 -44.31
CA ALA C 475 3.85 20.70 -43.73
C ALA C 475 3.63 21.20 -42.30
N GLU C 476 4.70 21.24 -41.50
CA GLU C 476 4.58 21.75 -40.14
C GLU C 476 4.43 23.26 -40.13
N ASP C 477 4.95 23.94 -41.16
CA ASP C 477 4.85 25.40 -41.21
C ASP C 477 3.40 25.87 -41.23
N SER C 478 2.51 25.08 -41.82
CA SER C 478 1.09 25.43 -41.82
C SER C 478 0.54 25.49 -40.40
N LEU C 479 0.91 24.51 -39.57
CA LEU C 479 0.53 24.56 -38.16
C LEU C 479 1.18 25.76 -37.47
N LYS C 480 2.44 26.03 -37.78
CA LYS C 480 3.11 27.19 -37.21
C LYS C 480 2.46 28.49 -37.68
N LYS C 481 2.05 28.54 -38.95
CA LYS C 481 1.36 29.73 -39.46
C LYS C 481 0.08 29.98 -38.69
N LYS C 482 -0.60 28.93 -38.24
CA LYS C 482 -1.74 29.11 -37.35
C LYS C 482 -1.31 29.81 -36.07
N TRP C 483 -0.19 29.36 -35.48
CA TRP C 483 0.37 30.06 -34.34
C TRP C 483 0.93 31.42 -34.76
N LYS C 484 1.45 31.51 -35.99
CA LYS C 484 1.85 32.81 -36.52
C LYS C 484 0.63 33.72 -36.67
N LYS C 485 -0.49 33.17 -37.13
CA LYS C 485 -1.73 33.94 -37.12
C LYS C 485 -2.13 34.30 -35.70
N ILE C 486 -1.92 33.38 -34.75
CA ILE C 486 -2.15 33.68 -33.34
C ILE C 486 -1.25 34.83 -32.91
N GLU C 487 0.01 34.83 -33.37
CA GLU C 487 0.92 35.92 -33.03
C GLU C 487 0.41 37.26 -33.56
N GLU C 488 -0.13 37.26 -34.79
CA GLU C 488 -0.70 38.49 -35.33
C GLU C 488 -1.88 38.96 -34.50
N PHE C 489 -2.73 38.03 -34.05
CA PHE C 489 -3.90 38.41 -33.27
C PHE C 489 -3.50 38.98 -31.91
N ASP C 490 -2.64 38.26 -31.17
CA ASP C 490 -2.23 38.76 -29.86
C ASP C 490 -1.39 40.02 -29.98
N ALA C 491 -0.80 40.26 -31.16
CA ALA C 491 -0.12 41.53 -31.38
C ALA C 491 -1.11 42.69 -31.32
N ARG C 492 -2.26 42.55 -31.96
CA ARG C 492 -3.23 43.64 -32.00
C ARG C 492 -3.88 43.86 -30.64
N ARG C 493 -4.30 42.78 -29.96
CA ARG C 493 -4.95 42.94 -28.67
C ARG C 493 -4.01 43.60 -27.66
N SER C 494 -2.76 43.15 -27.62
CA SER C 494 -1.76 43.85 -26.82
C SER C 494 -1.58 45.27 -27.33
N GLU C 495 -1.49 45.43 -28.65
CA GLU C 495 -1.46 46.77 -29.22
C GLU C 495 -2.76 47.51 -28.96
N LEU C 496 -3.86 46.78 -28.77
CA LEU C 496 -5.11 47.43 -28.39
C LEU C 496 -5.01 48.02 -26.99
N GLU C 497 -4.34 47.32 -26.07
CA GLU C 497 -4.14 47.89 -24.74
C GLU C 497 -3.26 49.13 -24.81
N THR C 498 -2.38 49.21 -25.80
CA THR C 498 -1.47 50.35 -25.91
C THR C 498 -2.23 51.64 -26.18
N ILE C 499 -3.22 51.60 -27.08
CA ILE C 499 -3.94 52.83 -27.39
C ILE C 499 -4.81 53.25 -26.21
N TYR C 500 -5.33 52.30 -25.44
CA TYR C 500 -6.16 52.66 -24.29
C TYR C 500 -5.39 53.49 -23.28
N THR C 501 -4.12 53.14 -23.04
CA THR C 501 -3.25 53.99 -22.24
C THR C 501 -3.06 55.35 -22.91
N THR C 502 -2.90 55.36 -24.23
CA THR C 502 -2.91 56.63 -24.95
C THR C 502 -4.28 57.28 -24.91
N LEU C 503 -5.34 56.46 -24.92
CA LEU C 503 -6.69 57.00 -24.77
C LEU C 503 -6.88 57.62 -23.39
N LEU C 504 -6.13 57.16 -22.39
CA LEU C 504 -6.11 57.86 -21.11
C LEU C 504 -5.53 59.26 -21.28
N LYS C 505 -4.47 59.39 -22.08
CA LYS C 505 -3.97 60.71 -22.43
C LYS C 505 -4.99 61.52 -23.22
N ALA C 506 -5.82 60.84 -24.02
CA ALA C 506 -6.93 61.52 -24.68
C ALA C 506 -7.93 62.03 -23.65
N ASN C 507 -8.18 61.24 -22.60
CA ASN C 507 -8.93 61.75 -21.47
C ASN C 507 -8.16 62.89 -20.79
N MET C 508 -6.84 62.75 -20.68
CA MET C 508 -6.03 63.84 -20.18
C MET C 508 -6.09 65.05 -21.11
N ASP C 509 -6.32 64.82 -22.41
CA ASP C 509 -6.56 65.95 -23.30
C ASP C 509 -7.84 66.68 -22.89
N ALA C 510 -8.87 65.94 -22.49
CA ALA C 510 -10.04 66.57 -21.88
C ALA C 510 -9.69 67.23 -20.56
N VAL C 511 -8.58 66.83 -19.94
CA VAL C 511 -8.07 67.52 -18.76
C VAL C 511 -6.99 68.55 -19.12
N ALA C 512 -6.48 68.51 -20.36
CA ALA C 512 -5.40 69.39 -20.82
C ALA C 512 -5.85 70.81 -21.10
N PHE C 513 -7.02 71.23 -20.61
CA PHE C 513 -7.52 72.58 -20.84
C PHE C 513 -6.61 73.64 -20.24
N TRP C 514 -5.56 73.22 -19.54
CA TRP C 514 -4.56 74.17 -19.03
C TRP C 514 -3.92 74.95 -20.17
N ASN C 515 -3.86 74.37 -21.37
CA ASN C 515 -3.26 75.06 -22.51
C ASN C 515 -4.06 76.28 -22.91
N GLN C 516 -5.38 76.19 -22.86
CA GLN C 516 -6.27 77.28 -23.26
C GLN C 516 -6.56 78.25 -22.12
N GLN C 517 -6.01 78.01 -20.93
CA GLN C 517 -6.25 78.91 -19.80
C GLN C 517 -5.77 80.34 -20.05
N PRO C 518 -4.56 80.58 -20.58
CA PRO C 518 -4.17 81.98 -20.84
C PRO C 518 -5.10 82.71 -21.80
N LEU C 519 -5.71 82.00 -22.75
CA LEU C 519 -6.69 82.62 -23.63
C LEU C 519 -7.92 83.09 -22.86
N ALA C 520 -8.21 82.48 -21.71
CA ALA C 520 -9.27 82.95 -20.84
C ALA C 520 -8.78 83.91 -19.77
N ALA C 521 -7.48 83.87 -19.45
CA ALA C 521 -6.92 84.82 -18.49
C ALA C 521 -7.00 86.24 -19.02
N ARG C 522 -6.73 86.42 -20.32
CA ARG C 522 -6.86 87.75 -20.92
C ARG C 522 -8.31 88.23 -20.91
N GLU C 523 -9.26 87.30 -20.92
CA GLU C 523 -10.67 87.69 -20.81
C GLU C 523 -10.97 88.32 -19.46
N TYR C 524 -10.47 87.69 -18.38
CA TYR C 524 -10.71 88.23 -17.04
C TYR C 524 -9.84 89.43 -16.73
N ALA C 525 -8.66 89.53 -17.36
CA ALA C 525 -7.76 90.65 -17.07
C ALA C 525 -8.25 91.95 -17.68
N SER C 526 -9.01 91.89 -18.77
CA SER C 526 -9.48 93.10 -19.44
C SER C 526 -10.70 93.71 -18.77
N ALA C 527 -11.27 93.06 -17.76
CA ALA C 527 -12.46 93.57 -17.06
C ALA C 527 -12.04 94.67 -16.09
N THR C 528 -11.77 95.84 -16.65
CA THR C 528 -11.39 97.00 -15.86
C THR C 528 -12.62 97.84 -15.52
N VAL C 529 -12.47 98.69 -14.51
CA VAL C 529 -13.55 99.54 -14.03
C VAL C 529 -13.38 100.95 -14.57
N ILE C 530 -12.15 101.37 -14.92
CA ILE C 530 -11.84 102.82 -15.06
C ILE C 530 -12.33 103.46 -16.36
N PRO C 531 -12.30 102.82 -17.54
CA PRO C 531 -12.89 103.49 -18.72
C PRO C 531 -14.39 103.71 -18.61
N ALA C 532 -15.08 103.02 -17.70
CA ALA C 532 -16.52 103.19 -17.57
C ALA C 532 -16.87 104.60 -17.12
N SER C 533 -16.07 105.18 -16.22
CA SER C 533 -16.34 106.53 -15.74
C SER C 533 -16.05 107.57 -16.82
N GLU C 534 -15.06 107.33 -17.68
CA GLU C 534 -14.67 108.31 -18.68
C GLU C 534 -15.77 108.51 -19.72
N VAL C 535 -16.41 107.43 -20.17
CA VAL C 535 -17.42 107.55 -21.22
C VAL C 535 -18.70 108.21 -20.71
N VAL C 536 -18.91 108.25 -19.39
CA VAL C 536 -20.14 108.82 -18.85
C VAL C 536 -20.28 110.28 -19.26
N VAL C 537 -19.23 111.08 -19.03
CA VAL C 537 -19.26 112.45 -19.51
C VAL C 537 -19.30 112.48 -21.03
N ASP C 538 -18.61 111.54 -21.67
CA ASP C 538 -18.54 111.54 -23.13
C ASP C 538 -19.93 111.41 -23.75
N ILE C 539 -20.70 110.42 -23.31
CA ILE C 539 -22.08 110.33 -23.79
C ILE C 539 -22.88 111.51 -23.27
N SER C 540 -22.56 112.00 -22.08
CA SER C 540 -23.23 113.20 -21.58
C SER C 540 -22.97 114.38 -22.50
N ASN C 541 -21.72 114.55 -22.95
CA ASN C 541 -21.43 115.57 -23.94
C ASN C 541 -22.08 115.24 -25.28
N SER C 542 -22.04 113.97 -25.68
CA SER C 542 -22.51 113.59 -27.02
C SER C 542 -24.02 113.61 -27.11
N ALA C 543 -24.71 113.09 -26.10
CA ALA C 543 -26.17 113.10 -26.14
C ALA C 543 -26.73 114.50 -26.01
N LYS C 544 -25.99 115.41 -25.38
CA LYS C 544 -26.48 116.79 -25.22
C LYS C 544 -26.68 117.47 -26.57
N ASP C 545 -25.90 117.09 -27.58
CA ASP C 545 -25.99 117.72 -28.88
C ASP C 545 -27.32 117.47 -29.57
N PHE C 546 -28.10 116.49 -29.09
CA PHE C 546 -29.36 116.14 -29.73
C PHE C 546 -30.46 117.15 -29.41
N ILE C 547 -30.44 117.75 -28.22
CA ILE C 547 -31.51 118.67 -27.83
C ILE C 547 -31.40 119.98 -28.61
N GLU C 548 -30.20 120.33 -29.06
CA GLU C 548 -29.99 121.59 -29.77
C GLU C 548 -30.51 121.57 -31.20
N LYS C 549 -30.94 120.40 -31.69
CA LYS C 549 -31.36 120.27 -33.08
C LYS C 549 -32.56 121.15 -33.42
N GLU C 550 -33.33 121.56 -32.42
CA GLU C 550 -34.54 122.34 -32.67
C GLU C 550 -34.25 123.63 -33.43
N VAL C 551 -33.01 124.10 -33.39
CA VAL C 551 -32.60 125.28 -34.14
C VAL C 551 -32.84 125.04 -35.63
N MET D 1 -1.34 -32.16 50.23
CA MET D 1 -2.09 -33.16 51.00
C MET D 1 -1.34 -34.47 51.28
N THR D 2 -1.66 -35.04 52.45
CA THR D 2 -1.50 -36.46 52.79
C THR D 2 -0.06 -36.85 53.15
N MET D 3 0.85 -35.90 53.45
CA MET D 3 2.17 -36.33 53.93
C MET D 3 2.04 -37.05 55.25
N ASP D 4 1.21 -36.51 56.14
CA ASP D 4 1.02 -37.13 57.44
C ASP D 4 0.64 -38.59 57.29
N ARG D 5 -0.31 -38.88 56.41
CA ARG D 5 -0.55 -40.27 56.04
C ARG D 5 0.67 -40.88 55.36
N GLU D 6 1.26 -40.17 54.40
CA GLU D 6 2.47 -40.65 53.74
C GLU D 6 3.62 -40.81 54.73
N LYS D 7 3.79 -39.85 55.64
CA LYS D 7 4.75 -40.03 56.73
C LYS D 7 4.33 -41.17 57.63
N GLU D 8 3.02 -41.27 57.92
CA GLU D 8 2.50 -42.47 58.57
C GLU D 8 2.74 -43.70 57.69
N ARG D 9 2.54 -43.55 56.38
CA ARG D 9 2.94 -44.61 55.46
C ARG D 9 4.45 -44.81 55.49
N GLU D 10 5.21 -43.72 55.54
CA GLU D 10 6.66 -43.82 55.66
C GLU D 10 7.05 -44.50 56.98
N LEU D 11 6.32 -44.21 58.06
CA LEU D 11 6.55 -44.93 59.31
C LEU D 11 6.27 -46.42 59.14
N GLU D 12 5.21 -46.76 58.40
CA GLU D 12 4.94 -48.17 58.13
C GLU D 12 6.03 -48.80 57.29
N LEU D 13 6.63 -48.03 56.37
CA LEU D 13 7.76 -48.54 55.60
C LEU D 13 8.91 -48.95 56.52
N GLU D 14 9.23 -48.10 57.50
CA GLU D 14 10.26 -48.43 58.47
C GLU D 14 9.75 -49.42 59.52
N SER D 15 8.43 -49.51 59.70
CA SER D 15 7.88 -50.33 60.78
C SER D 15 8.21 -51.81 60.59
N ALA D 16 8.12 -52.30 59.35
CA ALA D 16 8.35 -53.73 59.11
C ALA D 16 9.77 -54.13 59.48
N MET D 17 10.76 -53.40 58.97
CA MET D 17 12.15 -53.75 59.24
C MET D 17 12.56 -53.39 60.66
N TYR D 18 12.13 -52.24 61.16
CA TYR D 18 12.56 -51.80 62.48
C TYR D 18 11.80 -52.46 63.62
N THR D 19 10.76 -53.25 63.32
CA THR D 19 10.13 -54.05 64.37
C THR D 19 11.12 -55.03 64.95
N ASN D 20 11.94 -55.66 64.10
CA ASN D 20 13.05 -56.48 64.59
C ASN D 20 14.04 -55.63 65.37
N CYS D 21 14.29 -54.40 64.90
CA CYS D 21 15.20 -53.50 65.60
C CYS D 21 14.72 -53.18 67.01
N LEU D 22 13.42 -53.32 67.28
CA LEU D 22 12.96 -53.16 68.66
C LEU D 22 13.60 -54.21 69.56
N LEU D 23 13.79 -55.41 69.04
CA LEU D 23 14.38 -56.50 69.81
C LEU D 23 15.80 -56.83 69.39
N LEU D 24 16.15 -56.67 68.11
CA LEU D 24 17.50 -56.95 67.64
C LEU D 24 18.32 -55.70 67.41
N GLY D 25 17.72 -54.52 67.53
CA GLY D 25 18.50 -53.29 67.48
C GLY D 25 18.39 -52.44 68.74
N LEU D 26 17.23 -52.48 69.40
CA LEU D 26 17.02 -51.68 70.59
C LEU D 26 17.34 -52.44 71.87
N ASP D 27 16.83 -53.66 71.99
CA ASP D 27 17.19 -54.50 73.13
C ASP D 27 18.68 -54.82 73.22
N PRO D 28 19.38 -55.19 72.14
CA PRO D 28 20.78 -55.64 72.32
C PRO D 28 21.68 -54.60 72.96
N ASN D 29 21.48 -53.31 72.67
CA ASN D 29 22.43 -52.31 73.13
C ASN D 29 22.50 -52.28 74.65
N VAL D 30 21.35 -52.34 75.32
CA VAL D 30 21.35 -52.30 76.78
C VAL D 30 21.95 -53.58 77.34
N ILE D 31 21.69 -54.73 76.69
CA ILE D 31 22.37 -55.94 77.11
C ILE D 31 23.76 -56.02 76.49
N GLY D 32 24.01 -55.29 75.40
CA GLY D 32 25.37 -55.22 74.87
C GLY D 32 26.31 -54.54 75.84
N LEU D 33 25.88 -53.41 76.41
CA LEU D 33 26.64 -52.82 77.51
C LEU D 33 26.51 -53.66 78.77
N GLY D 34 25.48 -54.50 78.86
CA GLY D 34 25.35 -55.46 79.94
C GLY D 34 26.03 -56.79 79.68
N ALA D 35 26.66 -56.95 78.52
CA ALA D 35 27.42 -58.17 78.20
C ALA D 35 28.91 -57.95 78.36
N SER D 36 29.46 -56.90 77.73
CA SER D 36 30.86 -56.57 77.94
C SER D 36 31.14 -56.28 79.40
N ASN D 37 30.25 -55.53 80.05
CA ASN D 37 30.25 -55.38 81.49
C ASN D 37 29.45 -56.47 82.18
N GLY D 38 29.25 -57.60 81.51
CA GLY D 38 28.53 -58.70 82.14
C GLY D 38 29.21 -59.21 83.39
N THR D 39 30.52 -59.42 83.32
CA THR D 39 31.25 -59.91 84.48
C THR D 39 31.09 -59.01 85.70
N PRO D 40 31.13 -57.68 85.61
CA PRO D 40 30.75 -56.88 86.78
C PRO D 40 29.35 -57.15 87.27
N ARG D 41 28.41 -57.48 86.39
CA ARG D 41 27.02 -57.59 86.82
C ARG D 41 26.57 -59.03 87.07
N VAL D 42 27.23 -60.02 86.47
CA VAL D 42 26.79 -61.40 86.64
C VAL D 42 26.90 -61.86 88.09
N GLY D 43 27.72 -61.17 88.90
CA GLY D 43 27.84 -61.51 90.30
C GLY D 43 26.52 -61.52 91.02
N LEU D 44 25.90 -60.36 91.17
CA LEU D 44 24.57 -60.30 91.78
C LEU D 44 23.51 -60.86 90.84
N PHE D 45 23.80 -60.86 89.53
CA PHE D 45 22.84 -61.36 88.55
C PHE D 45 22.55 -62.84 88.75
N ARG D 46 23.56 -63.61 89.14
CA ARG D 46 23.46 -65.06 89.21
C ARG D 46 22.85 -65.55 90.52
N HIS D 47 22.23 -64.68 91.30
CA HIS D 47 21.63 -65.08 92.56
C HIS D 47 20.11 -65.07 92.56
N SER D 48 19.48 -64.28 91.69
CA SER D 48 18.04 -64.22 91.58
C SER D 48 17.52 -64.52 90.19
N ASN D 49 18.20 -64.02 89.15
CA ASN D 49 17.79 -64.29 87.78
C ASN D 49 17.78 -65.77 87.41
N PRO D 50 18.79 -66.59 87.78
CA PRO D 50 18.77 -67.99 87.34
C PRO D 50 17.48 -68.74 87.66
N LYS D 51 16.78 -68.35 88.72
CA LYS D 51 15.44 -68.86 88.98
C LYS D 51 14.38 -67.97 88.35
N LEU D 52 14.37 -66.69 88.72
CA LEU D 52 13.35 -65.78 88.22
C LEU D 52 13.54 -65.48 86.73
N GLY D 53 14.76 -65.14 86.33
CA GLY D 53 14.98 -64.69 84.96
C GLY D 53 14.68 -65.77 83.94
N GLU D 54 15.17 -66.99 84.19
CA GLU D 54 14.91 -68.09 83.27
C GLU D 54 13.41 -68.30 83.08
N GLN D 55 12.65 -68.29 84.17
CA GLN D 55 11.21 -68.46 84.04
C GLN D 55 10.53 -67.22 83.47
N LEU D 56 11.02 -66.03 83.85
CA LEU D 56 10.35 -64.79 83.45
C LEU D 56 11.22 -63.91 82.55
N LEU D 57 12.40 -63.50 83.00
CA LEU D 57 13.17 -62.49 82.27
C LEU D 57 13.94 -63.05 81.09
N TYR D 58 14.44 -64.29 81.20
CA TYR D 58 15.16 -64.92 80.10
C TYR D 58 14.42 -66.12 79.55
N PHE D 59 13.11 -66.20 79.78
CA PHE D 59 12.27 -67.11 79.02
C PHE D 59 12.00 -66.59 77.61
N ILE D 60 12.22 -65.28 77.39
CA ILE D 60 12.02 -64.69 76.07
C ILE D 60 13.01 -65.27 75.06
N LEU D 61 14.17 -65.71 75.52
CA LEU D 61 15.11 -66.38 74.62
C LEU D 61 14.54 -67.69 74.11
N SER D 62 13.66 -68.35 74.88
CA SER D 62 13.01 -69.55 74.39
C SER D 62 12.07 -69.23 73.24
N SER D 63 11.53 -68.00 73.19
CA SER D 63 10.65 -67.62 72.09
C SER D 63 11.41 -67.58 70.77
N LEU D 64 12.63 -67.04 70.76
CA LEU D 64 13.42 -67.02 69.54
C LEU D 64 14.00 -68.39 69.21
N ARG D 65 14.36 -69.17 70.22
CA ARG D 65 14.83 -70.53 69.98
C ARG D 65 13.71 -71.46 69.51
N GLY D 66 12.46 -71.03 69.59
CA GLY D 66 11.33 -71.82 69.14
C GLY D 66 11.36 -72.17 67.66
N PRO D 67 11.60 -71.17 66.80
CA PRO D 67 11.77 -71.49 65.37
C PRO D 67 12.90 -72.45 65.08
N ALA D 68 13.94 -72.46 65.94
CA ALA D 68 15.06 -73.37 65.77
C ALA D 68 14.87 -74.68 66.52
N GLN D 69 13.62 -75.03 66.85
CA GLN D 69 13.35 -76.15 67.76
C GLN D 69 14.03 -77.44 67.29
N SER D 70 14.01 -77.69 65.98
CA SER D 70 14.64 -78.89 65.45
C SER D 70 16.06 -79.04 65.95
N SER D 71 16.92 -78.07 65.64
CA SER D 71 18.26 -78.08 66.21
C SER D 71 18.22 -77.81 67.70
N LYS D 72 17.33 -76.91 68.14
CA LYS D 72 17.23 -76.59 69.55
C LYS D 72 16.72 -77.75 70.38
N ASP D 73 16.21 -78.81 69.76
CA ASP D 73 15.79 -79.98 70.51
C ASP D 73 16.89 -80.44 71.46
N PHE D 74 18.12 -80.51 70.96
CA PHE D 74 19.24 -80.77 71.85
C PHE D 74 19.48 -79.59 72.78
N ASP D 75 19.39 -78.37 72.25
CA ASP D 75 19.52 -77.19 73.08
C ASP D 75 18.37 -77.07 74.07
N LYS D 76 17.21 -77.67 73.75
CA LYS D 76 16.08 -77.65 74.68
C LYS D 76 16.44 -78.26 76.02
N VAL D 77 17.40 -79.19 76.03
CA VAL D 77 17.86 -79.76 77.30
C VAL D 77 18.48 -78.69 78.18
N TRP D 78 19.08 -77.65 77.57
CA TRP D 78 19.72 -76.60 78.35
C TRP D 78 18.73 -75.88 79.26
N PRO D 79 17.59 -75.36 78.80
CA PRO D 79 16.60 -74.87 79.78
C PRO D 79 16.09 -75.96 80.69
N ILE D 80 16.02 -77.21 80.20
CA ILE D 80 15.62 -78.32 81.06
C ILE D 80 16.66 -78.56 82.14
N PHE D 81 17.93 -78.65 81.74
CA PHE D 81 18.99 -78.92 82.71
C PHE D 81 19.15 -77.76 83.70
N ASP D 82 19.05 -76.52 83.21
CA ASP D 82 19.22 -75.36 84.07
C ASP D 82 18.12 -75.31 85.15
N SER D 83 16.90 -75.70 84.78
CA SER D 83 15.80 -75.67 85.74
C SER D 83 16.06 -76.64 86.89
N ALA D 84 16.62 -77.81 86.59
CA ALA D 84 16.87 -78.81 87.63
C ALA D 84 18.18 -78.59 88.37
N GLN D 85 19.00 -77.63 87.95
CA GLN D 85 20.29 -77.37 88.59
C GLN D 85 20.43 -75.90 88.95
N SER D 86 19.35 -75.30 89.48
CA SER D 86 19.36 -73.87 89.76
C SER D 86 20.43 -73.50 90.78
N ARG D 87 20.55 -74.29 91.85
CA ARG D 87 21.62 -74.05 92.80
C ARG D 87 22.98 -74.37 92.20
N ASP D 88 23.00 -75.18 91.14
CA ASP D 88 24.25 -75.59 90.51
C ASP D 88 24.54 -74.86 89.20
N PHE D 89 23.56 -74.19 88.61
CA PHE D 89 23.78 -73.42 87.39
C PHE D 89 24.14 -71.97 87.67
N ARG D 90 24.01 -71.52 88.93
CA ARG D 90 24.30 -70.12 89.23
C ARG D 90 25.76 -69.78 88.94
N LYS D 91 26.69 -70.65 89.30
CA LYS D 91 28.10 -70.40 89.00
C LYS D 91 28.88 -71.61 88.51
N VAL D 92 28.34 -72.83 88.56
CA VAL D 92 29.17 -74.01 88.35
C VAL D 92 28.95 -74.62 86.97
N VAL D 93 27.74 -75.07 86.68
CA VAL D 93 27.51 -75.90 85.50
C VAL D 93 27.28 -75.03 84.27
N GLN D 94 27.45 -73.72 84.43
CA GLN D 94 27.41 -72.85 83.26
C GLN D 94 28.52 -73.18 82.27
N ALA D 95 29.58 -73.84 82.73
CA ALA D 95 30.61 -74.37 81.85
C ALA D 95 30.48 -75.86 81.62
N ILE D 96 29.93 -76.60 82.59
CA ILE D 96 29.84 -78.04 82.47
C ILE D 96 28.78 -78.45 81.45
N ILE D 97 27.73 -77.63 81.29
CA ILE D 97 26.62 -78.01 80.41
C ILE D 97 27.10 -78.20 78.98
N SER D 98 28.10 -77.42 78.56
CA SER D 98 28.62 -77.58 77.21
C SER D 98 29.18 -78.97 76.98
N GLU D 99 29.92 -79.50 77.97
CA GLU D 99 30.38 -80.88 77.87
C GLU D 99 29.22 -81.86 77.89
N LEU D 100 28.22 -81.60 78.74
CA LEU D 100 27.04 -82.47 78.77
C LEU D 100 26.27 -82.40 77.45
N GLU D 101 26.11 -81.20 76.89
CA GLU D 101 25.41 -81.08 75.62
C GLU D 101 26.24 -81.57 74.44
N SER D 102 27.57 -81.62 74.58
CA SER D 102 28.42 -82.08 73.49
C SER D 102 28.19 -83.56 73.21
N GLN D 103 27.99 -84.37 74.25
CA GLN D 103 27.82 -85.81 74.07
C GLN D 103 26.53 -86.11 73.31
N GLY D 104 25.50 -85.29 73.48
CA GLY D 104 24.26 -85.48 72.75
C GLY D 104 24.23 -84.84 71.39
N ALA D 105 25.23 -84.03 71.05
CA ALA D 105 25.20 -83.23 69.84
C ALA D 105 26.48 -83.36 69.02
N LEU D 106 26.93 -84.59 68.76
CA LEU D 106 28.17 -84.80 68.01
C LEU D 106 28.26 -84.00 66.72
N PRO D 107 27.24 -83.92 65.87
CA PRO D 107 27.36 -83.04 64.69
C PRO D 107 27.64 -81.60 65.07
N ARG D 108 27.02 -81.11 66.15
CA ARG D 108 27.28 -79.77 66.65
C ARG D 108 28.29 -79.76 67.78
N SER D 109 28.75 -80.94 68.22
CA SER D 109 29.82 -80.98 69.22
C SER D 109 31.08 -80.31 68.69
N ASN D 110 31.28 -80.34 67.38
CA ASN D 110 32.41 -79.68 66.72
C ASN D 110 32.67 -78.31 67.32
N SER D 111 31.60 -77.59 67.62
CA SER D 111 31.72 -76.40 68.46
C SER D 111 31.72 -76.76 69.94
N ARG D 112 30.86 -77.70 70.34
CA ARG D 112 30.68 -77.97 71.76
C ARG D 112 31.86 -78.71 72.36
N VAL D 113 32.40 -79.72 71.66
CA VAL D 113 33.54 -80.44 72.21
C VAL D 113 34.74 -79.50 72.30
N SER D 114 34.86 -78.58 71.33
CA SER D 114 35.86 -77.53 71.45
C SER D 114 35.48 -76.51 72.51
N SER D 115 34.18 -76.32 72.74
CA SER D 115 33.74 -75.35 73.73
C SER D 115 33.98 -75.85 75.15
N LEU D 116 33.79 -77.15 75.38
CA LEU D 116 33.88 -77.67 76.75
C LEU D 116 35.29 -77.58 77.31
N ALA D 117 36.31 -77.62 76.44
CA ALA D 117 37.69 -77.62 76.92
C ALA D 117 38.09 -76.25 77.45
N THR D 118 37.74 -75.18 76.74
CA THR D 118 38.20 -73.84 77.10
C THR D 118 37.23 -73.07 77.97
N CYS D 119 36.02 -73.61 78.22
CA CYS D 119 35.02 -72.87 78.97
C CYS D 119 35.18 -73.00 80.48
N CYS D 120 35.84 -74.08 80.96
CA CYS D 120 35.88 -74.34 82.39
C CYS D 120 36.61 -73.25 83.16
N GLY D 121 37.74 -72.78 82.63
CA GLY D 121 38.58 -71.85 83.35
C GLY D 121 37.99 -70.46 83.49
N PRO D 122 37.89 -69.72 82.38
CA PRO D 122 37.42 -68.33 82.45
C PRO D 122 35.90 -68.21 82.49
N ARG D 123 35.21 -69.28 82.84
CA ARG D 123 33.75 -69.38 82.78
C ARG D 123 33.05 -68.11 83.26
N PHE D 124 33.52 -67.51 84.35
CA PHE D 124 32.85 -66.32 84.86
C PHE D 124 32.99 -65.14 83.91
N VAL D 125 33.94 -65.19 83.00
CA VAL D 125 33.96 -64.27 81.86
C VAL D 125 33.73 -65.00 80.54
N GLU D 126 34.04 -66.30 80.47
CA GLU D 126 33.88 -67.06 79.24
C GLU D 126 32.42 -67.37 78.94
N LEU D 127 31.56 -67.42 79.95
CA LEU D 127 30.14 -67.71 79.72
C LEU D 127 29.54 -66.75 78.71
N LEU D 128 30.06 -65.52 78.65
CA LEU D 128 29.58 -64.55 77.67
C LEU D 128 29.85 -65.02 76.25
N TRP D 129 31.03 -65.57 76.00
CA TRP D 129 31.34 -66.11 74.69
C TRP D 129 30.42 -67.27 74.35
N GLN D 130 30.17 -68.15 75.32
CA GLN D 130 29.29 -69.28 75.08
C GLN D 130 27.88 -68.82 74.73
N LEU D 131 27.43 -67.76 75.39
CA LEU D 131 26.09 -67.24 75.11
C LEU D 131 25.95 -66.85 73.64
N SER D 132 26.95 -66.17 73.10
CA SER D 132 26.93 -65.84 71.68
C SER D 132 26.86 -67.11 70.84
N LEU D 133 27.49 -68.18 71.29
CA LEU D 133 27.57 -69.40 70.49
C LEU D 133 26.17 -69.96 70.22
N HIS D 134 25.31 -70.05 71.24
CA HIS D 134 23.99 -70.56 70.95
C HIS D 134 23.14 -69.51 70.25
N ALA D 135 23.55 -68.25 70.30
CA ALA D 135 22.94 -67.22 69.47
C ALA D 135 23.61 -67.13 68.10
N LEU D 136 24.70 -67.85 67.88
CA LEU D 136 25.39 -67.81 66.60
C LEU D 136 24.62 -68.52 65.50
N ARG D 137 23.59 -69.29 65.83
CA ARG D 137 22.85 -70.05 64.83
C ARG D 137 21.37 -69.70 64.74
N GLU D 138 20.87 -68.82 65.61
CA GLU D 138 19.43 -68.57 65.70
C GLU D 138 18.85 -68.13 64.36
N VAL D 139 19.25 -66.96 63.88
CA VAL D 139 18.84 -66.56 62.54
C VAL D 139 19.50 -67.44 61.50
N HIS D 140 20.72 -67.92 61.79
CA HIS D 140 21.39 -68.84 60.88
C HIS D 140 20.60 -70.12 60.69
N ARG D 141 19.77 -70.48 61.67
CA ARG D 141 18.91 -71.64 61.52
C ARG D 141 18.04 -71.52 60.28
N ARG D 142 17.64 -70.30 59.92
CA ARG D 142 16.93 -70.11 58.66
C ARG D 142 17.80 -70.49 57.48
N THR D 143 19.11 -70.35 57.60
CA THR D 143 20.01 -70.55 56.48
C THR D 143 21.06 -71.63 56.71
N PHE D 144 21.75 -71.61 57.86
CA PHE D 144 22.90 -72.49 58.05
C PHE D 144 22.58 -73.98 57.95
N PRO D 145 21.77 -74.57 58.85
CA PRO D 145 21.83 -76.02 59.05
C PRO D 145 21.55 -76.85 57.81
N ALA D 146 20.39 -76.67 57.18
CA ALA D 146 20.02 -77.51 56.06
C ALA D 146 20.87 -77.22 54.83
N ASP D 147 21.10 -75.95 54.52
CA ASP D 147 21.74 -75.59 53.26
C ASP D 147 23.21 -76.01 53.25
N VAL D 148 23.95 -75.69 54.32
CA VAL D 148 25.36 -76.04 54.37
C VAL D 148 25.53 -77.55 54.38
N ALA D 149 24.62 -78.27 55.03
CA ALA D 149 24.66 -79.73 55.00
C ALA D 149 24.29 -80.31 53.65
N SER D 150 23.76 -79.49 52.74
CA SER D 150 23.42 -79.93 51.39
C SER D 150 24.60 -79.81 50.43
N ASN D 151 25.83 -79.80 50.95
CA ASN D 151 27.01 -79.71 50.10
C ASN D 151 27.13 -80.86 49.09
N PRO D 152 26.95 -82.14 49.46
CA PRO D 152 27.15 -83.21 48.47
C PRO D 152 26.07 -83.24 47.40
N LEU D 153 26.18 -82.34 46.42
CA LEU D 153 25.26 -82.27 45.30
C LEU D 153 26.08 -82.16 44.02
N PRO D 154 25.64 -82.83 42.95
CA PRO D 154 26.48 -82.88 41.73
C PRO D 154 26.80 -81.51 41.15
N SER D 155 25.91 -80.53 41.28
CA SER D 155 26.19 -79.20 40.76
C SER D 155 27.25 -78.49 41.60
N SER D 156 27.37 -78.84 42.87
CA SER D 156 28.34 -78.19 43.76
C SER D 156 29.33 -79.19 44.36
N LEU D 157 29.53 -80.34 43.72
CA LEU D 157 30.45 -81.34 44.27
C LEU D 157 31.90 -80.98 43.96
N THR D 158 32.23 -80.92 42.67
CA THR D 158 33.63 -80.69 42.29
C THR D 158 34.12 -79.33 42.77
N ASP D 159 33.35 -78.28 42.51
CA ASP D 159 33.81 -76.94 42.84
C ASP D 159 33.82 -76.71 44.35
N VAL D 160 32.74 -77.09 45.02
CA VAL D 160 32.57 -76.73 46.42
C VAL D 160 33.01 -77.85 47.35
N SER D 161 32.61 -79.08 47.07
CA SER D 161 32.94 -80.19 47.96
C SER D 161 34.38 -80.67 47.81
N PHE D 162 35.23 -79.91 47.10
CA PHE D 162 36.65 -80.21 47.04
C PHE D 162 37.51 -79.10 47.63
N SER D 163 37.33 -77.86 47.19
CA SER D 163 38.09 -76.73 47.71
C SER D 163 37.33 -75.93 48.76
N HIS D 164 36.04 -75.69 48.54
CA HIS D 164 35.21 -74.98 49.50
C HIS D 164 34.66 -75.88 50.59
N ALA D 165 34.95 -77.19 50.55
CA ALA D 165 34.47 -78.10 51.59
C ALA D 165 35.07 -77.77 52.94
N ALA D 166 36.30 -77.27 52.97
CA ALA D 166 36.92 -76.84 54.22
C ALA D 166 36.25 -75.63 54.83
N THR D 167 35.39 -74.94 54.08
CA THR D 167 34.67 -73.76 54.57
C THR D 167 33.31 -74.14 55.14
N LEU D 168 33.14 -75.37 55.62
CA LEU D 168 31.87 -75.77 56.22
C LEU D 168 31.59 -74.99 57.49
N LEU D 169 32.61 -74.78 58.32
CA LEU D 169 32.46 -74.03 59.57
C LEU D 169 32.51 -72.51 59.36
N PRO D 170 33.50 -71.96 58.64
CA PRO D 170 33.58 -70.49 58.53
C PRO D 170 32.44 -69.84 57.77
N VAL D 171 31.64 -70.62 57.03
CA VAL D 171 30.57 -70.05 56.21
C VAL D 171 29.49 -69.38 57.03
N THR D 172 29.51 -69.55 58.35
CA THR D 172 28.50 -68.92 59.20
C THR D 172 28.52 -67.40 59.07
N LYS D 173 29.72 -66.81 59.06
CA LYS D 173 29.82 -65.36 58.93
C LYS D 173 29.37 -64.86 57.58
N ALA D 174 29.38 -65.70 56.56
CA ALA D 174 28.94 -65.27 55.23
C ALA D 174 27.47 -64.88 55.21
N ARG D 175 26.67 -65.40 56.15
CA ARG D 175 25.26 -65.04 56.18
C ARG D 175 25.06 -63.59 56.54
N ILE D 176 25.87 -63.07 57.47
CA ILE D 176 25.59 -61.75 58.05
C ILE D 176 25.68 -60.65 56.99
N VAL D 177 26.61 -60.80 56.03
CA VAL D 177 26.74 -59.79 55.00
C VAL D 177 25.60 -59.88 54.00
N LEU D 178 25.03 -61.08 53.82
CA LEU D 178 24.01 -61.27 52.80
C LEU D 178 22.76 -60.45 53.08
N GLU D 179 22.32 -60.43 54.35
CA GLU D 179 21.15 -59.60 54.69
C GLU D 179 21.46 -58.13 54.48
N ARG D 180 22.68 -57.69 54.80
CA ARG D 180 23.07 -56.31 54.57
C ARG D 180 22.96 -55.97 53.08
N ARG D 181 23.52 -56.82 52.22
CA ARG D 181 23.33 -56.64 50.78
C ARG D 181 21.87 -56.79 50.41
N ARG D 182 21.16 -57.69 51.09
CA ARG D 182 19.74 -57.90 50.83
C ARG D 182 18.95 -56.63 51.08
N PHE D 183 19.20 -55.97 52.21
CA PHE D 183 18.53 -54.71 52.50
C PHE D 183 18.88 -53.67 51.45
N LEU D 184 20.16 -53.57 51.08
CA LEU D 184 20.55 -52.67 50.01
C LEU D 184 19.90 -53.07 48.70
N LYS D 185 19.83 -54.38 48.43
CA LYS D 185 19.06 -54.83 47.28
C LYS D 185 17.57 -54.59 47.51
N ASN D 186 17.10 -54.76 48.74
CA ASN D 186 15.74 -54.34 49.06
C ASN D 186 15.59 -52.83 48.89
N ALA D 187 16.68 -52.09 49.04
CA ALA D 187 16.70 -50.65 48.84
C ALA D 187 17.13 -50.25 47.43
N GLU D 188 17.34 -51.22 46.54
CA GLU D 188 17.68 -50.89 45.16
C GLU D 188 16.57 -50.07 44.49
N THR D 189 15.31 -50.43 44.78
CA THR D 189 14.16 -49.65 44.34
C THR D 189 13.53 -48.85 45.46
N ALA D 190 13.67 -49.31 46.71
CA ALA D 190 13.07 -48.60 47.84
C ALA D 190 13.61 -47.17 47.95
N VAL D 191 14.92 -47.01 47.86
CA VAL D 191 15.53 -45.69 47.95
C VAL D 191 15.05 -44.81 46.81
N GLN D 192 14.97 -45.38 45.60
CA GLN D 192 14.55 -44.60 44.43
C GLN D 192 13.14 -44.05 44.63
N ARG D 193 12.22 -44.89 45.12
CA ARG D 193 10.89 -44.39 45.46
C ARG D 193 10.97 -43.42 46.64
N GLN D 194 11.81 -43.73 47.63
CA GLN D 194 12.02 -42.80 48.74
C GLN D 194 12.75 -41.54 48.28
N ALA D 195 13.48 -41.61 47.17
CA ALA D 195 14.25 -40.46 46.72
C ALA D 195 13.36 -39.29 46.34
N MET D 196 12.25 -39.55 45.64
CA MET D 196 11.54 -38.46 45.00
C MET D 196 10.22 -38.10 45.67
N TRP D 197 9.41 -39.08 46.08
CA TRP D 197 8.17 -38.71 46.76
C TRP D 197 8.46 -37.97 48.06
N SER D 198 9.57 -38.30 48.72
CA SER D 198 10.06 -37.43 49.79
C SER D 198 10.47 -36.07 49.25
N ASN D 199 11.15 -36.05 48.10
CA ASN D 199 11.39 -34.78 47.42
C ASN D 199 10.08 -34.13 47.02
N LEU D 200 9.18 -34.90 46.38
CA LEU D 200 7.89 -34.36 45.97
C LEU D 200 7.12 -33.80 47.15
N ALA D 201 7.39 -34.29 48.36
CA ALA D 201 6.71 -33.80 49.54
C ALA D 201 6.81 -32.28 49.64
N HIS D 202 8.00 -31.73 49.40
CA HIS D 202 8.13 -30.29 49.46
C HIS D 202 7.53 -29.60 48.24
N GLU D 203 7.26 -30.32 47.16
CA GLU D 203 6.34 -29.79 46.15
C GLU D 203 4.88 -29.90 46.57
N MET D 204 4.52 -30.90 47.39
CA MET D 204 3.18 -30.86 47.98
C MET D 204 3.08 -29.80 49.07
N THR D 205 4.20 -29.31 49.59
CA THR D 205 4.14 -28.13 50.45
C THR D 205 3.90 -26.88 49.63
N ALA D 206 4.38 -26.87 48.37
CA ALA D 206 4.09 -25.73 47.51
C ALA D 206 2.61 -25.69 47.14
N GLU D 207 2.00 -26.84 46.85
CA GLU D 207 0.57 -26.82 46.54
C GLU D 207 -0.26 -26.44 47.77
N PHE D 208 0.33 -26.47 48.97
CA PHE D 208 -0.31 -25.78 50.09
C PHE D 208 -0.43 -24.30 49.83
N ARG D 209 0.69 -23.62 49.68
CA ARG D 209 0.64 -22.16 49.61
C ARG D 209 0.04 -21.72 48.28
N GLY D 210 0.26 -22.50 47.21
CA GLY D 210 -0.32 -22.20 45.92
C GLY D 210 -1.68 -22.81 45.65
N LEU D 211 -1.82 -24.12 45.79
CA LEU D 211 -3.01 -24.83 45.33
C LEU D 211 -4.05 -24.98 46.44
N CYS D 212 -3.70 -25.69 47.52
CA CYS D 212 -4.69 -26.00 48.54
C CYS D 212 -5.16 -24.77 49.29
N ALA D 213 -4.32 -23.74 49.45
CA ALA D 213 -4.83 -22.49 49.99
C ALA D 213 -5.87 -21.89 49.06
N GLU D 214 -5.66 -22.03 47.75
CA GLU D 214 -6.62 -21.51 46.79
C GLU D 214 -7.92 -22.31 46.81
N GLU D 215 -7.83 -23.64 46.97
CA GLU D 215 -9.06 -24.43 47.04
C GLU D 215 -9.83 -24.13 48.31
N ALA D 216 -9.13 -23.80 49.40
CA ALA D 216 -9.80 -23.30 50.58
C ALA D 216 -10.56 -22.03 50.24
N TYR D 217 -9.94 -21.15 49.44
CA TYR D 217 -10.67 -20.02 48.88
C TYR D 217 -11.79 -20.50 47.97
N LEU D 218 -11.53 -21.54 47.17
CA LEU D 218 -12.56 -22.07 46.27
C LEU D 218 -13.77 -22.57 47.04
N GLN D 219 -13.54 -23.27 48.15
CA GLN D 219 -14.62 -23.99 48.83
C GLN D 219 -15.76 -23.05 49.20
N GLN D 220 -15.50 -22.05 50.02
CA GLN D 220 -16.54 -21.18 50.55
C GLN D 220 -16.66 -19.87 49.79
N GLU D 221 -15.63 -19.03 49.84
CA GLU D 221 -15.79 -17.66 49.37
C GLU D 221 -15.79 -17.56 47.84
N LEU D 222 -14.93 -18.30 47.16
CA LEU D 222 -14.97 -18.26 45.69
C LEU D 222 -16.23 -18.91 45.14
N GLU D 223 -16.73 -19.96 45.79
CA GLU D 223 -17.96 -20.58 45.33
C GLU D 223 -19.13 -19.61 45.41
N LYS D 224 -19.24 -18.90 46.53
CA LYS D 224 -20.20 -17.80 46.60
C LYS D 224 -19.81 -16.71 45.60
N LEU D 225 -18.51 -16.45 45.45
CA LEU D 225 -18.08 -15.45 44.49
C LEU D 225 -18.44 -15.87 43.07
N ASN D 226 -18.39 -17.18 42.78
CA ASN D 226 -18.88 -17.65 41.49
C ASN D 226 -20.32 -17.22 41.27
N ASP D 227 -21.12 -17.21 42.33
CA ASP D 227 -22.46 -16.65 42.24
C ASP D 227 -22.40 -15.16 41.90
N LEU D 228 -21.30 -14.50 42.28
CA LEU D 228 -21.18 -13.07 42.05
C LEU D 228 -20.41 -12.75 40.77
N ARG D 229 -19.33 -13.47 40.50
CA ARG D 229 -18.49 -13.17 39.34
C ARG D 229 -19.10 -13.65 38.03
N ASN D 230 -20.36 -14.10 38.04
CA ASN D 230 -21.04 -14.49 36.83
C ASN D 230 -22.41 -13.84 36.65
N LYS D 231 -23.05 -13.34 37.72
CA LYS D 231 -24.35 -12.70 37.56
C LYS D 231 -24.27 -11.47 36.70
N VAL D 232 -23.23 -10.66 36.87
CA VAL D 232 -23.06 -9.46 36.06
C VAL D 232 -22.68 -9.83 34.62
N LYS D 233 -21.81 -10.83 34.45
CA LYS D 233 -21.27 -11.14 33.13
C LYS D 233 -22.31 -11.73 32.18
N GLN D 234 -23.48 -12.15 32.67
CA GLN D 234 -24.49 -12.65 31.75
C GLN D 234 -24.86 -11.62 30.71
N GLU D 235 -24.71 -10.33 31.03
CA GLU D 235 -24.94 -9.29 30.03
C GLU D 235 -24.00 -9.48 28.84
N GLY D 236 -22.73 -9.71 29.10
CA GLY D 236 -21.77 -9.83 28.04
C GLY D 236 -21.20 -11.22 27.86
N GLU D 237 -21.07 -11.97 28.95
CA GLU D 237 -20.25 -13.18 28.96
C GLU D 237 -21.03 -14.46 29.26
N VAL D 238 -21.77 -14.51 30.36
CA VAL D 238 -22.26 -15.79 30.87
C VAL D 238 -23.35 -16.40 30.00
N TRP D 239 -23.98 -15.62 29.12
CA TRP D 239 -25.01 -16.18 28.25
C TRP D 239 -24.49 -17.35 27.43
N ASP D 240 -23.30 -17.23 26.84
CA ASP D 240 -22.84 -18.21 25.88
C ASP D 240 -22.53 -19.57 26.49
N ASP D 241 -22.48 -19.69 27.83
CA ASP D 241 -22.13 -20.96 28.44
C ASP D 241 -23.03 -22.09 27.98
N LEU D 242 -24.30 -21.80 27.70
CA LEU D 242 -25.15 -22.68 26.91
C LEU D 242 -25.17 -22.18 25.48
N VAL D 243 -24.92 -23.09 24.53
CA VAL D 243 -24.66 -22.71 23.15
C VAL D 243 -25.88 -22.06 22.52
N SER D 244 -27.08 -22.36 23.03
CA SER D 244 -28.28 -21.76 22.46
C SER D 244 -28.24 -20.23 22.56
N SER D 245 -27.77 -19.72 23.70
CA SER D 245 -27.61 -18.29 23.88
C SER D 245 -26.29 -17.77 23.31
N SER D 246 -25.34 -18.65 23.00
CA SER D 246 -24.09 -18.20 22.40
C SER D 246 -24.33 -17.53 21.07
N SER D 247 -25.20 -18.12 20.24
CA SER D 247 -25.63 -17.45 19.01
C SER D 247 -26.43 -16.20 19.35
N GLN D 248 -27.26 -16.27 20.40
CA GLN D 248 -27.99 -15.10 20.85
C GLN D 248 -27.03 -13.99 21.26
N ASN D 249 -25.95 -14.34 21.95
CA ASN D 249 -24.90 -13.37 22.22
C ASN D 249 -24.29 -12.86 20.93
N SER D 250 -24.03 -13.75 19.98
CA SER D 250 -23.62 -13.31 18.65
C SER D 250 -24.74 -12.52 17.98
N HIS D 251 -25.99 -12.90 18.24
CA HIS D 251 -27.12 -12.12 17.73
C HIS D 251 -27.15 -10.74 18.36
N LEU D 252 -26.89 -10.66 19.66
CA LEU D 252 -26.72 -9.35 20.29
C LEU D 252 -25.52 -8.63 19.69
N VAL D 253 -24.43 -9.36 19.44
CA VAL D 253 -23.35 -8.82 18.63
C VAL D 253 -23.89 -8.45 17.25
N SER D 254 -24.66 -9.37 16.65
CA SER D 254 -25.33 -9.03 15.40
C SER D 254 -26.30 -7.88 15.58
N LYS D 255 -26.94 -7.78 16.74
CA LYS D 255 -27.70 -6.58 17.07
C LYS D 255 -26.78 -5.38 17.16
N ALA D 256 -25.59 -5.56 17.74
CA ALA D 256 -24.61 -4.48 17.79
C ALA D 256 -23.95 -4.26 16.43
N THR D 257 -23.71 -5.34 15.69
CA THR D 257 -23.03 -5.26 14.40
C THR D 257 -24.00 -5.03 13.24
N ARG D 258 -25.31 -4.97 13.52
CA ARG D 258 -26.31 -4.86 12.45
C ARG D 258 -25.99 -3.68 11.52
N LEU D 259 -25.46 -2.60 12.08
CA LEU D 259 -25.07 -1.44 11.29
C LEU D 259 -23.63 -1.53 10.80
N TRP D 260 -22.74 -2.13 11.59
CA TRP D 260 -21.33 -2.23 11.25
C TRP D 260 -21.12 -3.03 9.96
N ASP D 261 -21.46 -4.32 10.00
CA ASP D 261 -21.23 -5.16 8.83
C ASP D 261 -22.05 -4.68 7.64
N SER D 262 -23.23 -4.12 7.90
CA SER D 262 -24.03 -3.54 6.82
C SER D 262 -23.24 -2.50 6.06
N ILE D 263 -22.36 -1.78 6.75
CA ILE D 263 -21.58 -0.73 6.12
C ILE D 263 -20.12 -1.11 6.04
N MET D 264 -19.52 -1.57 7.14
CA MET D 264 -18.10 -1.87 7.15
C MET D 264 -17.77 -3.08 6.27
N ALA D 265 -18.53 -4.17 6.42
CA ALA D 265 -18.17 -5.41 5.76
C ALA D 265 -18.32 -5.35 4.25
N ARG D 266 -19.02 -4.35 3.72
CA ARG D 266 -19.15 -4.24 2.27
C ARG D 266 -17.80 -3.96 1.61
N LYS D 267 -16.99 -3.12 2.24
CA LYS D 267 -15.67 -2.78 1.73
C LYS D 267 -14.57 -3.71 2.25
N GLY D 268 -14.93 -4.73 3.03
CA GLY D 268 -13.90 -5.61 3.57
C GLY D 268 -13.20 -6.42 2.51
N GLN D 269 -13.94 -6.97 1.55
CA GLN D 269 -13.36 -7.79 0.51
C GLN D 269 -12.62 -6.98 -0.54
N HIS D 270 -12.92 -5.68 -0.66
CA HIS D 270 -12.28 -4.83 -1.66
C HIS D 270 -11.20 -3.94 -1.10
N GLU D 271 -11.07 -3.84 0.23
CA GLU D 271 -10.03 -2.98 0.80
C GLU D 271 -8.65 -3.56 0.61
N VAL D 272 -8.54 -4.90 0.54
CA VAL D 272 -7.24 -5.52 0.34
C VAL D 272 -6.66 -5.15 -1.01
N LEU D 273 -7.49 -5.11 -2.05
CA LEU D 273 -7.06 -4.68 -3.37
C LEU D 273 -7.13 -3.17 -3.55
N ALA D 274 -7.75 -2.46 -2.60
CA ALA D 274 -7.74 -1.00 -2.61
C ALA D 274 -6.38 -0.41 -2.29
N SER D 275 -5.43 -1.24 -1.86
CA SER D 275 -4.06 -0.74 -1.64
C SER D 275 -3.41 -0.30 -2.95
N GLY D 276 -3.85 -0.85 -4.07
CA GLY D 276 -3.38 -0.40 -5.36
C GLY D 276 -3.73 1.06 -5.63
N PRO D 277 -4.99 1.42 -5.42
CA PRO D 277 -5.35 2.85 -5.46
C PRO D 277 -4.60 3.70 -4.46
N ILE D 278 -4.16 3.13 -3.35
CA ILE D 278 -3.29 3.87 -2.43
C ILE D 278 -1.99 4.22 -3.14
N GLU D 279 -1.47 3.30 -3.95
CA GLU D 279 -0.34 3.62 -4.81
C GLU D 279 -0.74 4.68 -5.84
N ASP D 280 -2.01 4.71 -6.22
CA ASP D 280 -2.51 5.76 -7.11
C ASP D 280 -2.73 7.07 -6.38
N LEU D 281 -2.82 7.05 -5.04
CA LEU D 281 -3.04 8.29 -4.30
C LEU D 281 -1.91 9.28 -4.53
N ILE D 282 -0.67 8.82 -4.46
CA ILE D 282 0.47 9.69 -4.76
C ILE D 282 0.54 9.96 -6.26
N ALA D 283 0.27 8.95 -7.09
CA ALA D 283 0.36 9.13 -8.53
C ALA D 283 -0.70 10.10 -9.04
N HIS D 284 -1.95 9.91 -8.64
CA HIS D 284 -3.02 10.80 -9.08
C HIS D 284 -2.84 12.21 -8.51
N ARG D 285 -2.01 12.38 -7.48
CA ARG D 285 -1.77 13.69 -6.91
C ARG D 285 -0.80 14.50 -7.77
N GLU D 286 0.42 13.97 -7.96
CA GLU D 286 1.46 14.69 -8.68
C GLU D 286 1.83 14.06 -10.02
N HIS D 287 1.79 12.73 -10.13
CA HIS D 287 2.15 12.08 -11.37
C HIS D 287 1.02 12.04 -12.38
N ARG D 288 -0.18 12.51 -12.02
CA ARG D 288 -1.33 12.42 -12.91
C ARG D 288 -1.12 13.25 -14.17
N TYR D 289 -0.68 14.50 -14.01
CA TYR D 289 -0.47 15.36 -15.18
C TYR D 289 0.81 14.99 -15.94
N ARG D 290 1.79 14.43 -15.25
CA ARG D 290 3.04 14.09 -15.93
C ARG D 290 2.88 12.85 -16.80
N ILE D 291 2.18 11.83 -16.30
CA ILE D 291 2.08 10.55 -17.00
C ILE D 291 1.01 10.56 -18.08
N SER D 292 0.17 11.60 -18.13
CA SER D 292 -0.90 11.67 -19.12
C SER D 292 -0.35 11.65 -20.53
N GLY D 293 0.64 12.49 -20.80
CA GLY D 293 1.24 12.52 -22.12
C GLY D 293 2.52 11.70 -22.20
N SER D 294 3.22 11.56 -21.07
CA SER D 294 4.50 10.86 -21.09
C SER D 294 4.32 9.34 -21.06
N ALA D 295 3.08 8.87 -20.98
CA ALA D 295 2.83 7.43 -21.05
C ALA D 295 3.40 6.82 -22.33
N LEU D 296 3.36 7.57 -23.43
CA LEU D 296 4.01 7.16 -24.66
C LEU D 296 5.42 7.71 -24.79
N LEU D 297 5.72 8.83 -24.13
CA LEU D 297 7.04 9.43 -24.22
C LEU D 297 8.05 8.69 -23.34
N ALA D 298 7.77 8.58 -22.05
CA ALA D 298 8.69 7.91 -21.14
C ALA D 298 8.89 6.44 -21.49
N ALA D 299 7.95 5.84 -22.23
CA ALA D 299 8.07 4.43 -22.60
C ALA D 299 8.97 4.26 -23.83
N MET D 300 8.60 4.90 -24.94
CA MET D 300 9.34 4.73 -26.19
C MET D 300 9.67 6.04 -26.91
N ASP D 301 8.98 7.14 -26.61
CA ASP D 301 9.24 8.43 -27.26
C ASP D 301 10.09 9.35 -26.39
N GLN D 302 11.03 8.77 -25.63
CA GLN D 302 11.89 9.58 -24.77
C GLN D 302 12.72 10.57 -25.58
N SER D 303 13.25 10.13 -26.73
CA SER D 303 14.02 11.02 -27.58
C SER D 303 13.17 12.09 -28.25
N SER D 304 11.85 11.88 -28.32
CA SER D 304 10.95 12.81 -28.99
C SER D 304 10.45 13.92 -28.06
N GLN D 305 10.86 13.92 -26.79
CA GLN D 305 10.41 14.95 -25.88
C GLN D 305 11.13 16.28 -26.13
N VAL D 306 12.43 16.22 -26.40
CA VAL D 306 13.22 17.46 -26.54
C VAL D 306 12.75 18.35 -27.69
N PRO D 307 12.42 17.83 -28.89
CA PRO D 307 11.95 18.76 -29.93
C PRO D 307 10.65 19.47 -29.57
N ARG D 308 9.76 18.79 -28.83
CA ARG D 308 8.50 19.41 -28.44
C ARG D 308 8.74 20.58 -27.50
N ALA D 309 9.66 20.44 -26.55
CA ALA D 309 10.00 21.55 -25.67
C ALA D 309 10.73 22.65 -26.41
N GLU D 310 11.53 22.29 -27.42
CA GLU D 310 12.26 23.30 -28.19
C GLU D 310 11.30 24.22 -28.93
N LEU D 311 10.29 23.67 -29.59
CA LEU D 311 9.29 24.50 -30.24
C LEU D 311 8.40 25.19 -29.20
N LEU D 312 8.32 24.64 -27.99
CA LEU D 312 7.49 25.20 -26.94
C LEU D 312 8.03 26.54 -26.44
N SER D 313 9.33 26.78 -26.54
CA SER D 313 9.94 27.99 -26.00
C SER D 313 10.63 28.83 -27.07
N ALA D 314 11.39 28.21 -27.97
CA ALA D 314 12.20 28.99 -28.91
C ALA D 314 11.33 29.80 -29.86
N HIS D 315 10.23 29.22 -30.34
CA HIS D 315 9.41 29.86 -31.36
C HIS D 315 8.06 30.36 -30.86
N SER D 316 7.51 29.73 -29.82
CA SER D 316 6.20 30.14 -29.31
C SER D 316 6.27 31.30 -28.35
N ASP D 317 7.47 31.74 -27.96
CA ASP D 317 7.59 32.84 -27.01
C ASP D 317 7.05 34.15 -27.57
N ASP D 318 7.34 34.44 -28.85
CA ASP D 318 7.04 35.75 -29.40
C ASP D 318 5.55 36.04 -29.38
N SER D 319 4.73 35.08 -29.79
CA SER D 319 3.28 35.28 -29.76
C SER D 319 2.78 35.52 -28.34
N ALA D 320 3.15 34.63 -27.42
CA ALA D 320 2.75 34.80 -26.03
C ALA D 320 3.41 36.03 -25.42
N SER D 321 4.56 36.45 -25.95
CA SER D 321 5.20 37.67 -25.44
C SER D 321 4.28 38.87 -25.59
N LEU D 322 3.57 38.95 -26.72
CA LEU D 322 2.60 40.02 -26.88
C LEU D 322 1.51 39.91 -25.82
N ALA D 323 1.02 38.70 -25.56
CA ALA D 323 0.09 38.50 -24.46
C ALA D 323 0.78 38.71 -23.11
N ASP D 324 2.02 38.24 -22.98
CA ASP D 324 2.74 38.42 -21.72
C ASP D 324 2.94 39.89 -21.40
N ASP D 325 3.26 40.69 -22.42
CA ASP D 325 3.35 42.13 -22.21
C ASP D 325 2.03 42.70 -21.72
N LYS D 326 0.91 42.23 -22.30
CA LYS D 326 -0.39 42.56 -21.75
C LYS D 326 -0.56 41.96 -20.37
N GLU D 327 -0.10 40.72 -20.17
CA GLU D 327 -0.19 40.06 -18.88
C GLU D 327 0.82 40.60 -17.87
N LEU D 328 1.78 41.40 -18.31
CA LEU D 328 2.78 41.98 -17.41
C LEU D 328 2.15 43.08 -16.55
N MET E 1 18.58 -55.24 26.92
CA MET E 1 19.61 -54.65 27.78
C MET E 1 20.66 -55.69 28.15
N ALA E 2 20.20 -56.91 28.42
CA ALA E 2 21.13 -57.99 28.80
C ALA E 2 21.98 -58.44 27.63
N ALA E 3 21.57 -58.16 26.39
CA ALA E 3 22.37 -58.55 25.24
C ALA E 3 23.71 -57.85 25.22
N LYS E 4 23.72 -56.55 25.53
CA LYS E 4 24.98 -55.80 25.56
C LYS E 4 25.91 -56.28 26.66
N GLN E 5 25.38 -56.95 27.69
CA GLN E 5 26.23 -57.40 28.78
C GLN E 5 27.32 -58.33 28.30
N MET E 6 27.03 -59.15 27.27
CA MET E 6 28.08 -59.99 26.72
C MET E 6 29.20 -59.15 26.10
N GLU E 7 28.84 -58.09 25.37
CA GLU E 7 29.88 -57.30 24.72
C GLU E 7 30.79 -56.63 25.73
N GLU E 8 30.22 -56.11 26.82
CA GLU E 8 31.02 -55.37 27.78
C GLU E 8 31.91 -56.28 28.62
N ILE E 9 31.47 -57.50 28.93
CA ILE E 9 32.11 -58.24 30.00
C ILE E 9 33.50 -58.72 29.60
N GLN E 10 33.67 -59.24 28.38
CA GLN E 10 35.02 -59.57 27.92
C GLN E 10 35.66 -58.43 27.13
N LYS E 11 35.00 -57.29 27.01
CA LYS E 11 35.73 -56.08 26.63
C LYS E 11 36.80 -55.78 27.68
N LYS E 12 36.44 -55.90 28.96
CA LYS E 12 37.43 -55.73 30.02
C LYS E 12 38.51 -56.78 29.96
N LEU E 13 38.18 -57.98 29.46
CA LEU E 13 39.20 -58.98 29.21
C LEU E 13 40.17 -58.44 28.17
N ARG E 14 41.40 -58.16 28.61
CA ARG E 14 42.39 -57.54 27.75
C ARG E 14 42.77 -58.42 26.56
N LEU E 15 42.62 -59.74 26.68
CA LEU E 15 42.94 -60.64 25.58
C LEU E 15 41.69 -61.20 24.89
N LEU E 16 40.50 -60.81 25.33
CA LEU E 16 39.27 -61.32 24.73
C LEU E 16 38.32 -60.20 24.31
N SER E 17 38.82 -58.99 24.14
CA SER E 17 37.96 -57.90 23.68
C SER E 17 37.62 -58.05 22.21
N TYR E 18 38.62 -58.34 21.37
CA TYR E 18 38.37 -58.52 19.94
C TYR E 18 37.49 -59.72 19.61
N PRO E 19 37.67 -60.93 20.21
CA PRO E 19 36.86 -62.09 19.79
C PRO E 19 35.37 -61.95 20.07
N ARG E 20 34.92 -60.77 20.51
CA ARG E 20 33.51 -60.58 20.87
C ARG E 20 32.57 -60.95 19.73
N ALA E 21 33.02 -60.84 18.48
CA ALA E 21 32.17 -61.21 17.35
C ALA E 21 31.79 -62.67 17.41
N ASN E 22 32.75 -63.54 17.77
CA ASN E 22 32.49 -64.98 17.87
C ASN E 22 32.41 -65.46 19.31
N ALA E 23 32.77 -64.64 20.29
CA ALA E 23 32.83 -65.06 21.69
C ALA E 23 31.56 -65.72 22.18
N PRO E 24 30.35 -65.19 21.95
CA PRO E 24 29.15 -65.91 22.40
C PRO E 24 28.97 -67.25 21.72
N ALA E 25 29.60 -67.47 20.56
CA ALA E 25 29.55 -68.76 19.89
C ALA E 25 30.74 -69.65 20.24
N GLN E 26 31.86 -69.05 20.65
CA GLN E 26 33.07 -69.80 21.00
C GLN E 26 33.47 -69.56 22.45
N SER E 27 32.52 -69.18 23.30
CA SER E 27 32.79 -69.14 24.73
C SER E 27 33.08 -70.53 25.28
N LEU E 28 32.32 -71.54 24.85
CA LEU E 28 32.65 -72.91 25.20
C LEU E 28 33.99 -73.31 24.60
N LEU E 29 34.32 -72.78 23.42
CA LEU E 29 35.67 -72.92 22.88
C LEU E 29 36.68 -72.23 23.80
N PHE E 30 36.32 -71.06 24.31
CA PHE E 30 37.16 -70.42 25.32
C PHE E 30 37.25 -71.25 26.59
N ALA E 31 36.12 -71.83 27.01
CA ALA E 31 36.13 -72.71 28.16
C ALA E 31 36.76 -74.06 27.86
N GLY E 32 37.03 -74.37 26.59
CA GLY E 32 37.66 -75.63 26.23
C GLY E 32 39.17 -75.61 26.32
N MET E 33 39.79 -74.67 25.61
CA MET E 33 41.24 -74.53 25.62
C MET E 33 41.72 -73.21 26.20
N GLU E 34 41.04 -72.11 25.90
CA GLU E 34 41.41 -70.83 26.49
C GLU E 34 41.18 -70.81 28.00
N ARG E 35 40.38 -71.75 28.52
CA ARG E 35 40.13 -71.81 29.95
C ARG E 35 41.42 -71.93 30.74
N TYR E 36 42.43 -72.59 30.16
CA TYR E 36 43.78 -72.58 30.74
C TYR E 36 44.75 -71.73 29.94
N ALA E 37 44.64 -71.76 28.61
CA ALA E 37 45.57 -71.02 27.78
C ALA E 37 45.43 -69.51 27.97
N LEU E 38 44.19 -69.02 28.05
CA LEU E 38 43.96 -67.58 28.15
C LEU E 38 43.24 -67.14 29.41
N LEU E 39 42.50 -68.03 30.09
CA LEU E 39 41.75 -67.68 31.29
C LEU E 39 42.54 -67.93 32.57
N GLU E 40 43.87 -67.83 32.51
CA GLU E 40 44.74 -68.11 33.64
C GLU E 40 44.91 -66.91 34.57
N TRP E 41 44.32 -65.76 34.24
CA TRP E 41 44.51 -64.53 35.02
C TRP E 41 43.35 -64.27 35.96
N LEU E 42 42.13 -64.14 35.43
CA LEU E 42 40.98 -63.78 36.26
C LEU E 42 40.21 -65.02 36.74
N PHE E 43 39.69 -65.81 35.80
CA PHE E 43 38.88 -66.96 36.16
C PHE E 43 39.70 -68.09 36.76
N PHE E 44 41.03 -68.00 36.72
CA PHE E 44 41.88 -69.01 37.33
C PHE E 44 41.63 -69.11 38.83
N LYS E 45 41.33 -68.00 39.49
CA LYS E 45 40.96 -68.03 40.90
C LYS E 45 39.71 -68.88 41.10
N LEU E 46 38.72 -68.74 40.22
CA LEU E 46 37.58 -69.64 40.23
C LEU E 46 37.99 -71.05 39.80
N LEU E 47 39.01 -71.16 38.94
CA LEU E 47 39.52 -72.48 38.57
C LEU E 47 40.22 -73.18 39.72
N GLY E 48 40.57 -72.44 40.77
CA GLY E 48 41.18 -73.07 41.94
C GLY E 48 40.25 -74.09 42.58
N ASP E 49 38.96 -73.77 42.65
CA ASP E 49 37.98 -74.74 43.13
C ASP E 49 37.79 -75.89 42.17
N LYS E 50 38.20 -75.74 40.91
CA LYS E 50 38.14 -76.78 39.91
C LYS E 50 39.48 -77.45 39.68
N SER E 51 40.45 -77.22 40.57
CA SER E 51 41.77 -77.83 40.44
C SER E 51 41.76 -79.36 40.41
N PRO E 52 40.98 -80.08 41.26
CA PRO E 52 41.08 -81.55 41.26
C PRO E 52 41.12 -82.20 39.89
N PHE E 53 40.10 -81.95 39.06
CA PHE E 53 40.15 -82.52 37.71
C PHE E 53 41.14 -81.76 36.85
N SER E 54 41.37 -80.47 37.12
CA SER E 54 42.44 -79.76 36.45
C SER E 54 43.79 -80.38 36.79
N GLN E 55 43.98 -80.77 38.05
CA GLN E 55 45.13 -81.59 38.39
C GLN E 55 45.07 -82.93 37.68
N GLN E 56 43.88 -83.52 37.60
CA GLN E 56 43.71 -84.73 36.80
C GLN E 56 43.94 -84.45 35.33
N ASN E 57 43.63 -83.23 34.87
CA ASN E 57 43.88 -82.87 33.48
C ASN E 57 45.36 -82.92 33.14
N LEU E 58 46.23 -82.77 34.15
CA LEU E 58 47.67 -82.94 33.92
C LEU E 58 47.98 -84.38 33.52
N GLN E 59 47.29 -85.35 34.13
CA GLN E 59 47.54 -86.75 33.82
C GLN E 59 46.95 -87.13 32.47
N GLY E 60 45.88 -86.47 32.04
CA GLY E 60 45.24 -86.78 30.78
C GLY E 60 45.44 -85.71 29.73
N ASP E 61 46.65 -85.16 29.65
CA ASP E 61 46.93 -84.10 28.68
C ASP E 61 46.78 -84.57 27.25
N ALA E 62 47.04 -85.86 26.99
CA ALA E 62 46.88 -86.37 25.63
C ALA E 62 45.44 -86.26 25.16
N GLY E 63 44.48 -86.55 26.03
CA GLY E 63 43.08 -86.44 25.67
C GLY E 63 42.34 -85.42 26.50
N VAL E 64 43.03 -84.35 26.90
CA VAL E 64 42.38 -83.32 27.72
C VAL E 64 41.22 -82.70 26.97
N ARG E 65 41.40 -82.42 25.67
CA ARG E 65 40.29 -81.94 24.86
C ARG E 65 39.20 -83.00 24.78
N ASP E 66 39.58 -84.27 24.63
CA ASP E 66 38.60 -85.33 24.73
C ASP E 66 38.02 -85.41 26.13
N GLU E 67 38.87 -85.22 27.15
CA GLU E 67 38.38 -85.33 28.52
C GLU E 67 37.54 -84.11 28.89
N GLU E 68 37.92 -82.92 28.43
CA GLU E 68 37.06 -81.76 28.69
C GLU E 68 35.71 -81.92 28.02
N THR E 69 35.66 -82.63 26.90
CA THR E 69 34.37 -82.99 26.31
C THR E 69 33.57 -83.87 27.27
N VAL E 70 34.25 -84.77 27.98
CA VAL E 70 33.60 -85.53 29.03
C VAL E 70 33.13 -84.61 30.15
N ARG E 71 33.90 -83.55 30.42
CA ARG E 71 33.52 -82.58 31.44
C ARG E 71 32.35 -81.70 31.02
N ILE E 72 31.99 -81.69 29.73
CA ILE E 72 30.87 -80.85 29.29
C ILE E 72 29.57 -81.29 29.97
N GLN E 73 29.34 -82.60 30.06
CA GLN E 73 28.19 -83.08 30.80
C GLN E 73 28.31 -82.78 32.29
N TYR E 74 29.53 -82.60 32.79
CA TYR E 74 29.69 -82.13 34.16
C TYR E 74 29.42 -80.64 34.29
N LEU E 75 29.63 -79.87 33.23
CA LEU E 75 29.01 -78.54 33.18
C LEU E 75 27.49 -78.68 33.17
N ALA E 76 26.98 -79.76 32.56
CA ALA E 76 25.54 -79.97 32.55
C ALA E 76 25.03 -80.41 33.92
N GLU E 77 25.78 -81.26 34.62
CA GLU E 77 25.34 -81.63 35.97
C GLU E 77 25.40 -80.44 36.91
N ILE E 78 26.18 -79.41 36.56
CA ILE E 78 26.11 -78.15 37.28
C ILE E 78 24.73 -77.52 37.10
N ALA E 79 24.14 -77.68 35.92
CA ALA E 79 22.80 -77.19 35.64
C ALA E 79 21.82 -78.34 35.41
N LYS E 80 22.00 -79.45 36.13
CA LYS E 80 21.18 -80.64 35.92
C LYS E 80 19.72 -80.41 36.33
N PHE E 81 19.43 -79.39 37.10
CA PHE E 81 18.06 -79.05 37.45
C PHE E 81 17.73 -77.59 37.16
N LEU E 82 18.69 -76.68 37.35
CA LEU E 82 18.43 -75.26 37.15
C LEU E 82 18.38 -74.89 35.68
N GLY E 83 19.24 -75.49 34.85
CA GLY E 83 19.40 -75.01 33.50
C GLY E 83 19.40 -76.05 32.40
N ILE E 84 18.67 -77.15 32.57
CA ILE E 84 18.57 -78.14 31.50
C ILE E 84 17.77 -77.56 30.32
N THR E 85 16.63 -76.92 30.60
CA THR E 85 15.87 -76.28 29.53
C THR E 85 16.62 -75.09 28.93
N PRO E 86 17.19 -74.16 29.71
CA PRO E 86 17.93 -73.05 29.09
C PRO E 86 19.26 -73.45 28.48
N THR E 87 19.71 -74.69 28.65
CA THR E 87 20.99 -75.11 28.09
C THR E 87 21.06 -74.85 26.59
N VAL E 88 19.98 -75.18 25.88
CA VAL E 88 19.91 -74.85 24.46
C VAL E 88 19.86 -73.34 24.27
N ASP E 89 19.21 -72.64 25.20
CA ASP E 89 19.06 -71.20 25.07
C ASP E 89 20.37 -70.47 25.31
N ILE E 90 21.11 -70.86 26.35
CA ILE E 90 22.25 -70.06 26.80
C ILE E 90 23.41 -70.07 25.82
N GLU E 91 23.40 -70.97 24.83
CA GLU E 91 24.55 -71.10 23.96
C GLU E 91 24.76 -69.87 23.07
N ALA E 92 23.67 -69.21 22.66
CA ALA E 92 23.78 -68.16 21.66
C ALA E 92 23.42 -66.77 22.20
N ILE E 93 22.20 -66.56 22.69
CA ILE E 93 21.73 -65.23 23.06
C ILE E 93 21.41 -65.15 24.55
N GLN E 94 20.89 -66.21 25.15
CA GLN E 94 20.73 -66.26 26.58
C GLN E 94 22.01 -66.61 27.31
N GLY E 95 23.17 -66.37 26.68
CA GLY E 95 24.43 -66.47 27.38
C GLY E 95 24.52 -65.56 28.59
N HIS E 96 23.73 -64.49 28.62
CA HIS E 96 23.66 -63.67 29.83
C HIS E 96 23.05 -64.44 30.99
N GLY E 97 22.16 -65.40 30.69
CA GLY E 97 21.57 -66.20 31.75
C GLY E 97 22.60 -67.03 32.48
N THR E 98 23.48 -67.70 31.73
CA THR E 98 24.58 -68.40 32.37
C THR E 98 25.65 -67.44 32.88
N TYR E 99 25.66 -66.20 32.37
CA TYR E 99 26.42 -65.14 33.02
C TYR E 99 25.68 -64.63 34.25
N GLU E 100 24.36 -64.55 34.17
CA GLU E 100 23.56 -64.44 35.39
C GLU E 100 23.77 -65.64 36.29
N ASP E 101 24.20 -66.77 35.73
CA ASP E 101 24.68 -67.89 36.51
C ASP E 101 26.19 -67.87 36.72
N ARG E 102 26.93 -67.15 35.87
CA ARG E 102 28.36 -66.95 36.13
C ARG E 102 28.56 -65.99 37.30
N MET E 103 27.82 -64.87 37.30
CA MET E 103 27.82 -63.98 38.46
C MET E 103 27.10 -64.60 39.65
N GLU E 104 26.34 -65.66 39.43
CA GLU E 104 25.71 -66.39 40.52
C GLU E 104 26.75 -66.99 41.47
N MET E 105 27.84 -67.52 40.91
CA MET E 105 28.92 -68.07 41.71
C MET E 105 30.02 -67.06 42.01
N LEU E 106 30.12 -65.99 41.21
CA LEU E 106 31.16 -65.00 41.43
C LEU E 106 31.01 -64.30 42.78
N ARG E 107 29.78 -63.91 43.13
CA ARG E 107 29.55 -63.25 44.41
C ARG E 107 29.70 -64.20 45.59
N ASN E 108 29.62 -65.51 45.34
CA ASN E 108 29.74 -66.48 46.44
C ASN E 108 31.18 -66.64 46.89
N ILE E 109 32.10 -66.83 45.95
CA ILE E 109 33.50 -67.06 46.29
C ILE E 109 34.04 -65.85 47.05
N VAL E 110 33.69 -64.65 46.62
CA VAL E 110 34.04 -63.45 47.38
C VAL E 110 33.43 -63.53 48.77
N ASP E 111 32.15 -63.90 48.85
CA ASP E 111 31.54 -64.13 50.16
C ASP E 111 32.21 -65.30 50.86
N LEU E 112 32.55 -66.35 50.11
CA LEU E 112 33.18 -67.52 50.71
C LEU E 112 34.53 -67.18 51.32
N VAL E 113 35.41 -66.53 50.54
CA VAL E 113 36.72 -66.19 51.06
C VAL E 113 36.60 -65.16 52.18
N GLU E 114 35.61 -64.26 52.09
CA GLU E 114 35.39 -63.32 53.18
C GLU E 114 34.99 -64.04 54.45
N ALA E 115 34.17 -65.09 54.33
CA ALA E 115 33.77 -65.86 55.50
C ALA E 115 34.97 -66.54 56.14
N SER E 116 35.89 -67.05 55.32
CA SER E 116 37.06 -67.75 55.86
C SER E 116 37.95 -66.80 56.64
N LEU E 117 38.23 -65.62 56.09
CA LEU E 117 39.11 -64.68 56.77
C LEU E 117 38.41 -64.01 57.94
N PHE E 118 37.08 -63.83 57.86
CA PHE E 118 36.33 -63.29 58.99
C PHE E 118 36.19 -64.31 60.11
N SER E 119 36.41 -65.60 59.83
CA SER E 119 36.35 -66.62 60.87
C SER E 119 37.53 -66.57 61.81
N ASP E 120 38.56 -65.78 61.50
CA ASP E 120 39.72 -65.60 62.38
C ASP E 120 39.65 -64.34 63.21
N ASN E 121 38.96 -63.31 62.73
CA ASN E 121 38.81 -62.05 63.45
C ASN E 121 37.54 -62.00 64.29
N GLN E 122 36.81 -63.11 64.40
CA GLN E 122 35.54 -63.16 65.11
C GLN E 122 35.70 -63.31 66.62
N GLU E 123 36.89 -63.03 67.17
CA GLU E 123 37.07 -63.07 68.62
C GLU E 123 36.14 -62.08 69.31
N TRP E 124 35.87 -60.95 68.67
CA TRP E 124 34.88 -60.01 69.16
C TRP E 124 34.00 -59.45 68.04
N SER E 125 34.24 -59.84 66.79
CA SER E 125 33.55 -59.19 65.67
C SER E 125 32.04 -59.34 65.76
N ILE E 126 31.56 -60.54 66.11
CA ILE E 126 30.12 -60.73 66.23
C ILE E 126 29.54 -59.86 67.34
N ASP E 127 30.33 -59.57 68.37
CA ASP E 127 29.92 -58.60 69.37
C ASP E 127 29.68 -57.22 68.74
N GLU E 128 30.33 -56.96 67.61
CA GLU E 128 30.16 -55.71 66.88
C GLU E 128 29.52 -55.89 65.52
N GLN E 129 29.02 -57.09 65.19
CA GLN E 129 28.53 -57.35 63.84
C GLN E 129 27.03 -57.16 63.72
N VAL E 130 26.24 -57.90 64.50
CA VAL E 130 24.79 -57.87 64.36
C VAL E 130 24.17 -56.56 64.85
N ALA E 131 24.96 -55.68 65.48
CA ALA E 131 24.44 -54.49 66.12
C ALA E 131 24.81 -53.20 65.41
N LYS E 132 26.06 -53.04 64.98
CA LYS E 132 26.52 -51.75 64.47
C LYS E 132 25.86 -51.40 63.14
N ASP E 133 25.64 -52.39 62.27
CA ASP E 133 25.16 -52.11 60.92
C ASP E 133 23.76 -51.51 60.92
N ILE E 134 22.91 -51.92 61.87
CA ILE E 134 21.51 -51.53 61.82
C ILE E 134 21.34 -50.03 62.05
N GLN E 135 22.28 -49.40 62.76
CA GLN E 135 22.11 -48.00 63.14
C GLN E 135 22.89 -47.03 62.28
N LEU E 136 24.01 -47.47 61.69
CA LEU E 136 24.82 -46.54 60.90
C LEU E 136 24.27 -46.39 59.48
N ILE E 137 24.24 -47.49 58.73
CA ILE E 137 23.87 -47.40 57.32
C ILE E 137 22.40 -47.05 57.17
N ASP E 138 21.53 -47.70 57.96
CA ASP E 138 20.10 -47.53 57.79
C ASP E 138 19.67 -46.09 58.07
N ALA E 139 20.25 -45.47 59.10
CA ALA E 139 19.93 -44.07 59.39
C ALA E 139 20.32 -43.18 58.24
N ILE E 140 21.50 -43.40 57.65
CA ILE E 140 21.92 -42.62 56.49
C ILE E 140 21.07 -42.98 55.28
N ALA E 141 20.71 -44.27 55.15
CA ALA E 141 20.05 -44.73 53.93
C ALA E 141 18.73 -44.02 53.69
N GLU E 142 17.93 -43.84 54.75
CA GLU E 142 16.69 -43.08 54.60
C GLU E 142 16.99 -41.65 54.17
N ARG E 143 18.03 -41.05 54.75
CA ARG E 143 18.46 -39.73 54.32
C ARG E 143 19.25 -39.76 53.02
N GLN E 144 19.79 -40.92 52.63
CA GLN E 144 20.59 -40.97 51.41
C GLN E 144 19.70 -41.00 50.18
N SER E 145 18.40 -41.30 50.34
CA SER E 145 17.47 -41.16 49.23
C SER E 145 17.43 -39.73 48.73
N LEU E 146 17.56 -38.76 49.63
CA LEU E 146 17.68 -37.36 49.22
C LEU E 146 18.94 -37.14 48.40
N ILE E 147 20.03 -37.87 48.70
CA ILE E 147 21.22 -37.79 47.88
C ILE E 147 20.93 -38.31 46.47
N PHE E 148 20.19 -39.40 46.35
CA PHE E 148 19.79 -39.88 45.04
C PHE E 148 18.87 -38.90 44.35
N SER E 149 18.13 -38.09 45.11
CA SER E 149 17.21 -37.12 44.51
C SER E 149 17.95 -36.09 43.68
N GLU E 150 19.12 -35.64 44.16
CA GLU E 150 19.91 -34.68 43.40
C GLU E 150 20.49 -35.33 42.15
N GLU E 151 21.11 -36.50 42.30
CA GLU E 151 21.80 -37.11 41.17
C GLU E 151 20.83 -37.75 40.19
N CYS E 152 19.61 -38.08 40.63
CA CYS E 152 18.61 -38.57 39.66
C CYS E 152 18.16 -37.47 38.71
N LYS E 153 18.75 -36.28 38.80
CA LYS E 153 18.60 -35.26 37.77
C LYS E 153 19.79 -35.22 36.82
N LEU E 154 20.92 -35.80 37.21
CA LEU E 154 22.14 -35.72 36.41
C LEU E 154 22.31 -36.94 35.50
N PHE E 155 22.43 -38.13 36.09
CA PHE E 155 22.69 -39.32 35.28
C PHE E 155 21.50 -39.75 34.42
N PRO E 156 20.24 -39.53 34.82
CA PRO E 156 19.13 -39.91 33.94
C PRO E 156 18.87 -38.95 32.79
N ALA E 157 19.79 -38.02 32.53
CA ALA E 157 19.58 -37.06 31.43
C ALA E 157 19.45 -37.78 30.10
N ASP E 158 20.33 -38.76 29.84
CA ASP E 158 20.22 -39.62 28.68
C ASP E 158 19.43 -40.89 28.97
N VAL E 159 18.98 -41.09 30.21
CA VAL E 159 18.26 -42.30 30.58
C VAL E 159 16.77 -42.04 30.77
N GLN E 160 16.35 -40.78 30.92
CA GLN E 160 14.94 -40.48 31.14
C GLN E 160 14.08 -40.97 29.98
N ILE E 161 14.54 -40.74 28.75
CA ILE E 161 13.87 -41.33 27.60
C ILE E 161 14.02 -42.84 27.61
N GLN E 162 15.17 -43.33 28.08
CA GLN E 162 15.46 -44.77 28.05
C GLN E 162 14.55 -45.56 28.97
N SER E 163 14.15 -44.99 30.12
CA SER E 163 13.48 -45.75 31.16
C SER E 163 12.03 -45.33 31.40
N ILE E 164 11.47 -44.46 30.56
CA ILE E 164 10.09 -44.03 30.77
C ILE E 164 9.12 -45.16 30.45
N TYR E 165 9.33 -45.86 29.33
CA TYR E 165 8.39 -46.83 28.78
C TYR E 165 8.43 -48.24 29.38
N PRO E 166 9.61 -48.84 29.68
CA PRO E 166 9.72 -50.31 29.68
C PRO E 166 8.60 -51.06 30.37
N LEU E 167 8.36 -50.78 31.64
CA LEU E 167 7.29 -51.46 32.36
C LEU E 167 5.92 -50.79 32.19
N PRO E 168 5.78 -49.47 32.38
CA PRO E 168 4.43 -48.88 32.40
C PRO E 168 3.68 -49.02 31.08
N ASP E 169 4.37 -49.29 29.98
CA ASP E 169 3.70 -49.40 28.69
C ASP E 169 2.70 -50.55 28.66
N VAL E 170 2.88 -51.58 29.49
CA VAL E 170 1.95 -52.71 29.48
C VAL E 170 0.70 -52.41 30.30
N SER E 171 0.80 -51.53 31.30
CA SER E 171 -0.33 -51.22 32.17
C SER E 171 -0.76 -49.76 32.09
N GLU E 172 0.17 -48.82 32.27
CA GLU E 172 -0.18 -47.40 32.33
C GLU E 172 0.00 -46.70 30.99
N LEU E 173 1.21 -46.75 30.43
CA LEU E 173 1.52 -45.97 29.25
C LEU E 173 0.87 -46.48 27.97
N GLU E 174 0.22 -47.65 28.01
CA GLU E 174 -0.42 -48.19 26.82
C GLU E 174 -1.33 -47.17 26.17
N THR E 175 -2.11 -46.45 26.97
CA THR E 175 -2.93 -45.34 26.46
C THR E 175 -2.30 -43.99 26.70
N LYS E 176 -1.37 -43.87 27.65
CA LYS E 176 -0.77 -42.58 27.95
C LYS E 176 0.15 -42.12 26.82
N LEU E 177 0.91 -43.05 26.22
CA LEU E 177 1.82 -42.66 25.15
C LEU E 177 1.04 -42.11 23.96
N SER E 178 -0.10 -42.72 23.63
CA SER E 178 -0.98 -42.15 22.63
C SER E 178 -1.52 -40.80 23.08
N GLU E 179 -1.89 -40.69 24.36
CA GLU E 179 -2.25 -39.40 24.91
C GLU E 179 -1.05 -38.46 24.94
N GLN E 180 0.15 -39.00 25.18
CA GLN E 180 1.35 -38.18 25.17
C GLN E 180 1.59 -37.59 23.78
N ALA E 181 1.39 -38.37 22.73
CA ALA E 181 1.49 -37.85 21.38
C ALA E 181 0.42 -36.79 21.12
N LYS E 182 -0.80 -37.03 21.59
CA LYS E 182 -1.87 -36.06 21.42
C LYS E 182 -1.59 -34.78 22.20
N ILE E 183 -1.05 -34.91 23.41
CA ILE E 183 -0.82 -33.74 24.25
C ILE E 183 0.24 -32.83 23.63
N LEU E 184 1.34 -33.41 23.14
CA LEU E 184 2.39 -32.59 22.55
C LEU E 184 1.89 -31.89 21.30
N SER E 185 0.99 -32.53 20.55
CA SER E 185 0.37 -31.85 19.42
C SER E 185 -0.43 -30.64 19.89
N ASN E 186 -1.15 -30.78 20.99
CA ASN E 186 -1.91 -29.68 21.59
C ASN E 186 -1.06 -28.83 22.52
N LEU E 187 0.22 -29.17 22.70
CA LEU E 187 1.07 -28.42 23.61
C LEU E 187 1.26 -26.99 23.15
N GLN E 188 1.26 -26.76 21.83
CA GLN E 188 1.42 -25.39 21.32
C GLN E 188 0.28 -24.50 21.77
N GLN E 189 -0.95 -25.02 21.77
CA GLN E 189 -2.09 -24.23 22.22
C GLN E 189 -1.97 -23.90 23.71
N LYS E 190 -1.52 -24.86 24.51
CA LYS E 190 -1.37 -24.62 25.94
C LYS E 190 -0.22 -23.67 26.25
N VAL E 191 0.79 -23.63 25.37
CA VAL E 191 1.87 -22.65 25.54
C VAL E 191 1.31 -21.24 25.42
N ASP E 192 0.45 -21.00 24.42
CA ASP E 192 -0.20 -19.70 24.29
C ASP E 192 -1.11 -19.42 25.48
N ASP E 193 -1.65 -20.47 26.11
CA ASP E 193 -2.45 -20.28 27.31
C ASP E 193 -1.62 -19.68 28.43
N LEU E 194 -0.31 -19.96 28.46
CA LEU E 194 0.58 -19.23 29.35
C LEU E 194 0.60 -17.76 28.96
N ALA E 195 0.66 -17.47 27.65
CA ALA E 195 0.56 -16.10 27.18
C ALA E 195 -0.85 -15.55 27.31
N ALA E 196 -1.85 -16.40 27.56
CA ALA E 196 -3.20 -15.91 27.75
C ALA E 196 -3.34 -15.06 29.01
N LYS E 197 -2.45 -15.24 29.98
CA LYS E 197 -2.41 -14.32 31.12
C LYS E 197 -2.05 -12.92 30.67
N HIS E 198 -1.12 -12.80 29.71
CA HIS E 198 -0.76 -11.52 29.13
C HIS E 198 -1.68 -11.11 27.98
N ALA E 199 -2.66 -11.95 27.63
CA ALA E 199 -3.51 -11.66 26.48
C ALA E 199 -4.38 -10.43 26.69
N TYR E 200 -4.58 -9.99 27.93
CA TYR E 200 -5.38 -8.80 28.16
C TYR E 200 -4.74 -7.56 27.55
N ASN E 201 -3.41 -7.50 27.53
CA ASN E 201 -2.73 -6.35 26.95
C ASN E 201 -3.04 -6.18 25.47
N PRO E 202 -3.02 -7.22 24.62
CA PRO E 202 -3.54 -7.05 23.26
C PRO E 202 -5.06 -7.11 23.16
N ASP E 203 -5.74 -7.79 24.09
CA ASP E 203 -7.20 -7.80 24.06
C ASP E 203 -7.76 -6.41 24.30
N GLU E 204 -7.23 -5.69 25.29
CA GLU E 204 -7.62 -4.30 25.51
C GLU E 204 -7.16 -3.40 24.35
N GLU E 205 -6.14 -3.81 23.61
CA GLU E 205 -5.67 -3.01 22.48
C GLU E 205 -6.72 -2.92 21.38
N TYR E 206 -7.46 -4.00 21.12
CA TYR E 206 -8.45 -4.00 20.06
C TYR E 206 -9.46 -2.89 20.24
N THR E 207 -10.07 -2.81 21.43
CA THR E 207 -11.02 -1.74 21.71
C THR E 207 -10.32 -0.38 21.78
N GLU E 208 -9.03 -0.36 22.08
CA GLU E 208 -8.28 0.90 22.03
C GLU E 208 -8.14 1.40 20.60
N VAL E 209 -7.95 0.48 19.64
CA VAL E 209 -7.70 0.87 18.26
C VAL E 209 -8.88 1.67 17.72
N GLU E 210 -10.09 1.14 17.88
CA GLU E 210 -11.27 1.90 17.47
C GLU E 210 -11.36 3.21 18.24
N SER E 211 -11.03 3.18 19.53
CA SER E 211 -10.93 4.41 20.30
C SER E 211 -9.81 5.29 19.75
N GLN E 212 -8.67 4.68 19.42
CA GLN E 212 -7.62 5.43 18.74
C GLN E 212 -8.08 5.90 17.37
N LEU E 213 -8.83 5.04 16.65
CA LEU E 213 -9.41 5.46 15.38
C LEU E 213 -10.51 6.48 15.59
N ARG E 214 -11.22 6.41 16.72
CA ARG E 214 -12.16 7.47 17.06
C ARG E 214 -11.44 8.78 17.32
N ALA E 215 -10.28 8.72 17.97
CA ALA E 215 -9.48 9.93 18.19
C ALA E 215 -9.03 10.53 16.87
N ARG E 216 -8.62 9.69 15.92
CA ARG E 216 -8.27 10.18 14.59
C ARG E 216 -9.49 10.75 13.88
N LEU E 217 -10.67 10.19 14.12
CA LEU E 217 -11.90 10.69 13.53
C LEU E 217 -12.37 12.00 14.14
N GLU E 218 -11.67 12.53 15.13
CA GLU E 218 -11.98 13.87 15.62
C GLU E 218 -11.86 14.86 14.48
N SER E 219 -12.87 15.73 14.36
CA SER E 219 -13.08 16.65 13.24
C SER E 219 -13.43 15.92 11.95
N PHE E 220 -13.43 14.59 11.95
CA PHE E 220 -14.00 13.77 10.88
C PHE E 220 -15.30 13.13 11.30
N LEU E 221 -15.35 12.54 12.50
CA LEU E 221 -16.61 12.04 13.04
C LEU E 221 -17.59 13.17 13.25
N GLU E 222 -17.10 14.32 13.70
CA GLU E 222 -17.94 15.50 13.85
C GLU E 222 -18.51 15.93 12.50
N THR E 223 -17.75 15.74 11.43
CA THR E 223 -18.30 15.93 10.09
C THR E 223 -19.19 14.75 9.70
N ALA E 224 -18.82 13.54 10.13
CA ALA E 224 -19.68 12.38 9.90
C ALA E 224 -21.03 12.57 10.57
N ARG E 225 -21.05 13.30 11.69
CA ARG E 225 -22.30 13.79 12.25
C ARG E 225 -23.11 14.52 11.20
N ALA E 226 -22.47 15.47 10.51
CA ALA E 226 -23.15 16.15 9.41
C ALA E 226 -23.31 15.24 8.20
N PHE E 227 -22.35 14.33 7.99
CA PHE E 227 -22.41 13.49 6.80
C PHE E 227 -23.64 12.59 6.81
N ASN E 228 -24.25 12.38 7.97
CA ASN E 228 -25.50 11.61 7.99
C ASN E 228 -26.70 12.50 7.68
N THR E 229 -26.98 13.46 8.57
CA THR E 229 -28.24 14.20 8.46
C THR E 229 -28.25 15.10 7.23
N ILE E 230 -27.15 15.79 6.95
CA ILE E 230 -27.11 16.69 5.81
C ILE E 230 -27.15 15.90 4.51
N TYR E 231 -26.47 14.75 4.46
CA TYR E 231 -26.27 14.05 3.20
C TYR E 231 -27.22 12.89 2.96
N THR E 232 -27.85 12.33 4.01
CA THR E 232 -28.75 11.19 3.79
C THR E 232 -29.86 11.54 2.83
N LYS E 233 -30.33 12.79 2.86
CA LYS E 233 -31.30 13.25 1.88
C LYS E 233 -30.72 13.28 0.48
N GLU E 234 -29.38 13.32 0.35
CA GLU E 234 -28.73 13.45 -0.95
C GLU E 234 -28.41 12.12 -1.62
N ILE E 235 -28.38 11.01 -0.87
CA ILE E 235 -28.23 9.72 -1.52
C ILE E 235 -29.45 9.39 -2.37
N ARG E 236 -30.64 9.81 -1.94
CA ARG E 236 -31.85 9.52 -2.72
C ARG E 236 -31.77 10.07 -4.13
N PRO E 237 -31.31 11.30 -4.39
CA PRO E 237 -31.01 11.69 -5.78
C PRO E 237 -29.74 11.05 -6.34
N TRP E 238 -28.87 10.51 -5.48
CA TRP E 238 -27.61 9.96 -5.96
C TRP E 238 -27.84 8.67 -6.76
N THR E 239 -28.87 7.90 -6.43
CA THR E 239 -29.17 6.71 -7.21
C THR E 239 -29.57 7.06 -8.64
N HIS E 240 -30.09 8.27 -8.87
CA HIS E 240 -30.25 8.77 -10.22
C HIS E 240 -28.91 9.15 -10.84
N MET E 241 -27.99 9.67 -10.04
CA MET E 241 -26.63 9.95 -10.51
C MET E 241 -25.83 8.68 -10.75
N MET E 242 -26.28 7.54 -10.21
CA MET E 242 -25.60 6.28 -10.46
C MET E 242 -25.69 5.88 -11.93
N GLU E 243 -26.75 6.31 -12.62
CA GLU E 243 -26.87 6.04 -14.05
C GLU E 243 -25.96 6.93 -14.87
N VAL E 244 -25.46 8.03 -14.30
CA VAL E 244 -24.61 8.95 -15.06
C VAL E 244 -23.36 8.27 -15.60
N PRO E 245 -22.64 7.42 -14.84
CA PRO E 245 -21.48 6.72 -15.44
C PRO E 245 -21.78 6.05 -16.77
N GLN E 246 -22.83 5.22 -16.84
CA GLN E 246 -23.23 4.67 -18.13
C GLN E 246 -23.75 5.77 -19.05
N LEU E 247 -24.46 6.75 -18.49
CA LEU E 247 -24.95 7.86 -19.29
C LEU E 247 -23.81 8.76 -19.76
N HIS E 248 -22.69 8.78 -19.04
CA HIS E 248 -21.56 9.62 -19.43
C HIS E 248 -21.00 9.20 -20.78
N GLY E 249 -20.84 7.89 -20.99
CA GLY E 249 -20.45 7.41 -22.30
C GLY E 249 -21.53 7.65 -23.34
N PHE E 250 -22.80 7.53 -22.93
CA PHE E 250 -23.92 7.78 -23.83
C PHE E 250 -23.96 9.23 -24.31
N GLY E 251 -23.38 10.15 -23.55
CA GLY E 251 -23.37 11.55 -23.91
C GLY E 251 -22.82 11.80 -25.31
N PRO E 252 -21.53 11.56 -25.50
CA PRO E 252 -20.97 11.66 -26.86
C PRO E 252 -21.54 10.64 -27.83
N ALA E 253 -22.09 9.53 -27.33
CA ALA E 253 -22.62 8.48 -28.17
C ALA E 253 -24.13 8.60 -28.41
N ALA E 254 -24.77 9.66 -27.89
CA ALA E 254 -26.20 9.81 -28.07
C ALA E 254 -26.58 9.94 -29.54
N ASN E 255 -25.81 10.73 -30.29
CA ASN E 255 -26.11 10.92 -31.70
C ASN E 255 -25.84 9.65 -32.51
N ARG E 256 -24.79 8.91 -32.16
CA ARG E 256 -24.37 7.74 -32.93
C ARG E 256 -24.94 6.43 -32.39
N LEU E 257 -25.79 6.48 -31.36
CA LEU E 257 -26.38 5.24 -30.85
C LEU E 257 -27.38 4.65 -31.82
N LEU E 258 -28.03 5.49 -32.64
CA LEU E 258 -29.02 4.99 -33.58
C LEU E 258 -28.41 4.00 -34.57
N GLU E 259 -27.14 4.21 -34.94
CA GLU E 259 -26.43 3.29 -35.81
C GLU E 259 -25.62 2.26 -35.04
N ALA E 260 -25.70 2.27 -33.72
CA ALA E 260 -24.94 1.33 -32.87
C ALA E 260 -25.82 0.38 -32.09
N TYR E 261 -27.01 0.80 -31.66
CA TYR E 261 -27.86 -0.06 -30.87
C TYR E 261 -28.49 -1.18 -31.70
N ASN E 262 -28.58 -1.00 -33.02
CA ASN E 262 -29.09 -2.07 -33.88
C ASN E 262 -28.12 -3.24 -33.95
N MET E 263 -26.84 -3.01 -33.65
CA MET E 263 -25.87 -4.09 -33.63
C MET E 263 -26.21 -5.10 -32.54
N LEU E 264 -26.59 -4.61 -31.35
CA LEU E 264 -26.95 -5.52 -30.26
C LEU E 264 -28.17 -6.36 -30.62
N LEU E 265 -29.15 -5.76 -31.29
CA LEU E 265 -30.32 -6.54 -31.73
C LEU E 265 -29.91 -7.61 -32.74
N LYS E 266 -28.93 -7.33 -33.58
CA LYS E 266 -28.45 -8.33 -34.52
C LYS E 266 -27.83 -9.52 -33.80
N PHE E 267 -27.07 -9.26 -32.75
CA PHE E 267 -26.45 -10.33 -31.97
C PHE E 267 -27.44 -10.90 -30.95
N GLU F 66 24.92 -68.14 54.83
CA GLU F 66 25.56 -69.42 54.57
C GLU F 66 25.12 -69.98 53.23
N ASP F 67 23.94 -69.56 52.80
CA ASP F 67 23.37 -70.06 51.55
C ASP F 67 24.07 -69.52 50.32
N VAL F 68 25.00 -68.59 50.48
CA VAL F 68 25.71 -68.06 49.32
C VAL F 68 26.54 -69.16 48.66
N HIS F 69 27.10 -70.08 49.45
CA HIS F 69 27.89 -71.16 48.88
C HIS F 69 27.03 -72.10 48.06
N GLN F 70 25.79 -72.33 48.49
CA GLN F 70 24.80 -73.10 47.75
C GLN F 70 23.78 -72.20 47.08
N LEU F 71 24.21 -71.05 46.56
CA LEU F 71 23.26 -70.12 45.97
C LEU F 71 22.60 -70.73 44.75
N ARG F 72 23.20 -71.76 44.17
CA ARG F 72 22.50 -72.56 43.17
C ARG F 72 21.25 -73.20 43.77
N LEU F 73 21.27 -73.51 45.06
CA LEU F 73 20.10 -74.08 45.72
C LEU F 73 19.09 -73.01 46.15
N LEU F 74 19.45 -71.73 46.06
CA LEU F 74 18.47 -70.67 46.23
C LEU F 74 17.39 -70.69 45.16
N HIS F 75 17.58 -71.41 44.06
CA HIS F 75 16.50 -71.61 43.13
C HIS F 75 15.30 -72.24 43.82
N ASN F 76 15.54 -73.27 44.63
CA ASN F 76 14.49 -73.81 45.50
C ASN F 76 14.24 -72.91 46.70
N ARG F 77 15.30 -72.30 47.24
CA ARG F 77 15.19 -71.44 48.40
C ARG F 77 14.76 -70.02 48.05
N TYR F 78 14.53 -69.75 46.75
CA TYR F 78 14.02 -68.45 46.36
C TYR F 78 12.69 -68.15 47.04
N LEU F 79 11.84 -69.17 47.18
CA LEU F 79 10.61 -69.00 47.95
C LEU F 79 10.94 -68.63 49.39
N GLN F 80 11.93 -69.31 49.98
CA GLN F 80 12.40 -68.90 51.30
C GLN F 80 13.16 -67.59 51.23
N TRP F 81 13.87 -67.34 50.13
CA TRP F 81 14.54 -66.07 49.94
C TRP F 81 13.57 -64.92 49.69
N ARG F 82 12.31 -65.22 49.35
CA ARG F 82 11.30 -64.18 49.20
C ARG F 82 11.00 -63.48 50.51
N PHE F 83 11.22 -64.13 51.65
CA PHE F 83 11.05 -63.47 52.94
C PHE F 83 12.10 -62.40 53.15
N ALA F 84 13.29 -62.58 52.58
CA ALA F 84 14.31 -61.53 52.64
C ALA F 84 13.86 -60.30 51.88
N ILE F 85 13.13 -60.49 50.79
CA ILE F 85 12.44 -59.37 50.13
C ILE F 85 11.43 -58.76 51.10
N ALA F 86 10.77 -59.60 51.89
CA ALA F 86 9.50 -59.22 52.51
C ALA F 86 9.67 -58.07 53.49
N ARG F 87 10.46 -58.27 54.54
CA ARG F 87 10.45 -57.32 55.66
C ARG F 87 10.97 -55.95 55.26
N ALA F 88 11.63 -55.83 54.12
CA ALA F 88 12.16 -54.55 53.68
C ALA F 88 11.63 -54.10 52.33
N GLU F 89 11.49 -55.00 51.36
CA GLU F 89 11.08 -54.61 50.03
C GLU F 89 9.62 -54.92 49.71
N SER F 90 9.05 -55.98 50.28
CA SER F 90 7.63 -56.24 50.05
C SER F 90 6.78 -55.15 50.67
N VAL F 91 7.07 -54.78 51.91
CA VAL F 91 6.41 -53.63 52.52
C VAL F 91 6.68 -52.39 51.69
N MET F 92 7.81 -52.36 50.97
CA MET F 92 8.11 -51.20 50.16
C MET F 92 7.15 -51.09 48.97
N TYR F 93 6.97 -52.17 48.21
CA TYR F 93 6.14 -52.01 47.01
C TYR F 93 4.66 -52.15 47.36
N ILE F 94 4.32 -53.06 48.28
CA ILE F 94 2.92 -53.25 48.64
C ILE F 94 2.32 -51.94 49.14
N GLN F 95 3.09 -51.19 49.93
CA GLN F 95 2.62 -49.87 50.34
C GLN F 95 2.71 -48.86 49.21
N ARG F 96 3.75 -48.93 48.38
CA ARG F 96 3.85 -47.97 47.29
C ARG F 96 2.79 -48.24 46.23
N LEU F 97 2.32 -49.48 46.12
CA LEU F 97 1.15 -49.74 45.29
C LEU F 97 -0.06 -48.99 45.81
N THR F 98 -0.25 -49.01 47.13
CA THR F 98 -1.30 -48.18 47.72
C THR F 98 -1.03 -46.71 47.46
N SER F 99 0.25 -46.31 47.48
CA SER F 99 0.60 -44.93 47.15
C SER F 99 0.14 -44.54 45.76
N GLU F 100 0.07 -45.51 44.84
CA GLU F 100 -0.44 -45.22 43.51
C GLU F 100 -1.89 -44.75 43.59
N GLU F 101 -2.68 -45.39 44.45
CA GLU F 101 -4.02 -44.88 44.71
C GLU F 101 -3.97 -43.50 45.34
N THR F 102 -3.06 -43.29 46.30
CA THR F 102 -3.00 -42.00 46.98
C THR F 102 -2.60 -40.88 46.03
N LEU F 103 -1.58 -41.13 45.19
CA LEU F 103 -1.20 -40.11 44.23
C LEU F 103 -2.30 -39.89 43.19
N PHE F 104 -3.13 -40.90 42.96
CA PHE F 104 -4.37 -40.67 42.22
C PHE F 104 -5.32 -39.78 43.04
N ASN F 105 -5.42 -40.05 44.35
CA ASN F 105 -6.34 -39.29 45.19
C ASN F 105 -5.97 -37.81 45.23
N VAL F 106 -4.68 -37.50 45.37
CA VAL F 106 -4.26 -36.10 45.34
C VAL F 106 -4.52 -35.51 43.96
N TRP F 107 -4.34 -36.32 42.91
CA TRP F 107 -4.67 -35.86 41.57
C TRP F 107 -6.16 -35.57 41.43
N HIS F 108 -7.00 -36.40 42.06
CA HIS F 108 -8.44 -36.15 42.07
C HIS F 108 -8.75 -34.81 42.71
N ALA F 109 -8.12 -34.53 43.85
CA ALA F 109 -8.26 -33.21 44.46
C ALA F 109 -7.67 -32.13 43.58
N ILE F 110 -6.52 -32.40 42.96
CA ILE F 110 -5.88 -31.42 42.10
C ILE F 110 -6.72 -31.16 40.85
N SER F 111 -7.24 -32.23 40.24
CA SER F 111 -8.04 -32.08 39.03
C SER F 111 -9.30 -31.27 39.28
N GLU F 112 -9.90 -31.41 40.47
CA GLU F 112 -11.08 -30.63 40.80
C GLU F 112 -10.77 -29.14 40.86
N LEU F 113 -9.61 -28.79 41.40
CA LEU F 113 -9.22 -27.38 41.48
C LEU F 113 -9.06 -26.75 40.10
N GLN F 114 -8.48 -27.51 39.15
CA GLN F 114 -8.16 -26.95 37.85
C GLN F 114 -9.42 -26.47 37.13
N ASP F 115 -10.51 -27.24 37.20
CA ASP F 115 -11.76 -26.80 36.60
C ASP F 115 -12.28 -25.53 37.28
N HIS F 116 -12.23 -25.49 38.61
CA HIS F 116 -12.81 -24.37 39.35
C HIS F 116 -12.06 -23.07 39.08
N VAL F 117 -10.72 -23.11 39.12
CA VAL F 117 -9.94 -21.89 38.97
C VAL F 117 -10.15 -21.30 37.58
N THR F 118 -10.27 -22.15 36.56
CA THR F 118 -10.58 -21.65 35.23
C THR F 118 -11.92 -20.94 35.21
N ARG F 119 -12.90 -21.51 35.90
CA ARG F 119 -14.20 -20.85 36.01
C ARG F 119 -14.09 -19.55 36.79
N GLN F 120 -13.65 -19.65 38.06
CA GLN F 120 -13.74 -18.51 38.96
C GLN F 120 -12.86 -17.35 38.51
N ARG F 121 -11.60 -17.63 38.16
CA ARG F 121 -10.67 -16.55 37.87
C ARG F 121 -11.11 -15.75 36.65
N ILE F 122 -11.38 -16.44 35.55
CA ILE F 122 -11.80 -15.76 34.33
C ILE F 122 -13.09 -14.99 34.57
N GLY F 123 -14.06 -15.64 35.21
CA GLY F 123 -15.33 -14.97 35.48
C GLY F 123 -15.17 -13.70 36.29
N LEU F 124 -14.11 -13.62 37.10
CA LEU F 124 -13.79 -12.39 37.82
C LEU F 124 -12.68 -11.59 37.17
N GLN F 125 -11.65 -12.23 36.63
CA GLN F 125 -10.59 -11.48 35.96
C GLN F 125 -11.13 -10.79 34.72
N GLN F 126 -11.93 -11.50 33.92
CA GLN F 126 -12.58 -10.86 32.79
C GLN F 126 -13.61 -9.84 33.24
N LEU F 127 -14.17 -10.04 34.44
CA LEU F 127 -15.26 -9.19 34.93
C LEU F 127 -14.88 -7.72 34.96
N LYS F 128 -13.93 -7.36 35.82
CA LYS F 128 -13.61 -5.96 36.05
C LYS F 128 -13.06 -5.31 34.79
N LEU F 129 -12.22 -6.03 34.05
CA LEU F 129 -11.56 -5.45 32.88
C LEU F 129 -12.56 -5.10 31.80
N GLU F 130 -13.47 -6.03 31.47
CA GLU F 130 -14.34 -5.80 30.33
C GLU F 130 -15.35 -4.70 30.63
N ILE F 131 -15.75 -4.55 31.89
CA ILE F 131 -16.59 -3.41 32.28
C ILE F 131 -15.91 -2.10 31.91
N LYS F 132 -14.61 -1.99 32.21
CA LYS F 132 -13.88 -0.80 31.77
C LYS F 132 -13.88 -0.71 30.26
N LEU F 133 -13.66 -1.84 29.59
CA LEU F 133 -13.71 -1.85 28.13
C LEU F 133 -15.12 -1.66 27.59
N ASN F 134 -16.15 -1.98 28.38
CA ASN F 134 -17.53 -1.76 27.92
C ASN F 134 -17.77 -0.29 27.63
N SER F 135 -17.26 0.59 28.48
CA SER F 135 -17.47 2.02 28.28
C SER F 135 -16.92 2.47 26.93
N LEU F 136 -15.73 1.97 26.57
CA LEU F 136 -15.17 2.30 25.27
C LEU F 136 -16.06 1.79 24.15
N LEU F 137 -16.60 0.58 24.29
CA LEU F 137 -17.59 0.10 23.34
C LEU F 137 -18.82 1.00 23.35
N ASN F 138 -19.26 1.40 24.54
CA ASN F 138 -20.31 2.41 24.62
C ASN F 138 -19.82 3.72 24.04
N ASP F 139 -18.58 4.11 24.36
CA ASP F 139 -17.99 5.26 23.69
C ASP F 139 -17.85 5.03 22.20
N GLN F 140 -17.59 3.79 21.80
CA GLN F 140 -17.64 3.47 20.38
C GLN F 140 -19.06 3.63 19.85
N MET F 141 -20.06 3.23 20.65
CA MET F 141 -21.44 3.57 20.28
C MET F 141 -21.69 5.06 20.34
N VAL F 142 -20.96 5.80 21.19
CA VAL F 142 -21.05 7.25 21.16
C VAL F 142 -20.49 7.79 19.85
N SER F 143 -19.45 7.15 19.32
CA SER F 143 -18.96 7.51 17.99
C SER F 143 -19.99 7.22 16.91
N LEU F 144 -20.98 6.37 17.19
CA LEU F 144 -22.10 6.12 16.30
C LEU F 144 -23.40 6.71 16.84
N GLU F 145 -23.30 7.85 17.54
CA GLU F 145 -24.49 8.43 18.17
C GLU F 145 -25.52 8.86 17.13
N ASP F 146 -25.08 9.50 16.04
CA ASP F 146 -26.02 9.92 15.01
C ASP F 146 -26.66 8.71 14.35
N TRP F 147 -25.85 7.71 14.00
CA TRP F 147 -26.39 6.49 13.43
C TRP F 147 -27.23 5.73 14.44
N ALA F 148 -26.98 5.93 15.73
CA ALA F 148 -27.89 5.40 16.75
C ALA F 148 -29.25 6.06 16.65
N THR F 149 -29.28 7.38 16.40
CA THR F 149 -30.54 8.02 16.05
C THR F 149 -31.06 7.50 14.72
N LEU F 150 -30.15 7.13 13.82
CA LEU F 150 -30.53 6.50 12.56
C LEU F 150 -30.92 5.04 12.73
N GLU F 151 -30.75 4.47 13.93
CA GLU F 151 -31.17 3.09 14.13
C GLU F 151 -32.69 2.95 14.03
N ARG F 152 -33.43 3.94 14.52
CA ARG F 152 -34.88 3.91 14.34
C ARG F 152 -35.23 3.95 12.85
N ASP F 153 -34.42 4.63 12.04
CA ASP F 153 -34.55 4.62 10.59
C ASP F 153 -33.55 3.67 9.95
N HIS F 154 -33.29 2.53 10.61
CA HIS F 154 -32.27 1.60 10.14
C HIS F 154 -32.55 1.08 8.73
N VAL F 155 -33.81 1.08 8.30
CA VAL F 155 -34.14 0.64 6.96
C VAL F 155 -33.59 1.60 5.92
N SER F 156 -33.72 2.91 6.17
CA SER F 156 -33.33 3.91 5.18
C SER F 156 -31.86 4.30 5.27
N SER F 157 -31.34 4.51 6.49
CA SER F 157 -29.94 4.92 6.64
C SER F 157 -28.96 3.84 6.23
N LEU F 158 -29.39 2.57 6.21
CA LEU F 158 -28.50 1.49 5.83
C LEU F 158 -28.08 1.60 4.36
N VAL F 159 -29.00 2.02 3.49
CA VAL F 159 -28.71 2.10 2.06
C VAL F 159 -27.74 3.23 1.76
N GLY F 160 -27.89 4.37 2.46
CA GLY F 160 -27.14 5.57 2.08
C GLY F 160 -25.64 5.40 2.19
N ALA F 161 -25.17 4.87 3.32
CA ALA F 161 -23.73 4.71 3.49
C ALA F 161 -23.18 3.62 2.59
N ILE F 162 -23.98 2.58 2.32
CA ILE F 162 -23.60 1.58 1.33
C ILE F 162 -23.43 2.24 -0.04
N SER F 163 -24.40 3.09 -0.41
CA SER F 163 -24.29 3.80 -1.67
C SER F 163 -23.06 4.69 -1.70
N ASP F 164 -22.69 5.27 -0.56
CA ASP F 164 -21.42 5.96 -0.46
C ASP F 164 -20.24 5.04 -0.73
N LEU F 165 -20.39 3.76 -0.38
CA LEU F 165 -19.33 2.78 -0.59
C LEU F 165 -19.37 2.16 -1.97
N GLU F 166 -20.53 1.62 -2.36
CA GLU F 166 -20.62 0.81 -3.58
C GLU F 166 -20.18 1.60 -4.81
N ALA F 167 -20.45 2.91 -4.84
CA ALA F 167 -19.97 3.72 -5.94
C ALA F 167 -18.46 3.93 -5.89
N ASN F 168 -17.81 3.55 -4.79
CA ASN F 168 -16.36 3.63 -4.68
C ASN F 168 -15.69 2.31 -4.33
N THR F 169 -16.40 1.37 -3.74
CA THR F 169 -15.82 0.09 -3.35
C THR F 169 -15.80 -0.93 -4.48
N LEU F 170 -16.25 -0.56 -5.67
CA LEU F 170 -16.02 -1.36 -6.87
C LEU F 170 -14.97 -0.78 -7.78
N ARG F 171 -14.69 0.53 -7.69
CA ARG F 171 -13.59 1.10 -8.45
C ARG F 171 -12.24 0.77 -7.80
N LEU F 172 -12.20 0.73 -6.47
CA LEU F 172 -10.95 0.36 -5.79
C LEU F 172 -10.45 -1.02 -6.19
N PRO F 173 -11.27 -2.08 -6.20
CA PRO F 173 -10.81 -3.33 -6.81
C PRO F 173 -10.53 -3.19 -8.29
N ALA F 174 -11.29 -2.35 -8.99
CA ALA F 174 -11.06 -2.14 -10.42
C ALA F 174 -9.73 -1.43 -10.66
N THR F 175 -9.49 -0.34 -9.91
CA THR F 175 -8.26 0.42 -10.11
C THR F 175 -7.03 -0.41 -9.75
N GLY F 176 -7.06 -1.07 -8.60
CA GLY F 176 -5.91 -1.86 -8.18
C GLY F 176 -5.65 -3.06 -9.08
N GLY F 177 -6.71 -3.80 -9.42
CA GLY F 177 -6.55 -5.02 -10.18
C GLY F 177 -6.06 -4.78 -11.60
N THR F 178 -6.65 -3.79 -12.29
CA THR F 178 -6.33 -3.60 -13.70
C THR F 178 -4.88 -3.19 -13.91
N LYS F 179 -4.37 -2.27 -13.08
CA LYS F 179 -2.99 -1.81 -13.29
C LYS F 179 -2.00 -2.92 -13.01
N ALA F 180 -2.31 -3.83 -12.08
CA ALA F 180 -1.47 -4.99 -11.84
C ALA F 180 -1.64 -6.05 -12.91
N ASP F 181 -2.84 -6.13 -13.50
CA ASP F 181 -3.14 -7.12 -14.52
C ASP F 181 -3.22 -6.51 -15.93
N THR F 182 -2.60 -5.35 -16.13
CA THR F 182 -2.60 -4.72 -17.45
C THR F 182 -1.99 -5.62 -18.50
N GLU F 183 -1.05 -6.48 -18.10
CA GLU F 183 -0.40 -7.38 -19.06
C GLU F 183 -1.38 -8.38 -19.66
N SER F 184 -2.38 -8.80 -18.90
CA SER F 184 -3.32 -9.83 -19.35
C SER F 184 -4.77 -9.38 -19.34
N LEU F 185 -5.21 -8.65 -18.32
CA LEU F 185 -6.61 -8.26 -18.24
C LEU F 185 -7.00 -7.22 -19.27
N LYS F 186 -6.02 -6.51 -19.83
CA LYS F 186 -6.34 -5.45 -20.80
C LYS F 186 -7.02 -6.02 -22.04
N ALA F 187 -6.56 -7.17 -22.52
CA ALA F 187 -7.16 -7.76 -23.71
C ALA F 187 -8.62 -8.12 -23.49
N ALA F 188 -8.94 -8.69 -22.33
CA ALA F 188 -10.32 -9.03 -22.02
C ALA F 188 -11.19 -7.78 -21.94
N MET F 189 -10.67 -6.72 -21.31
CA MET F 189 -11.42 -5.47 -21.21
C MET F 189 -11.54 -4.80 -22.57
N SER F 190 -10.50 -4.91 -23.40
CA SER F 190 -10.51 -4.26 -24.71
C SER F 190 -11.50 -4.91 -25.67
N SER F 191 -11.90 -6.16 -25.42
CA SER F 191 -12.78 -6.85 -26.36
C SER F 191 -14.11 -6.13 -26.52
N ALA F 192 -14.70 -5.67 -25.41
CA ALA F 192 -15.97 -4.98 -25.50
C ALA F 192 -15.81 -3.61 -26.14
N LEU F 193 -14.72 -2.91 -25.84
CA LEU F 193 -14.52 -1.57 -26.38
C LEU F 193 -14.06 -1.57 -27.83
N ASP F 194 -13.34 -2.60 -28.26
CA ASP F 194 -12.75 -2.58 -29.60
C ASP F 194 -13.81 -2.67 -30.69
N VAL F 195 -14.99 -3.19 -30.38
CA VAL F 195 -16.00 -3.37 -31.41
C VAL F 195 -16.55 -2.02 -31.89
N MET F 196 -16.70 -1.06 -30.97
CA MET F 196 -17.26 0.23 -31.35
C MET F 196 -16.25 1.15 -32.04
N GLN F 197 -14.96 0.81 -32.03
CA GLN F 197 -13.99 1.54 -32.83
C GLN F 197 -13.96 1.05 -34.27
N ALA F 198 -14.75 0.04 -34.62
CA ALA F 198 -14.87 -0.41 -36.01
C ALA F 198 -15.69 0.55 -36.86
N MET F 199 -16.08 1.71 -36.32
CA MET F 199 -16.85 2.69 -37.06
C MET F 199 -16.03 3.40 -38.13
N GLY F 200 -14.72 3.20 -38.17
CA GLY F 200 -13.89 3.84 -39.18
C GLY F 200 -14.23 3.44 -40.60
N SER F 201 -14.91 2.30 -40.77
CA SER F 201 -15.32 1.89 -42.11
C SER F 201 -16.45 2.77 -42.63
N SER F 202 -17.33 3.23 -41.75
CA SER F 202 -18.49 4.01 -42.17
C SER F 202 -18.13 5.44 -42.53
N ILE F 203 -17.11 6.02 -41.89
CA ILE F 203 -16.84 7.44 -42.05
C ILE F 203 -16.44 7.76 -43.49
N TRP F 204 -15.72 6.85 -44.15
CA TRP F 204 -15.44 7.03 -45.57
C TRP F 204 -16.55 6.50 -46.46
N SER F 205 -17.22 5.44 -46.04
CA SER F 205 -18.28 4.83 -46.82
C SER F 205 -19.63 5.47 -46.49
#